data_3IYW
#
_entry.id   3IYW
#
_cell.length_a   1.000
_cell.length_b   1.000
_cell.length_c   1.000
_cell.angle_alpha   90.00
_cell.angle_beta   90.00
_cell.angle_gamma   90.00
#
_symmetry.space_group_name_H-M   'P 1'
#
loop_
_entity.id
_entity.type
_entity.pdbx_description
1 polymer 'Envelope glycoprotein'
2 polymer 'CR4354 Fab fragment X1, heavy chain H'
3 polymer 'CR4354 Fab fragment X1, light chain L'
4 branched 2-acetamido-2-deoxy-alpha-D-glucopyranose-(1-4)-[beta-L-fucopyranose-(1-6)]2-acetamido-2-deoxy-alpha-D-glucopyranose
#
loop_
_entity_poly.entity_id
_entity_poly.type
_entity_poly.pdbx_seq_one_letter_code
_entity_poly.pdbx_strand_id
1 'polypeptide(L)'
;FNCLGMSNRDFLEGVSGATWVDLVLEGDSCVTIMSKDKPTIDVKMMNMEAANLAEVRSYCYLATVSDLSTKAACPTMGEA
HNDKRADPAFVCRQGVVDRGWGNGCGLFGKGSIDTCAKFACSTKAIGRTILKENIKYEVAIFVHGPTTVESHGNYSTQVG
ATQAGRFSITPAAPSYTLKLGEYGEVTVDCEPRSGIDTNAYYVMTVGTKTFLVHREWFMDLNLPWSSAGSTVWRNRETLM
EFEEPHATKQSVIALGSQEGALHQALAGAIPVEFSSNTVKLTSGHLKCRVKMEKLQLKGTTYGVCSKAFKFLGTPADTGH
GTVVLELQYTGTDGPCKVPISSVASLNDLTPVGRLVTVNPFVSVATANAKVLIELEPPFGDSYIVVGRGEQQINHHWHKS
;
A,B,C
2 'polypeptide(L)'
;(PCA)VQLVQSGAEVRKPGASTKVSCKASGYTFTHYYMHWVRQAPGQGLEWMGIINPSGGSTTYAQKLQGRVTMTRDTST
STVYMELSSLRSEDTAVYYCARDWGSNYVWGSYPKYWGQGTLVTVSSASTKGPSVFPLAPSSKSTSGGTAALGCLVKDYF
PEPVTVSWNSGALTSGVHTFPAVLQSSGLYSLSSVVTVPSSSLGTQTYICNVNHKPSNTKVDKRVEPKSCDKTH
;
H,K
3 'polypeptide(L)'
;QSVLTQPSSVSGTPGQRVTISCSGSSSNIGSNTVNWYQQLPGTAPKLLIYGNNQRPSGVPDRFSGSKSGTSASLAISGLQ
SEDEADYYCAAWDDSLNGPVFGGGTKLTVLGAAAGQPKAAPSVTLFPPSSEELQANKATLVCLISDFYPGAVTVAWKADS
SPVKAGVETTTPSKQSNNKYAASSYLSLTPEQWKSHRSYSCQVTHEGSTVEKTVAPTECS
;
L,M
#
# COMPACT_ATOMS: atom_id res chain seq x y z
N PHE A 1 36.43 -46.46 -5.21
CA PHE A 1 37.69 -45.70 -5.51
C PHE A 1 38.52 -46.45 -6.54
N ASN A 2 38.08 -47.66 -6.87
CA ASN A 2 38.75 -48.49 -7.86
C ASN A 2 37.62 -48.96 -8.76
N CYS A 3 37.95 -49.62 -9.86
CA CYS A 3 36.93 -50.04 -10.81
C CYS A 3 36.19 -51.35 -10.61
N LEU A 4 36.88 -52.38 -10.13
CA LEU A 4 36.24 -53.70 -9.98
C LEU A 4 34.85 -53.72 -9.37
N GLY A 5 33.90 -54.34 -10.08
CA GLY A 5 32.55 -54.45 -9.58
C GLY A 5 31.57 -53.39 -10.05
N MET A 6 32.10 -52.30 -10.58
CA MET A 6 31.25 -51.22 -11.07
C MET A 6 30.68 -51.54 -12.45
N SER A 7 29.48 -51.06 -12.75
CA SER A 7 28.91 -51.33 -14.07
C SER A 7 29.35 -50.29 -15.09
N ASN A 8 29.78 -49.11 -14.62
CA ASN A 8 30.22 -48.06 -15.52
C ASN A 8 31.73 -48.05 -15.62
N ARG A 9 32.27 -49.14 -16.13
CA ARG A 9 33.72 -49.27 -16.25
C ARG A 9 34.15 -49.29 -17.72
N ASP A 10 35.32 -48.73 -18.01
CA ASP A 10 35.89 -48.67 -19.35
C ASP A 10 37.37 -49.02 -19.25
N PHE A 11 37.84 -49.93 -20.11
CA PHE A 11 39.23 -50.32 -20.10
C PHE A 11 39.97 -49.55 -21.17
N LEU A 12 41.18 -49.10 -20.86
CA LEU A 12 41.95 -48.35 -21.82
C LEU A 12 43.41 -48.71 -21.91
N GLU A 13 43.90 -48.58 -23.14
CA GLU A 13 45.28 -48.80 -23.49
C GLU A 13 45.50 -47.50 -24.25
N GLY A 14 46.05 -46.51 -23.54
CA GLY A 14 46.28 -45.21 -24.14
C GLY A 14 46.58 -45.21 -25.62
N VAL A 15 47.85 -45.40 -25.94
CA VAL A 15 48.31 -45.40 -27.31
C VAL A 15 49.43 -46.43 -27.40
N SER A 16 50.12 -46.44 -28.52
CA SER A 16 51.24 -47.36 -28.71
C SER A 16 52.48 -46.62 -28.25
N GLY A 17 53.21 -47.18 -27.29
CA GLY A 17 54.40 -46.53 -26.80
C GLY A 17 54.08 -45.21 -26.11
N ALA A 18 52.86 -45.09 -25.60
CA ALA A 18 52.44 -43.87 -24.92
C ALA A 18 52.67 -43.95 -23.42
N THR A 19 53.22 -42.88 -22.87
CA THR A 19 53.49 -42.80 -21.43
C THR A 19 52.37 -41.99 -20.80
N TRP A 20 51.42 -41.59 -21.64
CA TRP A 20 50.29 -40.80 -21.19
C TRP A 20 49.06 -41.23 -21.98
N VAL A 21 47.89 -40.84 -21.51
CA VAL A 21 46.62 -41.17 -22.15
C VAL A 21 45.64 -40.05 -21.91
N ASP A 22 44.76 -39.80 -22.87
CA ASP A 22 43.76 -38.76 -22.70
C ASP A 22 42.53 -39.53 -22.31
N LEU A 23 41.76 -38.98 -21.39
CA LEU A 23 40.60 -39.68 -20.88
C LEU A 23 39.40 -38.79 -20.54
N VAL A 24 38.27 -39.42 -20.24
CA VAL A 24 37.05 -38.74 -19.87
C VAL A 24 36.42 -39.45 -18.68
N LEU A 25 36.19 -38.72 -17.60
CA LEU A 25 35.58 -39.27 -16.39
C LEU A 25 34.23 -38.61 -16.15
N GLU A 26 33.30 -39.35 -15.55
CA GLU A 26 31.97 -38.81 -15.27
C GLU A 26 31.31 -39.46 -14.05
N GLY A 27 30.51 -38.67 -13.34
CA GLY A 27 29.81 -39.13 -12.16
C GLY A 27 30.13 -40.49 -11.56
N ASP A 28 29.22 -41.43 -11.73
CA ASP A 28 29.36 -42.78 -11.19
C ASP A 28 30.22 -43.72 -12.03
N SER A 29 31.09 -43.21 -12.88
CA SER A 29 31.90 -44.09 -13.70
C SER A 29 33.36 -44.25 -13.26
N CYS A 30 34.02 -45.29 -13.79
CA CYS A 30 35.41 -45.59 -13.48
C CYS A 30 36.11 -45.97 -14.77
N VAL A 31 37.44 -45.96 -14.73
CA VAL A 31 38.26 -46.33 -15.88
C VAL A 31 39.54 -47.07 -15.48
N THR A 32 39.79 -48.19 -16.13
CA THR A 32 40.98 -48.99 -15.88
C THR A 32 41.88 -48.71 -17.09
N ILE A 33 43.14 -48.41 -16.80
CA ILE A 33 44.12 -48.09 -17.82
C ILE A 33 45.31 -49.03 -17.79
N MET A 34 45.66 -49.55 -18.96
CA MET A 34 46.77 -50.48 -19.10
C MET A 34 47.86 -49.87 -19.96
N SER A 35 49.09 -50.23 -19.66
CA SER A 35 50.24 -49.70 -20.37
C SER A 35 51.42 -50.66 -20.27
N LYS A 36 51.94 -51.06 -21.42
CA LYS A 36 53.06 -51.98 -21.46
C LYS A 36 54.08 -51.75 -20.35
N ASP A 37 54.53 -52.85 -19.76
CA ASP A 37 55.53 -52.80 -18.70
C ASP A 37 55.25 -51.85 -17.54
N LYS A 38 53.99 -51.55 -17.30
CA LYS A 38 53.66 -50.67 -16.19
C LYS A 38 52.40 -51.13 -15.49
N PRO A 39 52.30 -50.83 -14.19
CA PRO A 39 51.13 -51.22 -13.42
C PRO A 39 49.83 -50.76 -14.08
N THR A 40 48.73 -51.40 -13.72
CA THR A 40 47.43 -51.00 -14.25
C THR A 40 46.92 -50.08 -13.18
N ILE A 41 46.05 -49.14 -13.55
CA ILE A 41 45.51 -48.19 -12.58
C ILE A 41 44.07 -47.90 -12.90
N ASP A 42 43.36 -47.31 -11.96
CA ASP A 42 41.97 -46.99 -12.19
C ASP A 42 41.75 -45.54 -11.81
N VAL A 43 41.33 -44.73 -12.78
CA VAL A 43 41.06 -43.34 -12.50
C VAL A 43 39.57 -43.32 -12.33
N LYS A 44 39.07 -42.57 -11.36
CA LYS A 44 37.65 -42.55 -11.07
C LYS A 44 37.24 -41.25 -10.43
N MET A 45 36.14 -40.67 -10.90
CA MET A 45 35.68 -39.42 -10.32
C MET A 45 34.73 -39.81 -9.24
N MET A 46 35.05 -39.34 -8.05
CA MET A 46 34.29 -39.61 -6.86
C MET A 46 33.14 -38.63 -6.60
N ASN A 47 33.47 -37.36 -6.45
CA ASN A 47 32.45 -36.37 -6.14
C ASN A 47 32.56 -35.06 -6.91
N MET A 48 31.41 -34.40 -7.12
CA MET A 48 31.30 -33.10 -7.81
C MET A 48 30.58 -32.16 -6.82
N GLU A 49 31.24 -31.11 -6.36
CA GLU A 49 30.60 -30.20 -5.41
C GLU A 49 30.93 -28.73 -5.60
N ALA A 50 30.02 -27.88 -5.14
CA ALA A 50 30.17 -26.44 -5.20
C ALA A 50 30.49 -26.04 -3.76
N ALA A 51 31.76 -25.77 -3.50
CA ALA A 51 32.20 -25.42 -2.15
C ALA A 51 32.44 -23.93 -1.98
N ASN A 52 25.86 -23.38 -2.82
CA ASN A 52 25.36 -22.02 -2.55
C ASN A 52 24.26 -21.63 -3.55
N LEU A 53 23.23 -22.46 -3.65
CA LEU A 53 22.13 -22.18 -4.58
C LEU A 53 21.11 -21.20 -4.05
N ALA A 54 20.20 -20.80 -4.95
CA ALA A 54 19.15 -19.86 -4.61
C ALA A 54 17.84 -20.20 -5.32
N GLU A 55 16.75 -20.07 -4.59
CA GLU A 55 15.41 -20.36 -5.08
C GLU A 55 15.00 -19.33 -6.14
N VAL A 56 14.04 -19.71 -6.99
CA VAL A 56 13.56 -18.83 -8.05
C VAL A 56 12.04 -18.76 -8.11
N ARG A 57 11.39 -19.91 -8.02
CA ARG A 57 9.93 -19.99 -8.07
C ARG A 57 9.42 -21.05 -7.10
N SER A 58 8.11 -21.23 -7.01
CA SER A 58 7.55 -22.24 -6.12
C SER A 58 6.10 -22.57 -6.42
N TYR A 59 5.86 -23.59 -7.23
CA TYR A 59 4.50 -23.98 -7.55
C TYR A 59 3.97 -24.86 -6.43
N CYS A 60 2.68 -24.71 -6.13
CA CYS A 60 2.06 -25.47 -5.05
C CYS A 60 1.00 -26.44 -5.50
N TYR A 61 0.72 -27.39 -4.61
CA TYR A 61 -0.34 -28.36 -4.77
C TYR A 61 -1.00 -27.98 -3.46
N LEU A 62 -2.32 -27.82 -3.45
CA LEU A 62 -2.88 -27.29 -2.21
C LEU A 62 -4.03 -27.84 -1.37
N ALA A 63 -4.14 -27.21 -0.19
CA ALA A 63 -5.12 -27.50 0.85
C ALA A 63 -6.18 -26.41 1.05
N THR A 64 -5.95 -25.54 2.04
CA THR A 64 -6.89 -24.46 2.40
C THR A 64 -7.83 -23.91 1.33
N VAL A 65 -9.02 -24.50 1.31
CA VAL A 65 -10.12 -24.19 0.42
C VAL A 65 -11.27 -24.57 1.35
N SER A 66 -11.20 -24.02 2.56
CA SER A 66 -12.16 -24.29 3.62
C SER A 66 -13.13 -23.16 3.94
N ASP A 67 -12.62 -21.97 4.23
CA ASP A 67 -13.48 -20.84 4.57
C ASP A 67 -14.23 -20.33 3.34
N LEU A 68 -15.45 -19.85 3.54
CA LEU A 68 -16.26 -19.35 2.43
C LEU A 68 -16.83 -17.98 2.71
N SER A 69 -17.40 -17.37 1.66
CA SER A 69 -18.01 -16.03 1.74
C SER A 69 -18.89 -15.82 0.52
N THR A 70 -19.99 -15.10 0.68
CA THR A 70 -20.91 -14.83 -0.42
C THR A 70 -21.64 -13.49 -0.26
N LYS A 71 -20.95 -12.40 -0.60
CA LYS A 71 -21.55 -11.06 -0.51
C LYS A 71 -22.66 -10.93 -1.54
N ALA A 72 -23.90 -10.87 -1.07
CA ALA A 72 -25.04 -10.77 -1.97
C ALA A 72 -25.49 -9.36 -2.29
N ALA A 73 -25.95 -9.18 -3.53
CA ALA A 73 -26.46 -7.90 -4.01
C ALA A 73 -27.71 -8.17 -4.84
N CYS A 74 -28.78 -7.47 -4.50
CA CYS A 74 -30.06 -7.60 -5.18
C CYS A 74 -30.00 -6.98 -6.56
N PRO A 75 -30.91 -7.38 -7.47
CA PRO A 75 -30.94 -6.83 -8.83
C PRO A 75 -31.04 -5.32 -8.80
N THR A 76 -30.36 -4.68 -9.75
CA THR A 76 -30.33 -3.23 -9.88
C THR A 76 -29.68 -2.49 -8.71
N MET A 77 -29.23 -3.26 -7.72
CA MET A 77 -28.55 -2.73 -6.53
C MET A 77 -27.05 -2.64 -6.81
N GLY A 78 -26.65 -2.97 -8.04
CA GLY A 78 -25.26 -2.91 -8.43
C GLY A 78 -24.47 -4.17 -8.18
N GLU A 79 -23.16 -3.99 -7.97
CA GLU A 79 -22.24 -5.08 -7.72
C GLU A 79 -22.17 -5.42 -6.23
N ALA A 80 -21.45 -6.49 -5.90
CA ALA A 80 -21.30 -6.90 -4.52
C ALA A 80 -19.83 -6.83 -4.14
N HIS A 81 -19.54 -6.21 -3.00
CA HIS A 81 -18.17 -6.10 -2.53
C HIS A 81 -17.98 -6.88 -1.24
N ASN A 82 -17.20 -7.94 -1.29
CA ASN A 82 -16.97 -8.75 -0.10
C ASN A 82 -15.82 -8.15 0.71
N ASP A 83 -16.04 -7.99 2.00
CA ASP A 83 -15.01 -7.43 2.86
C ASP A 83 -13.72 -8.25 2.75
N LYS A 84 -13.87 -9.53 2.43
CA LYS A 84 -12.72 -10.41 2.28
C LYS A 84 -11.97 -10.07 1.00
N ARG A 85 -11.99 -8.80 0.63
CA ARG A 85 -11.32 -8.34 -0.57
C ARG A 85 -10.22 -7.34 -0.22
N ALA A 86 -10.13 -7.01 1.07
CA ALA A 86 -9.13 -6.06 1.57
C ALA A 86 -7.75 -6.70 1.70
N ASP A 87 -7.72 -7.97 2.12
CA ASP A 87 -6.47 -8.70 2.27
C ASP A 87 -6.52 -10.03 1.55
N PRO A 88 -5.37 -10.47 0.98
CA PRO A 88 -5.30 -11.74 0.25
C PRO A 88 -5.72 -12.91 1.13
N ALA A 89 -6.40 -12.60 2.24
CA ALA A 89 -6.90 -13.61 3.16
C ALA A 89 -7.69 -14.62 2.35
N PHE A 90 -8.36 -14.14 1.31
CA PHE A 90 -9.17 -14.99 0.45
C PHE A 90 -9.09 -14.56 -1.01
N VAL A 91 -9.55 -15.42 -1.90
CA VAL A 91 -9.58 -15.13 -3.34
C VAL A 91 -11.05 -14.93 -3.69
N CYS A 92 -11.39 -13.75 -4.21
CA CYS A 92 -12.77 -13.47 -4.56
C CYS A 92 -13.03 -13.44 -6.06
N ARG A 93 -14.26 -13.76 -6.43
CA ARG A 93 -14.69 -13.76 -7.82
C ARG A 93 -16.19 -13.49 -7.89
N GLN A 94 -16.56 -12.53 -8.74
CA GLN A 94 -17.97 -12.16 -8.89
C GLN A 94 -18.76 -13.00 -9.90
N GLY A 95 -20.08 -12.98 -9.71
CA GLY A 95 -20.99 -13.72 -10.57
C GLY A 95 -22.37 -13.12 -10.38
N VAL A 96 -23.37 -13.67 -11.06
CA VAL A 96 -24.73 -13.16 -10.94
C VAL A 96 -25.74 -14.31 -10.78
N VAL A 97 -26.78 -14.08 -9.99
CA VAL A 97 -27.78 -15.13 -9.79
C VAL A 97 -29.19 -14.70 -10.08
N ASP A 98 -29.90 -15.53 -10.83
CA ASP A 98 -31.27 -15.25 -11.18
C ASP A 98 -32.09 -15.33 -9.89
N ARG A 99 -32.77 -14.24 -9.55
CA ARG A 99 -33.58 -14.25 -8.34
C ARG A 99 -34.64 -13.15 -8.26
N GLY A 100 -35.23 -13.03 -7.08
CA GLY A 100 -36.26 -12.03 -6.85
C GLY A 100 -37.07 -12.28 -5.59
N TRP A 101 -38.39 -12.25 -5.73
CA TRP A 101 -39.29 -12.48 -4.59
C TRP A 101 -38.95 -13.83 -3.99
N GLY A 102 -39.02 -14.86 -4.84
CA GLY A 102 -38.73 -16.20 -4.40
C GLY A 102 -37.68 -16.27 -3.30
N ASN A 103 -36.62 -15.47 -3.42
CA ASN A 103 -35.59 -15.50 -2.41
C ASN A 103 -35.23 -14.15 -1.79
N GLY A 104 -36.23 -13.52 -1.18
CA GLY A 104 -36.01 -12.25 -0.51
C GLY A 104 -35.74 -11.00 -1.30
N CYS A 105 -35.59 -11.07 -2.62
CA CYS A 105 -35.37 -9.80 -3.30
C CYS A 105 -36.65 -9.19 -3.90
N GLY A 106 -36.69 -7.86 -3.91
CA GLY A 106 -37.83 -7.12 -4.41
C GLY A 106 -38.17 -7.16 -5.89
N LEU A 107 -37.17 -7.13 -6.78
CA LEU A 107 -37.44 -7.18 -8.22
C LEU A 107 -36.90 -8.50 -8.72
N PHE A 108 -37.20 -8.83 -9.98
CA PHE A 108 -36.76 -10.10 -10.60
C PHE A 108 -35.69 -9.93 -11.66
N GLY A 109 -34.62 -10.70 -11.54
CA GLY A 109 -33.54 -10.61 -12.51
C GLY A 109 -32.21 -10.93 -11.88
N LYS A 110 -31.15 -10.65 -12.63
CA LYS A 110 -29.78 -10.92 -12.19
C LYS A 110 -29.24 -10.03 -11.08
N GLY A 111 -28.82 -10.68 -10.00
CA GLY A 111 -28.26 -9.97 -8.86
C GLY A 111 -26.76 -10.24 -8.75
N SER A 112 -26.01 -9.25 -8.28
CA SER A 112 -24.58 -9.40 -8.12
C SER A 112 -24.21 -10.44 -7.06
N ILE A 113 -22.98 -10.93 -7.15
CA ILE A 113 -22.45 -11.94 -6.24
C ILE A 113 -20.91 -11.90 -6.25
N ASP A 114 -20.30 -11.78 -5.07
CA ASP A 114 -18.85 -11.74 -4.96
C ASP A 114 -18.38 -12.54 -3.76
N THR A 115 -18.13 -13.83 -3.97
CA THR A 115 -17.68 -14.73 -2.91
C THR A 115 -16.16 -14.82 -2.76
N CYS A 116 -15.69 -15.44 -1.69
CA CYS A 116 -14.26 -15.57 -1.49
C CYS A 116 -13.86 -16.83 -0.73
N ALA A 117 -12.72 -17.40 -1.09
CA ALA A 117 -12.17 -18.61 -0.46
C ALA A 117 -10.76 -18.27 0.02
N LYS A 118 -10.25 -19.01 1.01
CA LYS A 118 -8.91 -18.72 1.54
C LYS A 118 -7.76 -19.40 0.82
N PHE A 119 -6.56 -18.84 0.98
CA PHE A 119 -5.39 -19.43 0.32
C PHE A 119 -4.04 -19.38 1.03
N ALA A 120 -3.51 -20.57 1.26
CA ALA A 120 -2.21 -20.81 1.90
C ALA A 120 -1.69 -22.06 1.17
N CYS A 121 -0.39 -22.34 1.27
CA CYS A 121 0.16 -23.48 0.56
C CYS A 121 0.57 -24.68 1.41
N SER A 122 0.55 -25.86 0.78
CA SER A 122 0.89 -27.14 1.41
C SER A 122 2.21 -27.67 0.89
N THR A 123 2.16 -28.41 -0.21
CA THR A 123 3.35 -29.00 -0.82
C THR A 123 3.89 -28.12 -1.95
N LYS A 124 4.94 -27.36 -1.66
CA LYS A 124 5.57 -26.44 -2.62
C LYS A 124 6.59 -27.12 -3.52
N ALA A 125 6.24 -27.33 -4.79
CA ALA A 125 7.16 -27.95 -5.74
C ALA A 125 8.25 -26.93 -6.07
N ILE A 126 9.06 -26.62 -5.06
CA ILE A 126 10.15 -25.65 -5.16
C ILE A 126 11.18 -25.89 -6.27
N GLY A 127 11.82 -24.82 -6.72
CA GLY A 127 12.82 -24.91 -7.77
C GLY A 127 13.85 -23.80 -7.62
N ARG A 128 15.08 -24.02 -8.05
CA ARG A 128 16.13 -23.00 -7.92
C ARG A 128 17.08 -22.88 -9.12
N THR A 129 18.08 -22.02 -8.98
CA THR A 129 19.07 -21.76 -10.03
C THR A 129 20.48 -22.24 -9.74
N ILE A 130 21.30 -22.30 -10.78
CA ILE A 130 22.68 -22.75 -10.65
C ILE A 130 23.64 -21.81 -11.35
N LEU A 131 24.09 -20.78 -10.64
CA LEU A 131 25.04 -19.82 -11.17
C LEU A 131 26.29 -20.60 -11.61
N LYS A 132 26.89 -20.21 -12.73
CA LYS A 132 28.09 -20.90 -13.16
C LYS A 132 29.13 -20.69 -12.05
N GLU A 133 34.39 -20.70 -9.72
CA GLU A 133 35.58 -20.85 -8.92
C GLU A 133 35.30 -21.73 -7.70
N ASN A 134 34.03 -22.02 -7.47
CA ASN A 134 33.63 -22.83 -6.33
C ASN A 134 33.50 -24.32 -6.70
N ILE A 135 33.81 -24.63 -7.96
CA ILE A 135 33.71 -26.00 -8.44
C ILE A 135 35.01 -26.77 -8.17
N LYS A 136 34.89 -27.83 -7.38
CA LYS A 136 36.02 -28.66 -7.03
C LYS A 136 35.68 -30.09 -7.38
N TYR A 137 36.66 -30.82 -7.90
CA TYR A 137 36.46 -32.20 -8.28
C TYR A 137 37.24 -33.14 -7.35
N GLU A 138 36.73 -34.36 -7.18
CA GLU A 138 37.39 -35.32 -6.32
C GLU A 138 37.65 -36.60 -7.12
N VAL A 139 38.90 -36.77 -7.52
CA VAL A 139 39.30 -37.94 -8.29
C VAL A 139 40.07 -38.92 -7.44
N ALA A 140 39.73 -40.19 -7.57
CA ALA A 140 40.42 -41.24 -6.82
C ALA A 140 41.19 -42.18 -7.74
N ILE A 141 42.46 -42.38 -7.44
CA ILE A 141 43.30 -43.28 -8.25
C ILE A 141 43.69 -44.54 -7.50
N PHE A 142 43.50 -45.68 -8.14
CA PHE A 142 43.87 -46.97 -7.59
C PHE A 142 45.03 -47.59 -8.41
N VAL A 143 45.77 -48.50 -7.79
CA VAL A 143 46.89 -49.17 -8.44
C VAL A 143 46.69 -50.68 -8.31
N HIS A 144 46.63 -51.37 -9.44
CA HIS A 144 46.40 -52.81 -9.47
C HIS A 144 47.56 -53.63 -8.94
N GLY A 145 48.08 -53.20 -7.80
CA GLY A 145 49.14 -53.93 -7.17
C GLY A 145 48.48 -55.08 -6.43
N PRO A 146 49.27 -55.91 -5.74
CA PRO A 146 48.75 -57.05 -5.01
C PRO A 146 47.51 -56.76 -4.20
N THR A 147 46.56 -57.68 -4.25
CA THR A 147 45.30 -57.56 -3.51
C THR A 147 44.66 -58.92 -3.32
N THR A 148 43.54 -58.91 -2.60
CA THR A 148 42.77 -60.12 -2.32
C THR A 148 41.32 -59.71 -2.47
N VAL A 149 40.45 -60.68 -2.64
CA VAL A 149 39.04 -60.37 -2.75
C VAL A 149 38.75 -59.37 -1.64
N GLU A 150 39.25 -59.66 -0.46
CA GLU A 150 39.06 -58.81 0.71
C GLU A 150 39.51 -57.35 0.50
N SER A 151 40.81 -57.15 0.66
CA SER A 151 41.47 -55.85 0.55
C SER A 151 41.23 -55.07 -0.73
N HIS A 152 40.67 -55.69 -1.76
CA HIS A 152 40.51 -54.95 -3.00
C HIS A 152 39.63 -53.72 -2.91
N GLY A 153 38.60 -53.80 -2.07
CA GLY A 153 37.71 -52.65 -1.96
C GLY A 153 37.91 -51.77 -0.75
N ASN A 154 38.80 -52.17 0.15
CA ASN A 154 39.05 -51.38 1.34
C ASN A 154 39.96 -50.20 1.01
N TYR A 155 39.40 -49.00 1.05
CA TYR A 155 40.19 -47.84 0.73
C TYR A 155 41.37 -47.72 1.67
N SER A 156 41.09 -47.98 2.95
CA SER A 156 42.09 -47.90 4.00
C SER A 156 43.30 -48.75 3.66
N THR A 157 43.09 -50.06 3.72
CA THR A 157 44.14 -51.01 3.41
C THR A 157 44.96 -50.52 2.23
N GLN A 158 44.28 -50.21 1.14
CA GLN A 158 44.94 -49.76 -0.08
C GLN A 158 45.80 -48.53 0.10
N VAL A 159 45.28 -47.51 0.75
CA VAL A 159 46.08 -46.30 1.00
C VAL A 159 47.31 -46.79 1.77
N GLY A 160 47.05 -47.54 2.85
CA GLY A 160 48.13 -48.07 3.65
C GLY A 160 49.16 -48.75 2.77
N ALA A 161 48.69 -49.57 1.84
CA ALA A 161 49.59 -50.28 0.94
C ALA A 161 50.16 -49.35 -0.12
N THR A 162 49.79 -48.07 -0.06
CA THR A 162 50.22 -47.06 -1.03
C THR A 162 49.85 -47.53 -2.44
N GLN A 163 48.63 -48.04 -2.56
CA GLN A 163 48.12 -48.52 -3.81
C GLN A 163 46.80 -47.84 -4.08
N ALA A 164 46.64 -46.64 -3.55
CA ALA A 164 45.43 -45.86 -3.75
C ALA A 164 45.64 -44.42 -3.31
N GLY A 165 44.71 -43.56 -3.71
CA GLY A 165 44.81 -42.16 -3.34
C GLY A 165 43.54 -41.44 -3.74
N ARG A 166 43.27 -40.32 -3.09
CA ARG A 166 42.09 -39.54 -3.39
C ARG A 166 42.46 -38.08 -3.26
N PHE A 167 42.58 -37.39 -4.39
CA PHE A 167 42.94 -35.98 -4.38
C PHE A 167 41.83 -35.18 -5.06
N SER A 168 41.92 -33.86 -4.98
CA SER A 168 40.90 -33.01 -5.60
C SER A 168 41.47 -32.14 -6.73
N ILE A 169 40.59 -31.77 -7.65
CA ILE A 169 40.99 -30.92 -8.78
C ILE A 169 40.13 -29.68 -8.79
N THR A 170 40.78 -28.56 -9.04
CA THR A 170 40.09 -27.28 -9.04
C THR A 170 40.53 -26.45 -10.21
N PRO A 171 39.69 -25.51 -10.64
CA PRO A 171 39.98 -24.63 -11.76
C PRO A 171 41.26 -23.88 -11.42
N ALA A 172 41.49 -23.70 -10.12
CA ALA A 172 42.68 -23.00 -9.63
C ALA A 172 43.92 -23.81 -10.04
N ALA A 173 43.95 -25.07 -9.62
CA ALA A 173 45.04 -26.01 -9.93
C ALA A 173 44.39 -27.29 -10.48
N PRO A 174 44.17 -27.33 -11.81
CA PRO A 174 43.54 -28.45 -12.53
C PRO A 174 44.36 -29.74 -12.61
N SER A 175 45.57 -29.74 -12.07
CA SER A 175 46.36 -30.95 -12.13
C SER A 175 46.82 -31.43 -10.76
N TYR A 176 47.63 -32.50 -10.76
CA TYR A 176 48.17 -33.07 -9.54
C TYR A 176 49.09 -34.21 -9.86
N THR A 177 50.04 -34.46 -8.99
CA THR A 177 50.96 -35.56 -9.19
C THR A 177 50.87 -36.43 -7.95
N LEU A 178 50.04 -37.46 -8.05
CA LEU A 178 49.85 -38.38 -6.94
C LEU A 178 50.99 -39.38 -6.89
N LYS A 179 51.69 -39.40 -5.76
CA LYS A 179 52.81 -40.30 -5.58
C LYS A 179 52.33 -41.61 -4.96
N LEU A 180 52.83 -42.72 -5.48
CA LEU A 180 52.42 -44.03 -5.02
C LEU A 180 53.61 -44.88 -4.64
N GLY A 181 54.42 -44.36 -3.73
CA GLY A 181 55.60 -45.08 -3.28
C GLY A 181 56.48 -45.59 -4.39
N GLU A 182 57.00 -46.79 -4.21
CA GLU A 182 57.88 -47.44 -5.17
C GLU A 182 57.25 -47.65 -6.55
N TYR A 183 55.98 -47.30 -6.68
CA TYR A 183 55.28 -47.41 -7.96
C TYR A 183 55.46 -46.09 -8.71
N GLY A 184 56.29 -45.22 -8.17
CA GLY A 184 56.51 -43.93 -8.80
C GLY A 184 55.36 -42.99 -8.53
N GLU A 185 54.71 -42.52 -9.58
CA GLU A 185 53.61 -41.58 -9.40
C GLU A 185 52.86 -41.37 -10.71
N VAL A 186 51.64 -40.89 -10.58
CA VAL A 186 50.78 -40.61 -11.71
C VAL A 186 50.42 -39.15 -11.56
N THR A 187 50.41 -38.41 -12.67
CA THR A 187 50.11 -36.99 -12.64
C THR A 187 48.98 -36.66 -13.59
N VAL A 188 47.79 -36.39 -13.07
CA VAL A 188 46.70 -36.06 -13.97
C VAL A 188 46.66 -34.56 -14.16
N ASP A 189 46.08 -34.13 -15.28
CA ASP A 189 45.92 -32.72 -15.65
C ASP A 189 44.48 -32.52 -16.07
N CYS A 190 43.56 -33.09 -15.31
CA CYS A 190 42.16 -32.94 -15.65
C CYS A 190 41.86 -31.50 -15.97
N GLU A 191 40.99 -31.28 -16.94
CA GLU A 191 40.63 -29.95 -17.33
C GLU A 191 39.17 -29.74 -16.98
N PRO A 192 38.93 -29.07 -15.83
CA PRO A 192 37.62 -28.74 -15.26
C PRO A 192 36.54 -28.51 -16.30
N ARG A 193 36.95 -28.23 -17.53
CA ARG A 193 35.98 -28.01 -18.59
C ARG A 193 35.03 -29.19 -18.58
N SER A 194 33.77 -28.92 -18.88
CA SER A 194 32.75 -29.96 -18.88
C SER A 194 31.49 -29.47 -19.55
N GLY A 195 30.62 -30.41 -19.90
CA GLY A 195 29.36 -30.07 -20.52
C GLY A 195 28.29 -30.08 -19.45
N ILE A 196 29.54 -29.57 -20.92
CA ILE A 196 28.34 -29.93 -20.18
C ILE A 196 27.14 -29.09 -20.53
N ASP A 197 26.05 -29.31 -19.81
CA ASP A 197 24.83 -28.57 -20.04
C ASP A 197 24.81 -27.22 -19.34
N THR A 198 24.56 -26.18 -20.13
CA THR A 198 24.54 -24.82 -19.62
C THR A 198 23.55 -24.63 -18.48
N ASN A 199 23.92 -23.75 -17.56
CA ASN A 199 23.10 -23.43 -16.39
C ASN A 199 21.65 -23.16 -16.79
N ALA A 200 21.45 -22.94 -18.09
CA ALA A 200 20.13 -22.66 -18.66
C ALA A 200 19.00 -23.50 -18.09
N TYR A 201 19.30 -24.69 -17.60
CA TYR A 201 18.25 -25.54 -17.04
C TYR A 201 17.98 -25.15 -15.58
N TYR A 202 16.72 -25.22 -15.16
CA TYR A 202 16.37 -24.86 -13.78
C TYR A 202 16.56 -26.05 -12.85
N VAL A 203 16.45 -25.80 -11.55
CA VAL A 203 16.60 -26.86 -10.56
C VAL A 203 15.25 -27.22 -9.94
N MET A 204 14.60 -28.22 -10.52
CA MET A 204 13.29 -28.68 -10.08
C MET A 204 13.34 -29.56 -8.84
N THR A 205 12.59 -29.18 -7.81
CA THR A 205 12.52 -29.97 -6.58
C THR A 205 11.08 -30.41 -6.33
N VAL A 206 10.88 -31.71 -6.19
CA VAL A 206 9.53 -32.22 -5.96
C VAL A 206 9.48 -33.24 -4.83
N GLY A 207 9.07 -32.78 -3.65
CA GLY A 207 8.98 -33.65 -2.49
C GLY A 207 10.33 -34.19 -2.11
N THR A 208 10.69 -35.33 -2.71
CA THR A 208 11.97 -35.99 -2.45
C THR A 208 12.82 -36.08 -3.71
N LYS A 209 12.16 -36.43 -4.82
CA LYS A 209 12.82 -36.59 -6.10
C LYS A 209 13.15 -35.28 -6.84
N THR A 210 14.41 -34.88 -6.74
CA THR A 210 14.88 -33.66 -7.41
C THR A 210 15.07 -33.97 -8.88
N PHE A 211 14.93 -32.95 -9.72
CA PHE A 211 15.10 -33.08 -11.16
C PHE A 211 15.65 -31.79 -11.75
N LEU A 212 16.07 -31.88 -13.00
CA LEU A 212 16.62 -30.74 -13.70
C LEU A 212 15.72 -30.47 -14.89
N VAL A 213 14.94 -29.39 -14.81
CA VAL A 213 13.99 -29.02 -15.86
C VAL A 213 14.37 -27.79 -16.68
N HIS A 214 13.77 -27.66 -17.86
CA HIS A 214 14.01 -26.53 -18.76
C HIS A 214 13.39 -25.25 -18.19
N ARG A 215 14.17 -24.17 -18.14
CA ARG A 215 13.69 -22.89 -17.63
C ARG A 215 12.21 -22.65 -17.91
N GLU A 216 11.83 -22.77 -19.18
CA GLU A 216 10.47 -22.53 -19.62
C GLU A 216 9.42 -23.56 -19.23
N TRP A 217 9.62 -24.83 -19.55
CA TRP A 217 8.62 -25.83 -19.18
C TRP A 217 8.19 -25.53 -17.76
N PHE A 218 9.18 -25.17 -16.94
CA PHE A 218 8.98 -24.83 -15.54
C PHE A 218 8.25 -23.49 -15.42
N MET A 219 9.00 -22.41 -15.62
CA MET A 219 8.49 -21.05 -15.53
C MET A 219 7.14 -20.88 -16.24
N ASP A 220 7.04 -21.44 -17.43
CA ASP A 220 5.80 -21.34 -18.21
C ASP A 220 4.92 -22.56 -17.99
N LEU A 221 4.45 -22.73 -16.76
CA LEU A 221 3.58 -23.84 -16.42
C LEU A 221 2.36 -23.23 -15.76
N ASN A 222 1.32 -24.03 -15.53
CA ASN A 222 0.11 -23.51 -14.91
C ASN A 222 -0.13 -24.08 -13.53
N LEU A 223 0.25 -23.31 -12.50
CA LEU A 223 0.08 -23.70 -11.10
C LEU A 223 0.35 -22.48 -10.21
N PRO A 224 -0.26 -22.45 -9.02
CA PRO A 224 -0.02 -21.30 -8.14
C PRO A 224 1.49 -21.19 -7.96
N TRP A 225 1.98 -20.04 -7.52
CA TRP A 225 3.41 -19.88 -7.35
C TRP A 225 3.81 -18.70 -6.48
N SER A 226 5.05 -18.74 -5.99
CA SER A 226 5.56 -17.69 -5.13
C SER A 226 7.09 -17.66 -5.22
N SER A 227 7.65 -16.47 -5.38
CA SER A 227 9.10 -16.34 -5.48
C SER A 227 9.78 -16.66 -4.13
N ALA A 228 10.18 -15.62 -3.40
CA ALA A 228 10.83 -15.82 -2.11
C ALA A 228 9.98 -15.32 -0.94
N GLY A 229 8.70 -15.04 -1.20
CA GLY A 229 7.82 -14.55 -0.16
C GLY A 229 6.67 -15.47 0.21
N SER A 230 6.02 -15.17 1.34
CA SER A 230 4.89 -15.95 1.83
C SER A 230 3.65 -15.57 1.03
N THR A 231 3.83 -14.62 0.13
CA THR A 231 2.76 -14.13 -0.73
C THR A 231 2.67 -15.01 -1.98
N VAL A 232 1.45 -15.45 -2.30
CA VAL A 232 1.24 -16.30 -3.46
C VAL A 232 0.39 -15.62 -4.53
N TRP A 233 0.73 -15.81 -5.80
CA TRP A 233 -0.04 -15.22 -6.90
C TRP A 233 -0.58 -16.32 -7.81
N ARG A 234 -1.57 -15.99 -8.63
CA ARG A 234 -2.17 -16.94 -9.56
C ARG A 234 -2.80 -18.16 -8.88
N ASN A 235 -3.18 -17.99 -7.62
CA ASN A 235 -3.80 -19.05 -6.84
C ASN A 235 -5.12 -19.47 -7.46
N ARG A 236 -5.41 -18.94 -8.64
CA ARG A 236 -6.64 -19.25 -9.33
C ARG A 236 -6.87 -20.74 -9.44
N GLU A 237 -5.84 -21.52 -9.18
CA GLU A 237 -5.97 -22.97 -9.24
C GLU A 237 -6.80 -23.50 -8.10
N THR A 238 -7.48 -22.58 -7.42
CA THR A 238 -8.37 -22.88 -6.31
C THR A 238 -9.72 -23.03 -7.01
N LEU A 239 -9.63 -23.44 -8.27
CA LEU A 239 -10.77 -23.60 -9.17
C LEU A 239 -11.95 -24.51 -8.88
N MET A 240 -12.83 -24.60 -9.88
CA MET A 240 -14.06 -25.37 -9.84
C MET A 240 -14.88 -24.97 -8.63
N GLU A 241 -15.11 -23.66 -8.53
CA GLU A 241 -15.89 -23.08 -7.44
C GLU A 241 -17.25 -22.63 -7.94
N PHE A 242 -17.24 -21.98 -9.09
CA PHE A 242 -18.42 -21.42 -9.70
C PHE A 242 -19.55 -22.39 -10.06
N GLU A 243 -20.12 -23.03 -9.05
CA GLU A 243 -21.26 -23.89 -9.33
C GLU A 243 -22.34 -22.94 -9.86
N GLU A 244 -22.03 -21.63 -9.82
CA GLU A 244 -22.92 -20.55 -10.26
C GLU A 244 -24.09 -20.78 -9.33
N PRO A 245 -23.85 -20.57 -8.03
CA PRO A 245 -24.69 -20.69 -6.84
C PRO A 245 -25.80 -19.70 -6.55
N HIS A 246 -26.17 -19.74 -5.27
CA HIS A 246 -27.20 -18.91 -4.65
C HIS A 246 -26.42 -18.03 -3.67
N ALA A 247 -27.03 -16.93 -3.22
CA ALA A 247 -26.37 -16.03 -2.29
C ALA A 247 -25.97 -16.69 -0.96
N THR A 248 -26.55 -17.85 -0.69
CA THR A 248 -26.27 -18.55 0.56
C THR A 248 -24.89 -19.22 0.61
N LYS A 249 -24.59 -20.06 -0.38
CA LYS A 249 -23.32 -20.76 -0.41
C LYS A 249 -22.81 -21.11 -1.80
N GLN A 250 -21.58 -20.72 -2.08
CA GLN A 250 -20.97 -21.02 -3.37
C GLN A 250 -19.96 -22.11 -3.09
N SER A 251 -20.29 -23.33 -3.48
CA SER A 251 -19.41 -24.46 -3.29
C SER A 251 -18.01 -24.11 -3.76
N VAL A 252 -17.05 -24.23 -2.86
CA VAL A 252 -15.67 -23.94 -3.18
C VAL A 252 -14.87 -25.24 -3.10
N ILE A 253 -15.11 -26.13 -4.05
CA ILE A 253 -14.43 -27.42 -4.08
C ILE A 253 -12.92 -27.23 -4.26
N ALA A 254 -12.15 -27.86 -3.40
CA ALA A 254 -10.69 -27.79 -3.51
C ALA A 254 -10.38 -28.59 -4.76
N LEU A 255 -9.64 -28.00 -5.68
CA LEU A 255 -9.30 -28.68 -6.92
C LEU A 255 -8.48 -29.93 -6.66
N GLY A 256 -8.96 -31.06 -7.17
CA GLY A 256 -8.25 -32.31 -6.98
C GLY A 256 -6.78 -32.19 -7.33
N SER A 257 -5.92 -32.62 -6.41
CA SER A 257 -4.47 -32.58 -6.62
C SER A 257 -4.03 -33.83 -7.37
N GLN A 258 -3.67 -33.66 -8.63
CA GLN A 258 -3.23 -34.79 -9.45
C GLN A 258 -1.75 -34.73 -9.82
N GLU A 259 -0.90 -35.34 -8.98
CA GLU A 259 0.54 -35.34 -9.23
C GLU A 259 0.92 -35.84 -10.62
N GLY A 260 -0.08 -36.28 -11.38
CA GLY A 260 0.18 -36.76 -12.72
C GLY A 260 0.73 -35.63 -13.57
N ALA A 261 0.13 -34.45 -13.45
CA ALA A 261 0.56 -33.28 -14.21
C ALA A 261 2.07 -33.14 -14.16
N LEU A 262 2.64 -33.39 -13.00
CA LEU A 262 4.08 -33.31 -12.82
C LEU A 262 4.73 -34.57 -13.37
N HIS A 263 4.49 -35.67 -12.66
CA HIS A 263 5.03 -36.97 -13.02
C HIS A 263 5.08 -37.16 -14.53
N GLN A 264 3.95 -36.96 -15.20
CA GLN A 264 3.88 -37.12 -16.65
C GLN A 264 5.07 -36.52 -17.39
N ALA A 265 5.53 -35.37 -16.94
CA ALA A 265 6.68 -34.72 -17.58
C ALA A 265 7.97 -35.09 -16.86
N LEU A 266 8.07 -36.35 -16.49
CA LEU A 266 9.23 -36.88 -15.76
C LEU A 266 10.47 -37.02 -16.64
N ALA A 267 10.43 -38.02 -17.53
CA ALA A 267 11.53 -38.32 -18.44
C ALA A 267 12.19 -37.08 -19.06
N GLY A 268 11.37 -36.13 -19.48
CA GLY A 268 11.91 -34.92 -20.09
C GLY A 268 13.09 -34.37 -19.31
N ALA A 269 12.83 -34.00 -18.07
CA ALA A 269 13.86 -33.45 -17.20
C ALA A 269 14.70 -34.56 -16.56
N ILE A 270 16.01 -34.36 -16.56
CA ILE A 270 16.94 -35.33 -15.98
C ILE A 270 16.85 -35.31 -14.46
N PRO A 271 16.90 -36.50 -13.83
CA PRO A 271 16.85 -36.61 -12.37
C PRO A 271 18.22 -36.36 -11.74
N VAL A 272 18.24 -35.81 -10.54
CA VAL A 272 19.50 -35.53 -9.85
C VAL A 272 19.37 -35.55 -8.34
N GLU A 273 20.36 -36.15 -7.68
CA GLU A 273 20.34 -36.20 -6.22
C GLU A 273 20.64 -34.80 -5.70
N PHE A 274 19.84 -34.36 -4.73
CA PHE A 274 19.99 -33.03 -4.18
C PHE A 274 19.75 -33.02 -2.67
N SER A 275 20.75 -32.55 -1.93
CA SER A 275 20.66 -32.44 -0.48
C SER A 275 20.32 -30.99 -0.23
N SER A 276 19.58 -30.71 0.85
CA SER A 276 19.16 -29.35 1.19
C SER A 276 19.92 -28.21 0.50
N ASN A 277 21.26 -28.26 0.51
CA ASN A 277 22.07 -27.20 -0.09
C ASN A 277 22.99 -27.63 -1.23
N THR A 278 22.91 -28.89 -1.65
CA THR A 278 23.82 -29.33 -2.70
C THR A 278 23.22 -30.06 -3.89
N VAL A 279 23.86 -29.87 -5.04
CA VAL A 279 23.43 -30.51 -6.27
C VAL A 279 24.62 -31.17 -6.95
N LYS A 280 24.75 -32.48 -6.76
CA LYS A 280 25.84 -33.21 -7.38
C LYS A 280 25.57 -33.33 -8.87
N LEU A 281 26.45 -32.70 -9.65
CA LEU A 281 26.36 -32.73 -11.10
C LEU A 281 27.10 -33.99 -11.52
N THR A 282 26.47 -34.79 -12.38
CA THR A 282 27.08 -36.04 -12.82
C THR A 282 27.89 -35.90 -14.11
N SER A 283 25.22 -33.53 -12.50
CA SER A 283 25.58 -33.56 -13.92
C SER A 283 26.92 -32.90 -14.14
N GLY A 284 27.81 -33.58 -14.88
CA GLY A 284 29.13 -33.03 -15.16
C GLY A 284 30.14 -34.07 -15.64
N HIS A 285 31.18 -33.61 -16.32
CA HIS A 285 32.22 -34.53 -16.83
C HIS A 285 33.59 -33.87 -16.67
N LEU A 286 34.65 -34.60 -17.01
CA LEU A 286 35.99 -34.04 -16.87
C LEU A 286 36.99 -34.67 -17.82
N LYS A 287 37.58 -33.87 -18.69
CA LYS A 287 38.55 -34.37 -19.64
C LYS A 287 39.92 -34.37 -18.99
N CYS A 288 40.55 -35.52 -18.88
CA CYS A 288 41.85 -35.55 -18.26
C CYS A 288 42.91 -36.16 -19.16
N ARG A 289 44.16 -35.97 -18.77
CA ARG A 289 45.28 -36.52 -19.50
C ARG A 289 46.13 -37.21 -18.43
N VAL A 290 46.03 -38.53 -18.36
CA VAL A 290 46.75 -39.29 -17.35
C VAL A 290 48.21 -39.54 -17.69
N LYS A 291 49.02 -38.50 -17.60
CA LYS A 291 50.44 -38.65 -17.88
C LYS A 291 51.01 -39.62 -16.85
N MET A 292 51.76 -40.60 -17.29
CA MET A 292 52.31 -41.54 -16.34
C MET A 292 53.62 -42.16 -16.74
N GLU A 293 54.56 -41.32 -17.15
CA GLU A 293 55.87 -41.83 -17.52
C GLU A 293 56.60 -42.02 -16.20
N LYS A 294 55.95 -41.57 -15.13
CA LYS A 294 56.50 -41.67 -13.79
C LYS A 294 55.85 -42.83 -13.03
N LEU A 295 54.97 -43.56 -13.70
CA LEU A 295 54.32 -44.72 -13.10
C LEU A 295 55.27 -45.89 -13.34
N GLN A 296 55.62 -46.64 -12.31
CA GLN A 296 56.57 -47.72 -12.49
C GLN A 296 56.28 -49.03 -11.77
N LEU A 297 56.72 -50.14 -12.35
CA LEU A 297 56.51 -51.44 -11.76
C LEU A 297 57.27 -51.60 -10.47
N LYS A 298 57.02 -52.70 -9.79
CA LYS A 298 57.66 -53.00 -8.52
C LYS A 298 57.85 -54.51 -8.48
N GLY A 299 58.63 -54.99 -7.52
CA GLY A 299 58.86 -56.42 -7.38
C GLY A 299 59.15 -57.12 -8.69
N THR A 300 60.02 -56.51 -9.49
CA THR A 300 60.39 -57.05 -10.80
C THR A 300 61.72 -57.82 -10.73
N THR A 301 62.40 -57.72 -9.60
CA THR A 301 63.67 -58.38 -9.39
C THR A 301 63.49 -59.66 -8.59
N TYR A 302 62.25 -60.09 -8.42
CA TYR A 302 61.95 -61.30 -7.67
C TYR A 302 61.88 -62.50 -8.61
N GLY A 303 61.97 -63.69 -8.03
CA GLY A 303 61.89 -64.90 -8.82
C GLY A 303 60.45 -65.38 -8.93
N VAL A 304 60.21 -66.34 -9.81
CA VAL A 304 58.88 -66.87 -10.02
C VAL A 304 58.45 -67.78 -8.88
N CYS A 305 57.17 -67.69 -8.50
CA CYS A 305 56.64 -68.54 -7.45
C CYS A 305 56.75 -69.98 -7.90
N SER A 306 57.34 -70.81 -7.06
CA SER A 306 57.52 -72.22 -7.38
C SER A 306 57.06 -73.07 -6.21
N LYS A 307 55.75 -73.30 -6.18
CA LYS A 307 55.10 -74.09 -5.16
C LYS A 307 53.67 -74.16 -5.65
N ALA A 308 52.88 -75.10 -5.12
CA ALA A 308 51.51 -75.25 -5.60
C ALA A 308 50.60 -74.02 -5.45
N PHE A 309 49.64 -73.92 -6.36
CA PHE A 309 48.66 -72.84 -6.36
C PHE A 309 47.26 -73.43 -6.51
N LYS A 310 46.38 -73.09 -5.58
CA LYS A 310 45.03 -73.61 -5.62
C LYS A 310 43.99 -72.53 -5.86
N PHE A 311 42.96 -72.84 -6.64
CA PHE A 311 41.87 -71.89 -6.89
C PHE A 311 41.02 -71.85 -5.61
N LEU A 312 40.37 -70.72 -5.34
CA LEU A 312 39.51 -70.64 -4.17
C LEU A 312 38.06 -70.51 -4.62
N GLY A 313 37.77 -70.92 -5.86
CA GLY A 313 36.41 -70.82 -6.35
C GLY A 313 36.27 -70.45 -7.81
N THR A 314 35.15 -70.86 -8.40
CA THR A 314 34.88 -70.57 -9.79
C THR A 314 35.08 -69.11 -10.11
N PRO A 315 35.90 -68.82 -11.12
CA PRO A 315 36.14 -67.42 -11.50
C PRO A 315 34.78 -66.79 -11.78
N ALA A 316 34.68 -65.47 -11.65
CA ALA A 316 33.41 -64.79 -11.89
C ALA A 316 33.46 -63.83 -13.08
N ASP A 317 32.31 -63.61 -13.72
CA ASP A 317 32.21 -62.72 -14.87
C ASP A 317 31.92 -61.30 -14.41
N THR A 318 32.81 -60.37 -14.74
CA THR A 318 32.66 -58.97 -14.36
C THR A 318 31.61 -58.29 -15.22
N GLY A 319 31.21 -58.95 -16.29
CA GLY A 319 30.24 -58.37 -17.19
C GLY A 319 30.98 -57.43 -18.13
N HIS A 320 32.31 -57.50 -18.11
CA HIS A 320 33.10 -56.64 -18.97
C HIS A 320 34.02 -57.40 -19.91
N GLY A 321 33.82 -58.70 -20.01
CA GLY A 321 34.68 -59.49 -20.89
C GLY A 321 35.93 -59.94 -20.17
N THR A 322 35.92 -59.74 -18.85
CA THR A 322 37.03 -60.18 -18.00
C THR A 322 36.40 -60.95 -16.85
N VAL A 323 37.24 -61.71 -16.18
CA VAL A 323 36.78 -62.50 -15.07
C VAL A 323 37.68 -62.23 -13.89
N VAL A 324 37.18 -62.54 -12.70
CA VAL A 324 37.94 -62.34 -11.48
C VAL A 324 38.06 -63.68 -10.79
N LEU A 325 39.06 -63.80 -9.94
CA LEU A 325 39.25 -65.03 -9.19
C LEU A 325 40.31 -64.80 -8.12
N GLU A 326 40.32 -65.66 -7.12
CA GLU A 326 41.28 -65.52 -6.05
C GLU A 326 42.07 -66.81 -5.82
N LEU A 327 43.38 -66.68 -5.81
CA LEU A 327 44.26 -67.81 -5.58
C LEU A 327 44.68 -67.89 -4.13
N GLN A 328 45.32 -69.00 -3.79
CA GLN A 328 45.87 -69.26 -2.46
C GLN A 328 47.21 -69.90 -2.76
N TYR A 329 48.25 -69.50 -2.06
CA TYR A 329 49.57 -70.05 -2.32
C TYR A 329 50.06 -71.00 -1.25
N THR A 330 50.24 -72.27 -1.62
CA THR A 330 50.75 -73.26 -0.68
C THR A 330 52.17 -72.82 -0.31
N GLY A 331 52.83 -72.18 -1.28
CA GLY A 331 54.18 -71.70 -1.10
C GLY A 331 54.55 -71.12 0.26
N THR A 332 55.75 -71.48 0.71
CA THR A 332 56.26 -71.02 1.99
C THR A 332 57.18 -69.85 1.73
N ASP A 333 57.77 -69.83 0.53
CA ASP A 333 58.68 -68.77 0.13
C ASP A 333 57.99 -67.42 0.14
N GLY A 334 58.80 -66.36 0.13
CA GLY A 334 58.26 -65.01 0.18
C GLY A 334 57.73 -64.45 -1.13
N PRO A 335 57.74 -63.11 -1.27
CA PRO A 335 57.26 -62.40 -2.45
C PRO A 335 57.91 -62.87 -3.76
N CYS A 336 57.12 -63.63 -4.52
CA CYS A 336 57.53 -64.19 -5.80
C CYS A 336 56.44 -63.85 -6.81
N LYS A 337 56.77 -63.91 -8.10
CA LYS A 337 55.78 -63.60 -9.14
C LYS A 337 54.82 -64.78 -9.31
N VAL A 338 53.54 -64.49 -9.53
CA VAL A 338 52.54 -65.55 -9.71
C VAL A 338 52.50 -65.96 -11.16
N PRO A 339 52.78 -67.23 -11.45
CA PRO A 339 52.80 -67.75 -12.82
C PRO A 339 51.42 -68.05 -13.39
N ILE A 340 50.63 -67.01 -13.64
CA ILE A 340 49.31 -67.26 -14.20
C ILE A 340 49.12 -66.64 -15.57
N SER A 341 48.52 -67.42 -16.46
CA SER A 341 48.27 -66.98 -17.80
C SER A 341 47.02 -67.66 -18.30
N SER A 342 46.62 -67.28 -19.50
CA SER A 342 45.43 -67.84 -20.12
C SER A 342 45.89 -68.55 -21.38
N VAL A 343 45.67 -69.85 -21.40
CA VAL A 343 46.06 -70.70 -22.49
C VAL A 343 44.87 -71.19 -23.29
N ALA A 344 45.01 -71.22 -24.61
CA ALA A 344 43.95 -71.65 -25.52
C ALA A 344 43.64 -73.14 -25.42
N SER A 345 44.63 -73.94 -25.07
CA SER A 345 44.45 -75.39 -24.92
C SER A 345 45.54 -75.88 -23.99
N LEU A 346 45.23 -76.85 -23.15
CA LEU A 346 46.24 -77.34 -22.23
C LEU A 346 47.59 -77.49 -22.90
N ASN A 347 48.61 -77.20 -22.10
CA ASN A 347 50.02 -77.22 -22.50
C ASN A 347 50.40 -76.59 -23.85
N ASP A 348 49.90 -75.38 -24.10
CA ASP A 348 50.25 -74.61 -25.29
C ASP A 348 51.47 -73.85 -24.80
N LEU A 349 52.27 -73.31 -25.69
CA LEU A 349 53.44 -72.59 -25.23
C LEU A 349 53.17 -71.09 -25.05
N THR A 350 52.48 -70.52 -26.03
CA THR A 350 52.18 -69.09 -26.00
C THR A 350 50.81 -68.71 -25.43
N PRO A 351 50.78 -67.75 -24.48
CA PRO A 351 49.58 -67.25 -23.82
C PRO A 351 48.61 -66.66 -24.82
N VAL A 352 47.44 -66.24 -24.34
CA VAL A 352 46.42 -65.67 -25.22
C VAL A 352 45.52 -64.74 -24.43
N GLY A 353 45.54 -64.91 -23.12
CA GLY A 353 44.70 -64.05 -22.30
C GLY A 353 45.55 -62.98 -21.64
N ARG A 354 45.17 -61.72 -21.87
CA ARG A 354 45.89 -60.59 -21.28
C ARG A 354 45.40 -60.41 -19.85
N LEU A 355 46.32 -60.17 -18.94
CA LEU A 355 45.97 -59.97 -17.54
C LEU A 355 45.66 -58.51 -17.24
N VAL A 356 44.56 -58.25 -16.56
CA VAL A 356 44.28 -56.89 -16.17
C VAL A 356 45.30 -56.65 -15.04
N THR A 357 45.29 -57.53 -14.07
CA THR A 357 46.21 -57.46 -12.93
C THR A 357 47.62 -57.83 -13.39
N VAL A 358 48.22 -56.98 -14.20
CA VAL A 358 49.55 -57.26 -14.72
C VAL A 358 50.61 -57.46 -13.63
N ASN A 359 51.61 -58.27 -13.97
CA ASN A 359 52.71 -58.59 -13.08
C ASN A 359 52.23 -58.86 -11.67
N PRO A 360 51.43 -59.91 -11.50
CA PRO A 360 50.87 -60.31 -10.20
C PRO A 360 51.95 -60.92 -9.34
N PHE A 361 51.73 -60.99 -8.03
CA PHE A 361 52.72 -61.60 -7.17
C PHE A 361 52.32 -61.67 -5.70
N VAL A 362 52.71 -62.77 -5.06
CA VAL A 362 52.38 -62.97 -3.65
C VAL A 362 53.09 -61.91 -2.84
N SER A 363 52.29 -61.02 -2.28
CA SER A 363 52.75 -59.92 -1.49
C SER A 363 53.62 -60.28 -0.28
N VAL A 364 53.18 -61.28 0.49
CA VAL A 364 53.89 -61.68 1.70
C VAL A 364 54.69 -62.97 1.56
N ALA A 365 55.52 -63.25 2.56
CA ALA A 365 56.35 -64.46 2.61
C ALA A 365 55.65 -65.47 3.51
N THR A 366 54.54 -65.04 4.09
CA THR A 366 53.70 -65.85 4.98
C THR A 366 52.90 -66.81 4.12
N ALA A 367 53.34 -68.07 4.05
CA ALA A 367 52.64 -69.07 3.25
C ALA A 367 51.11 -68.92 3.26
N ASN A 368 50.46 -69.57 2.30
CA ASN A 368 49.00 -69.55 2.10
C ASN A 368 48.38 -68.15 2.05
N ALA A 369 48.98 -67.28 1.25
CA ALA A 369 48.50 -65.91 1.05
C ALA A 369 47.51 -65.93 -0.09
N LYS A 370 46.58 -64.98 -0.11
CA LYS A 370 45.60 -64.95 -1.18
C LYS A 370 45.99 -63.93 -2.26
N VAL A 371 45.60 -64.20 -3.49
CA VAL A 371 45.89 -63.29 -4.58
C VAL A 371 44.67 -63.07 -5.45
N LEU A 372 44.26 -61.82 -5.61
CA LEU A 372 43.11 -61.55 -6.46
C LEU A 372 43.61 -61.33 -7.87
N ILE A 373 42.85 -61.78 -8.86
CA ILE A 373 43.24 -61.60 -10.24
C ILE A 373 42.10 -61.40 -11.19
N GLU A 374 42.23 -60.35 -12.00
CA GLU A 374 41.25 -60.06 -13.01
C GLU A 374 41.99 -60.17 -14.31
N LEU A 375 41.40 -60.91 -15.25
CA LEU A 375 41.99 -61.12 -16.55
C LEU A 375 40.91 -61.26 -17.60
N GLU A 376 41.25 -60.90 -18.82
CA GLU A 376 40.32 -61.02 -19.94
C GLU A 376 40.70 -62.26 -20.71
N PRO A 377 39.81 -63.25 -20.73
CA PRO A 377 40.19 -64.44 -21.48
C PRO A 377 39.76 -64.29 -22.95
N PRO A 378 40.26 -65.16 -23.83
CA PRO A 378 39.86 -65.05 -25.23
C PRO A 378 38.41 -65.49 -25.37
N PHE A 379 37.78 -65.20 -26.49
CA PHE A 379 36.41 -65.62 -26.68
C PHE A 379 36.40 -67.13 -26.82
N GLY A 380 35.21 -67.72 -26.67
CA GLY A 380 35.10 -69.16 -26.74
C GLY A 380 35.80 -69.79 -25.56
N ASP A 381 36.05 -71.08 -25.64
CA ASP A 381 36.69 -71.79 -24.53
C ASP A 381 38.18 -71.47 -24.46
N SER A 382 38.70 -71.55 -23.25
CA SER A 382 40.11 -71.28 -22.96
C SER A 382 40.42 -71.86 -21.59
N TYR A 383 41.69 -71.80 -21.21
CA TYR A 383 42.09 -72.31 -19.91
C TYR A 383 42.90 -71.30 -19.13
N ILE A 384 42.59 -71.16 -17.84
CA ILE A 384 43.35 -70.28 -16.99
C ILE A 384 44.31 -71.26 -16.36
N VAL A 385 45.56 -70.87 -16.15
CA VAL A 385 46.52 -71.80 -15.60
C VAL A 385 47.49 -71.10 -14.66
N VAL A 386 47.88 -71.79 -13.60
CA VAL A 386 48.82 -71.22 -12.65
C VAL A 386 49.90 -72.24 -12.32
N GLY A 387 51.16 -71.80 -12.40
CA GLY A 387 52.28 -72.69 -12.15
C GLY A 387 52.55 -73.43 -13.45
N ARG A 388 53.46 -74.39 -13.44
CA ARG A 388 53.72 -75.15 -14.66
C ARG A 388 54.13 -76.58 -14.38
N GLY A 389 54.00 -77.42 -15.40
CA GLY A 389 54.36 -78.82 -15.26
C GLY A 389 53.40 -79.58 -14.37
N GLU A 390 53.95 -80.24 -13.37
CA GLU A 390 53.12 -81.03 -12.48
C GLU A 390 52.71 -80.27 -11.23
N GLN A 391 53.05 -78.99 -11.17
CA GLN A 391 52.64 -78.16 -10.05
C GLN A 391 51.36 -77.50 -10.56
N GLN A 392 51.46 -77.06 -11.82
CA GLN A 392 50.40 -76.38 -12.54
C GLN A 392 48.99 -76.90 -12.36
N ILE A 393 48.06 -75.99 -12.17
CA ILE A 393 46.65 -76.31 -12.04
C ILE A 393 45.99 -75.59 -13.20
N ASN A 394 44.69 -75.76 -13.35
CA ASN A 394 44.00 -75.10 -14.45
C ASN A 394 42.52 -75.11 -14.21
N HIS A 395 41.84 -74.25 -14.94
CA HIS A 395 40.41 -74.16 -14.83
C HIS A 395 39.97 -73.62 -16.17
N HIS A 396 39.00 -74.28 -16.79
CA HIS A 396 38.52 -73.90 -18.11
C HIS A 396 37.52 -72.75 -18.06
N TRP A 397 37.35 -72.09 -19.20
CA TRP A 397 36.43 -70.96 -19.29
C TRP A 397 36.00 -70.75 -20.73
N HIS A 398 34.79 -70.26 -20.91
CA HIS A 398 34.27 -70.00 -22.25
C HIS A 398 33.57 -68.63 -22.33
N LYS A 399 34.20 -67.71 -23.06
CA LYS A 399 33.68 -66.37 -23.23
C LYS A 399 32.72 -66.41 -24.41
N SER A 400 31.84 -65.40 -24.51
CA SER A 400 30.86 -65.31 -25.61
C SER A 400 30.79 -63.92 -26.24
N PHE B 1 29.00 7.74 -20.89
CA PHE B 1 30.07 8.35 -21.74
C PHE B 1 30.91 7.26 -22.40
N ASN B 2 30.65 6.03 -22.01
CA ASN B 2 31.35 4.88 -22.57
C ASN B 2 30.22 3.89 -22.90
N CYS B 3 30.55 2.80 -23.58
CA CYS B 3 29.53 1.86 -23.99
C CYS B 3 29.06 0.76 -23.04
N LEU B 4 29.97 0.20 -22.26
CA LEU B 4 29.60 -0.90 -21.37
C LEU B 4 28.31 -0.75 -20.58
N GLY B 5 27.42 -1.74 -20.71
CA GLY B 5 26.17 -1.71 -19.97
C GLY B 5 24.97 -1.15 -20.72
N MET B 6 25.23 -0.43 -21.81
CA MET B 6 24.16 0.15 -22.60
C MET B 6 23.51 -0.89 -23.52
N SER B 7 22.23 -0.76 -23.78
CA SER B 7 21.57 -1.72 -24.66
C SER B 7 21.70 -1.32 -26.14
N ASN B 8 21.96 -0.04 -26.40
CA ASN B 8 22.11 0.45 -27.76
C ASN B 8 23.58 0.56 -28.13
N ARG B 9 24.25 -0.58 -28.13
CA ARG B 9 25.67 -0.60 -28.42
C ARG B 9 25.94 -1.33 -29.75
N ASP B 10 26.96 -0.89 -30.47
CA ASP B 10 27.36 -1.46 -31.74
C ASP B 10 28.88 -1.57 -31.77
N PHE B 11 29.40 -2.73 -32.13
CA PHE B 11 30.85 -2.93 -32.20
C PHE B 11 31.31 -2.74 -33.61
N LEU B 12 32.45 -2.08 -33.79
CA LEU B 12 32.96 -1.85 -35.13
C LEU B 12 34.44 -2.06 -35.30
N GLU B 13 34.77 -2.52 -36.49
CA GLU B 13 36.13 -2.76 -36.93
C GLU B 13 36.03 -2.01 -38.24
N GLY B 14 36.46 -0.76 -38.24
CA GLY B 14 36.38 0.06 -39.43
C GLY B 14 36.53 -0.66 -40.75
N VAL B 15 37.78 -0.85 -41.16
CA VAL B 15 38.08 -1.52 -42.41
C VAL B 15 39.33 -2.32 -42.18
N SER B 16 39.90 -2.85 -43.26
CA SER B 16 41.14 -3.60 -43.17
C SER B 16 42.27 -2.61 -43.37
N GLY B 17 43.19 -2.53 -42.41
CA GLY B 17 44.29 -1.60 -42.52
C GLY B 17 43.82 -0.16 -42.53
N ALA B 18 42.66 0.09 -41.92
CA ALA B 18 42.10 1.43 -41.88
C ALA B 18 42.49 2.15 -40.60
N THR B 19 42.90 3.40 -40.76
CA THR B 19 43.30 4.24 -39.62
C THR B 19 42.14 5.14 -39.27
N TRP B 20 41.04 4.97 -40.01
CA TRP B 20 39.84 5.74 -39.82
C TRP B 20 38.63 4.84 -40.06
N VAL B 21 37.46 5.31 -39.63
CA VAL B 21 36.21 4.57 -39.78
C VAL B 21 35.08 5.55 -39.95
N ASP B 22 34.07 5.17 -40.73
CA ASP B 22 32.94 6.06 -40.91
C ASP B 22 31.91 5.48 -39.99
N LEU B 23 31.15 6.35 -39.32
CA LEU B 23 30.20 5.89 -38.34
C LEU B 23 28.90 6.70 -38.26
N VAL B 24 27.94 6.20 -37.49
CA VAL B 24 26.66 6.85 -37.29
C VAL B 24 26.30 6.78 -35.81
N LEU B 25 26.05 7.95 -35.21
CA LEU B 25 25.69 8.03 -33.79
C LEU B 25 24.28 8.59 -33.66
N GLU B 26 23.56 8.18 -32.62
CA GLU B 26 22.19 8.64 -32.39
C GLU B 26 21.80 8.64 -30.92
N GLY B 27 20.95 9.60 -30.56
CA GLY B 27 20.46 9.74 -29.20
C GLY B 27 21.10 8.93 -28.07
N ASP B 28 20.35 7.94 -27.60
CA ASP B 28 20.79 7.09 -26.50
C ASP B 28 21.71 5.93 -26.91
N SER B 29 22.38 6.03 -28.05
CA SER B 29 23.24 4.93 -28.46
C SER B 29 24.74 5.17 -28.27
N CYS B 30 25.51 4.08 -28.33
CA CYS B 30 26.97 4.12 -28.17
C CYS B 30 27.59 3.21 -29.22
N VAL B 31 28.88 3.37 -29.44
CA VAL B 31 29.62 2.55 -30.38
C VAL B 31 31.06 2.26 -29.91
N THR B 32 31.43 0.98 -29.95
CA THR B 32 32.76 0.55 -29.57
C THR B 32 33.47 0.26 -30.89
N ILE B 33 34.68 0.79 -31.03
CA ILE B 33 35.47 0.64 -32.24
C ILE B 33 36.81 -0.03 -31.96
N MET B 34 37.12 -1.04 -32.77
CA MET B 34 38.36 -1.79 -32.63
C MET B 34 39.22 -1.60 -33.86
N SER B 35 40.52 -1.63 -33.66
CA SER B 35 41.47 -1.44 -34.73
C SER B 35 42.80 -2.08 -34.39
N LYS B 36 43.27 -2.95 -35.27
CA LYS B 36 44.53 -3.65 -35.06
C LYS B 36 45.60 -2.78 -34.40
N ASP B 37 46.29 -3.37 -33.45
CA ASP B 37 47.38 -2.69 -32.76
C ASP B 37 47.06 -1.31 -32.18
N LYS B 38 45.79 -1.05 -31.89
CA LYS B 38 45.44 0.23 -31.32
C LYS B 38 44.36 0.08 -30.27
N PRO B 39 44.35 0.99 -29.29
CA PRO B 39 43.35 0.93 -28.23
C PRO B 39 41.93 0.86 -28.78
N THR B 40 41.01 0.37 -27.96
CA THR B 40 39.62 0.32 -28.37
C THR B 40 39.06 1.61 -27.82
N ILE B 41 38.00 2.13 -28.44
CA ILE B 41 37.40 3.38 -27.98
C ILE B 41 35.91 3.31 -28.13
N ASP B 42 35.21 4.24 -27.49
CA ASP B 42 33.77 4.25 -27.59
C ASP B 42 33.33 5.66 -27.94
N VAL B 43 32.68 5.81 -29.08
CA VAL B 43 32.19 7.11 -29.48
C VAL B 43 30.75 7.06 -29.08
N LYS B 44 30.24 8.15 -28.53
CA LYS B 44 28.86 8.17 -28.02
C LYS B 44 28.30 9.57 -28.05
N MET B 45 27.06 9.72 -28.54
CA MET B 45 26.46 11.03 -28.56
C MET B 45 25.71 11.16 -27.27
N MET B 46 26.07 12.21 -26.56
CA MET B 46 25.50 12.50 -25.27
C MET B 46 24.24 13.35 -25.32
N ASN B 47 24.34 14.55 -25.88
CA ASN B 47 23.19 15.45 -25.90
C ASN B 47 22.99 16.20 -27.23
N MET B 48 21.72 16.53 -27.53
CA MET B 48 21.32 17.27 -28.72
C MET B 48 20.54 18.49 -28.21
N GLU B 49 21.05 19.70 -28.46
CA GLU B 49 20.37 20.91 -27.98
C GLU B 49 20.40 22.09 -28.93
N ALA B 50 19.40 22.96 -28.78
CA ALA B 50 19.29 24.18 -29.57
C ALA B 50 19.69 25.28 -28.60
N ALA B 51 20.90 25.78 -28.75
CA ALA B 51 21.41 26.82 -27.85
C ALA B 51 21.41 28.19 -28.47
N ASN B 52 16.88 27.81 -29.76
CA ASN B 52 16.36 29.01 -30.39
C ASN B 52 15.15 28.71 -31.28
N LEU B 53 14.15 28.05 -30.72
CA LEU B 53 12.96 27.70 -31.49
C LEU B 53 11.96 28.82 -31.63
N ALA B 54 10.95 28.58 -32.47
CA ALA B 54 9.90 29.54 -32.72
C ALA B 54 8.54 28.86 -32.91
N GLU B 55 7.52 29.48 -32.32
CA GLU B 55 6.15 28.98 -32.38
C GLU B 55 5.60 29.08 -33.80
N VAL B 56 4.58 28.28 -34.10
CA VAL B 56 3.97 28.27 -35.42
C VAL B 56 2.43 28.34 -35.36
N ARG B 57 1.84 27.55 -34.47
CA ARG B 57 0.40 27.51 -34.31
C ARG B 57 0.03 27.35 -32.84
N SER B 58 -1.26 27.32 -32.53
CA SER B 58 -1.68 27.16 -31.13
C SER B 58 -3.16 26.77 -31.02
N TYR B 59 -3.43 25.48 -30.93
CA TYR B 59 -4.80 25.01 -30.78
C TYR B 59 -5.19 25.10 -29.32
N CYS B 60 -6.43 25.46 -29.05
CA CYS B 60 -6.92 25.59 -27.69
C CYS B 60 -7.98 24.60 -27.29
N TYR B 61 -8.14 24.47 -25.98
CA TYR B 61 -9.16 23.66 -25.35
C TYR B 61 -9.71 24.83 -24.56
N LEU B 62 -11.02 25.02 -24.51
CA LEU B 62 -11.49 26.25 -23.88
C LEU B 62 -12.52 26.42 -22.76
N ALA B 63 -12.53 27.66 -22.28
CA ALA B 63 -13.40 28.16 -21.21
C ALA B 63 -14.47 29.16 -21.67
N THR B 64 -14.19 30.45 -21.50
CA THR B 64 -15.13 31.53 -21.83
C THR B 64 -16.19 31.28 -22.92
N VAL B 65 -17.35 30.86 -22.43
CA VAL B 65 -18.55 30.56 -23.19
C VAL B 65 -19.58 30.91 -22.12
N SER B 66 -19.41 32.11 -21.58
CA SER B 66 -20.25 32.63 -20.51
C SER B 66 -21.23 33.74 -20.90
N ASP B 67 -20.73 34.81 -21.51
CA ASP B 67 -21.61 35.91 -21.91
C ASP B 67 -22.49 35.53 -23.09
N LEU B 68 -23.71 36.07 -23.13
CA LEU B 68 -24.63 35.75 -24.20
C LEU B 68 -25.23 37.00 -24.84
N SER B 69 -25.92 36.80 -25.96
CA SER B 69 -26.58 37.87 -26.71
C SER B 69 -27.57 37.27 -27.68
N THR B 70 -28.68 37.96 -27.91
CA THR B 70 -29.71 37.48 -28.83
C THR B 70 -30.48 38.63 -29.51
N LYS B 71 -29.87 39.22 -30.54
CA LYS B 71 -30.51 40.31 -31.28
C LYS B 71 -31.72 39.77 -32.04
N ALA B 72 -32.91 40.17 -31.61
CA ALA B 72 -34.13 39.69 -32.23
C ALA B 72 -34.67 40.57 -33.34
N ALA B 73 -35.25 39.92 -34.34
CA ALA B 73 -35.85 40.59 -35.48
C ALA B 73 -37.17 39.89 -35.82
N CYS B 74 -38.23 40.68 -35.91
CA CYS B 74 -39.56 40.19 -36.21
C CYS B 74 -39.67 39.76 -37.66
N PRO B 75 -40.64 38.90 -37.98
CA PRO B 75 -40.84 38.42 -39.36
C PRO B 75 -40.99 39.59 -40.31
N THR B 76 -40.42 39.44 -41.51
CA THR B 76 -40.46 40.45 -42.56
C THR B 76 -39.73 41.74 -42.22
N MET B 77 -39.17 41.79 -41.02
CA MET B 77 -38.38 42.95 -40.54
C MET B 77 -36.92 42.78 -40.95
N GLY B 78 -36.65 41.71 -41.71
CA GLY B 78 -35.30 41.45 -42.18
C GLY B 78 -34.44 40.63 -41.24
N GLU B 79 -33.13 40.86 -41.35
CA GLU B 79 -32.14 40.16 -40.53
C GLU B 79 -31.91 40.88 -39.21
N ALA B 80 -31.12 40.26 -38.33
CA ALA B 80 -30.81 40.84 -37.04
C ALA B 80 -29.32 41.09 -36.94
N HIS B 81 -28.94 42.29 -36.52
CA HIS B 81 -27.54 42.63 -36.38
C HIS B 81 -27.20 42.88 -34.92
N ASN B 82 -26.38 42.00 -34.34
CA ASN B 82 -26.00 42.16 -32.94
C ASN B 82 -24.80 43.10 -32.84
N ASP B 83 -24.90 44.08 -31.95
CA ASP B 83 -23.81 45.02 -31.78
C ASP B 83 -22.51 44.28 -31.45
N LYS B 84 -22.63 43.11 -30.84
CA LYS B 84 -21.48 42.31 -30.49
C LYS B 84 -20.88 41.70 -31.76
N ARG B 85 -20.98 42.44 -32.86
CA ARG B 85 -20.45 41.97 -34.13
C ARG B 85 -19.36 42.92 -34.63
N ALA B 86 -19.16 44.01 -33.88
CA ALA B 86 -18.15 45.02 -34.22
C ALA B 86 -16.74 44.57 -33.85
N ASP B 87 -16.62 43.88 -32.71
CA ASP B 87 -15.34 43.38 -32.24
C ASP B 87 -15.40 41.90 -31.92
N PRO B 88 -14.29 41.16 -32.18
CA PRO B 88 -14.24 39.72 -31.90
C PRO B 88 -14.54 39.41 -30.44
N ALA B 89 -15.11 40.40 -29.74
CA ALA B 89 -15.48 40.26 -28.34
C ALA B 89 -16.31 38.98 -28.20
N PHE B 90 -17.09 38.70 -29.23
CA PHE B 90 -17.96 37.52 -29.24
C PHE B 90 -18.03 36.90 -30.63
N VAL B 91 -18.55 35.67 -30.70
CA VAL B 91 -18.72 34.96 -31.97
C VAL B 91 -20.23 34.94 -32.21
N CYS B 92 -20.66 35.49 -33.33
CA CYS B 92 -22.08 35.53 -33.64
C CYS B 92 -22.48 34.59 -34.76
N ARG B 93 -23.74 34.15 -34.71
CA ARG B 93 -24.31 33.26 -35.71
C ARG B 93 -25.82 33.47 -35.80
N GLN B 94 -26.31 33.65 -37.02
CA GLN B 94 -27.74 33.89 -37.24
C GLN B 94 -28.59 32.63 -37.36
N GLY B 95 -29.87 32.80 -37.11
CA GLY B 95 -30.84 31.72 -37.18
C GLY B 95 -32.21 32.35 -37.29
N VAL B 96 -33.26 31.52 -37.34
CA VAL B 96 -34.62 32.03 -37.44
C VAL B 96 -35.56 31.30 -36.48
N VAL B 97 -36.53 32.02 -35.92
CA VAL B 97 -37.45 31.40 -35.00
C VAL B 97 -38.91 31.59 -35.36
N ASP B 98 -39.66 30.48 -35.31
CA ASP B 98 -41.07 30.52 -35.61
C ASP B 98 -41.74 31.33 -34.51
N ARG B 99 -42.44 32.39 -34.89
CA ARG B 99 -43.13 33.20 -33.91
C ARG B 99 -44.21 34.14 -34.44
N GLY B 100 -44.68 35.03 -33.58
CA GLY B 100 -45.73 35.96 -33.95
C GLY B 100 -46.40 36.62 -32.76
N TRP B 101 -47.73 36.60 -32.75
CA TRP B 101 -48.49 37.19 -31.65
C TRP B 101 -48.03 36.55 -30.37
N GLY B 102 -48.16 35.22 -30.32
CA GLY B 102 -47.77 34.48 -29.14
C GLY B 102 -46.62 35.10 -28.38
N ASN B 103 -45.62 35.60 -29.09
CA ASN B 103 -44.48 36.20 -28.41
C ASN B 103 -44.12 37.61 -28.86
N GLY B 104 -45.07 38.52 -28.72
CA GLY B 104 -44.84 39.91 -29.06
C GLY B 104 -44.71 40.34 -30.51
N CYS B 105 -44.68 39.42 -31.47
CA CYS B 105 -44.58 39.93 -32.83
C CYS B 105 -45.92 40.04 -33.54
N GLY B 106 -46.03 41.04 -34.42
CA GLY B 106 -47.24 41.33 -35.16
C GLY B 106 -47.71 40.34 -36.21
N LEU B 107 -46.81 39.76 -36.99
CA LEU B 107 -47.21 38.79 -38.02
C LEU B 107 -46.69 37.43 -37.59
N PHE B 108 -47.09 36.37 -38.29
CA PHE B 108 -46.66 35.00 -37.97
C PHE B 108 -45.71 34.39 -39.00
N GLY B 109 -44.61 33.85 -38.51
CA GLY B 109 -43.64 33.25 -39.41
C GLY B 109 -42.24 33.38 -38.86
N LYS B 110 -41.26 33.07 -39.72
CA LYS B 110 -39.85 33.09 -39.34
C LYS B 110 -39.24 34.47 -39.15
N GLY B 111 -38.69 34.67 -37.94
CA GLY B 111 -38.04 35.92 -37.61
C GLY B 111 -36.53 35.74 -37.49
N SER B 112 -35.79 36.77 -37.86
CA SER B 112 -34.34 36.72 -37.80
C SER B 112 -33.83 36.60 -36.36
N ILE B 113 -32.59 36.14 -36.23
CA ILE B 113 -31.94 35.94 -34.94
C ILE B 113 -30.41 35.92 -35.13
N ASP B 114 -29.69 36.74 -34.38
CA ASP B 114 -28.23 36.79 -34.47
C ASP B 114 -27.62 36.96 -33.08
N THR B 115 -27.33 35.83 -32.44
CA THR B 115 -26.76 35.82 -31.09
C THR B 115 -25.22 35.80 -31.08
N CYS B 116 -24.64 36.01 -29.91
CA CYS B 116 -23.17 35.99 -29.82
C CYS B 116 -22.67 35.52 -28.46
N ALA B 117 -21.54 34.81 -28.48
CA ALA B 117 -20.89 34.29 -27.27
C ALA B 117 -19.45 34.80 -27.28
N LYS B 118 -18.81 34.88 -26.10
CA LYS B 118 -17.44 35.40 -26.03
C LYS B 118 -16.34 34.37 -26.23
N PHE B 119 -15.15 34.85 -26.61
CA PHE B 119 -14.04 33.94 -26.84
C PHE B 119 -12.63 34.39 -26.47
N ALA B 120 -12.03 33.62 -25.56
CA ALA B 120 -10.66 33.80 -25.07
C ALA B 120 -10.17 32.37 -24.85
N CYS B 121 -8.86 32.18 -24.73
CA CYS B 121 -8.33 30.82 -24.58
C CYS B 121 -7.80 30.45 -23.19
N SER B 122 -7.84 29.16 -22.90
CA SER B 122 -7.39 28.58 -21.62
C SER B 122 -6.09 27.80 -21.80
N THR B 123 -6.23 26.52 -22.14
CA THR B 123 -5.08 25.64 -22.33
C THR B 123 -4.70 25.56 -23.82
N LYS B 124 -3.64 26.27 -24.19
CA LYS B 124 -3.15 26.33 -25.58
C LYS B 124 -2.20 25.18 -25.92
N ALA B 125 -2.67 24.21 -26.70
CA ALA B 125 -1.82 23.09 -27.10
C ALA B 125 -0.80 23.61 -28.12
N ILE B 126 0.09 24.48 -27.65
CA ILE B 126 1.12 25.10 -28.47
C ILE B 126 2.04 24.16 -29.25
N GLY B 127 2.60 24.66 -30.35
CA GLY B 127 3.49 23.87 -31.17
C GLY B 127 4.48 24.78 -31.88
N ARG B 128 5.68 24.28 -32.20
CA ARG B 128 6.69 25.10 -32.86
C ARG B 128 7.51 24.38 -33.94
N THR B 129 8.49 25.09 -34.50
CA THR B 129 9.36 24.58 -35.56
C THR B 129 10.81 24.34 -35.16
N ILE B 130 11.52 23.59 -35.99
CA ILE B 130 12.92 23.29 -35.74
C ILE B 130 13.77 23.52 -36.98
N LEU B 131 14.25 24.74 -37.14
CA LEU B 131 15.11 25.09 -38.28
C LEU B 131 16.32 24.17 -38.22
N LYS B 132 16.81 23.72 -39.38
CA LYS B 132 17.99 22.87 -39.38
C LYS B 132 19.11 23.71 -38.78
N GLU B 133 21.90 27.17 -37.02
CA GLU B 133 23.19 27.57 -36.47
C GLU B 133 23.20 27.42 -34.95
N ASN B 134 22.03 27.17 -34.37
CA ASN B 134 21.91 27.01 -32.92
C ASN B 134 22.00 25.54 -32.51
N ILE B 135 22.23 24.67 -33.48
CA ILE B 135 22.34 23.24 -33.18
C ILE B 135 23.76 22.86 -32.82
N LYS B 136 23.92 22.34 -31.61
CA LYS B 136 25.22 21.93 -31.11
C LYS B 136 25.10 20.50 -30.64
N TYR B 137 26.13 19.71 -30.90
CA TYR B 137 26.15 18.31 -30.51
C TYR B 137 27.17 18.07 -29.40
N GLU B 138 26.91 17.06 -28.57
CA GLU B 138 27.82 16.75 -27.48
C GLU B 138 28.22 15.28 -27.58
N VAL B 139 29.43 15.05 -28.06
CA VAL B 139 29.95 13.70 -28.23
C VAL B 139 30.97 13.38 -27.16
N ALA B 140 30.86 12.19 -26.59
CA ALA B 140 31.79 11.75 -25.56
C ALA B 140 32.61 10.56 -26.02
N ILE B 141 33.93 10.66 -25.89
CA ILE B 141 34.82 9.57 -26.29
C ILE B 141 35.51 8.91 -25.11
N PHE B 142 35.46 7.59 -25.06
CA PHE B 142 36.12 6.82 -24.03
C PHE B 142 37.27 5.99 -24.63
N VAL B 143 38.23 5.61 -23.79
CA VAL B 143 39.36 4.80 -24.22
C VAL B 143 39.45 3.57 -23.34
N HIS B 144 39.40 2.39 -23.95
CA HIS B 144 39.43 1.13 -23.22
C HIS B 144 40.77 0.82 -22.58
N GLY B 145 41.31 1.82 -21.91
CA GLY B 145 42.57 1.63 -21.22
C GLY B 145 42.19 0.96 -19.91
N PRO B 146 43.19 0.69 -19.05
CA PRO B 146 42.97 0.04 -17.76
C PRO B 146 41.79 0.59 -17.00
N THR B 147 41.01 -0.33 -16.41
CA THR B 147 39.85 0.03 -15.62
C THR B 147 39.48 -1.10 -14.66
N THR B 148 38.46 -0.84 -13.85
CA THR B 148 37.95 -1.80 -12.89
C THR B 148 36.44 -1.66 -12.95
N VAL B 149 35.75 -2.67 -12.45
CA VAL B 149 34.31 -2.60 -12.44
C VAL B 149 33.96 -1.21 -11.94
N GLU B 150 34.63 -0.81 -10.87
CA GLU B 150 34.41 0.51 -10.27
C GLU B 150 34.58 1.69 -11.24
N SER B 151 35.83 2.07 -11.45
CA SER B 151 36.21 3.18 -12.30
C SER B 151 35.70 3.17 -13.73
N HIS B 152 35.16 2.05 -14.20
CA HIS B 152 34.75 2.03 -15.58
C HIS B 152 33.67 3.03 -15.94
N GLY B 153 32.76 3.30 -15.01
CA GLY B 153 31.70 4.24 -15.32
C GLY B 153 31.86 5.63 -14.76
N ASN B 154 32.91 5.85 -13.97
CA ASN B 154 33.14 7.16 -13.38
C ASN B 154 33.78 8.07 -14.41
N TYR B 155 33.03 9.07 -14.85
CA TYR B 155 33.56 9.97 -15.85
C TYR B 155 34.78 10.68 -15.32
N SER B 156 34.70 11.09 -14.05
CA SER B 156 35.77 11.80 -13.37
C SER B 156 37.06 11.01 -13.47
N THR B 157 37.10 9.90 -12.74
CA THR B 157 38.26 9.04 -12.72
C THR B 157 38.87 8.94 -14.11
N GLN B 158 38.02 8.57 -15.08
CA GLN B 158 38.45 8.40 -16.46
C GLN B 158 39.10 9.63 -17.07
N VAL B 159 38.47 10.78 -16.91
CA VAL B 159 39.07 12.01 -17.43
C VAL B 159 40.44 12.12 -16.77
N GLY B 160 40.44 12.02 -15.44
CA GLY B 160 41.67 12.08 -14.69
C GLY B 160 42.71 11.15 -15.30
N ALA B 161 42.29 9.92 -15.60
CA ALA B 161 43.21 8.95 -16.18
C ALA B 161 43.48 9.26 -17.65
N THR B 162 42.90 10.34 -18.16
CA THR B 162 43.03 10.74 -19.57
C THR B 162 42.61 9.59 -20.47
N GLN B 163 41.50 8.96 -20.08
CA GLN B 163 40.95 7.85 -20.81
C GLN B 163 39.51 8.17 -21.16
N ALA B 164 39.20 9.46 -21.25
CA ALA B 164 37.85 9.89 -21.58
C ALA B 164 37.84 11.36 -21.95
N GLY B 165 36.74 11.80 -22.55
CA GLY B 165 36.62 13.19 -22.93
C GLY B 165 35.21 13.47 -23.39
N ARG B 166 34.81 14.73 -23.34
CA ARG B 166 33.49 15.12 -23.77
C ARG B 166 33.61 16.47 -24.45
N PHE B 167 33.47 16.50 -25.77
CA PHE B 167 33.57 17.74 -26.53
C PHE B 167 32.28 17.96 -27.29
N SER B 168 32.13 19.14 -27.88
CA SER B 168 30.92 19.45 -28.64
C SER B 168 31.20 19.67 -30.14
N ILE B 169 30.17 19.43 -30.96
CA ILE B 169 30.29 19.59 -32.39
C ILE B 169 29.24 20.56 -32.86
N THR B 170 29.64 21.47 -33.74
CA THR B 170 28.74 22.48 -34.24
C THR B 170 28.90 22.62 -35.73
N PRO B 171 27.85 23.13 -36.39
CA PRO B 171 27.86 23.34 -37.85
C PRO B 171 29.02 24.28 -38.16
N ALA B 172 29.35 25.12 -37.18
CA ALA B 172 30.44 26.08 -37.32
C ALA B 172 31.75 25.31 -37.49
N ALA B 173 32.05 24.45 -36.53
CA ALA B 173 33.25 23.60 -36.53
C ALA B 173 32.79 22.17 -36.25
N PRO B 174 32.43 21.42 -37.32
CA PRO B 174 31.96 20.04 -37.27
C PRO B 174 32.97 18.99 -36.86
N SER B 175 34.20 19.37 -36.61
CA SER B 175 35.20 18.40 -36.21
C SER B 175 35.88 18.73 -34.89
N TYR B 176 36.85 17.91 -34.52
CA TYR B 176 37.62 18.10 -33.29
C TYR B 176 38.69 17.05 -33.18
N THR B 177 39.76 17.38 -32.49
CA THR B 177 40.84 16.44 -32.28
C THR B 177 41.04 16.32 -30.79
N LEU B 178 40.39 15.31 -30.21
CA LEU B 178 40.48 15.06 -28.79
C LEU B 178 41.79 14.36 -28.45
N LYS B 179 42.60 15.00 -27.61
CA LYS B 179 43.88 14.44 -27.22
C LYS B 179 43.70 13.58 -25.97
N LEU B 180 44.34 12.42 -25.95
CA LEU B 180 44.23 11.50 -24.85
C LEU B 180 45.57 11.09 -24.32
N GLY B 181 46.38 12.08 -23.94
CA GLY B 181 47.70 11.81 -23.41
C GLY B 181 48.54 10.91 -24.29
N GLU B 182 49.28 10.02 -23.63
CA GLU B 182 50.16 9.06 -24.30
C GLU B 182 49.43 8.12 -25.25
N TYR B 183 48.11 8.22 -25.31
CA TYR B 183 47.31 7.40 -26.20
C TYR B 183 47.16 8.15 -27.53
N GLY B 184 47.88 9.26 -27.64
CA GLY B 184 47.80 10.05 -28.86
C GLY B 184 46.53 10.88 -28.88
N GLU B 185 45.71 10.68 -29.90
CA GLU B 185 44.49 11.45 -29.99
C GLU B 185 43.57 10.89 -31.08
N VAL B 186 42.30 11.25 -30.97
CA VAL B 186 41.29 10.82 -31.93
C VAL B 186 40.69 12.10 -32.44
N THR B 187 40.44 12.17 -33.75
CA THR B 187 39.89 13.36 -34.37
C THR B 187 38.62 13.04 -35.13
N VAL B 188 37.48 13.43 -34.60
CA VAL B 188 36.26 13.13 -35.33
C VAL B 188 35.92 14.31 -36.24
N ASP B 189 35.15 14.04 -37.29
CA ASP B 189 34.71 15.04 -38.26
C ASP B 189 33.23 14.85 -38.46
N CYS B 190 32.51 14.65 -37.36
CA CYS B 190 31.07 14.46 -37.48
C CYS B 190 30.49 15.51 -38.39
N GLU B 191 29.50 15.11 -39.17
CA GLU B 191 28.86 16.01 -40.10
C GLU B 191 27.43 16.22 -39.62
N PRO B 192 27.19 17.36 -38.94
CA PRO B 192 25.92 17.80 -38.37
C PRO B 192 24.71 17.35 -39.17
N ARG B 193 24.93 17.00 -40.43
CA ARG B 193 23.83 16.56 -41.27
C ARG B 193 23.11 15.45 -40.50
N SER B 194 21.80 15.40 -40.66
CA SER B 194 20.99 14.41 -39.97
C SER B 194 19.59 14.36 -40.55
N GLY B 195 18.88 13.29 -40.22
CA GLY B 195 17.51 13.14 -40.68
C GLY B 195 16.59 13.57 -39.58
N ILE B 196 18.99 11.19 -39.71
CA ILE B 196 17.88 11.44 -38.80
C ILE B 196 16.63 11.90 -39.49
N ASP B 197 15.63 12.24 -38.70
CA ASP B 197 14.36 12.69 -39.23
C ASP B 197 14.36 14.17 -39.58
N THR B 198 14.00 14.45 -40.83
CA THR B 198 13.96 15.82 -41.33
C THR B 198 13.09 16.73 -40.50
N ASN B 199 13.51 17.99 -40.41
CA ASN B 199 12.81 19.02 -39.66
C ASN B 199 11.31 19.01 -39.99
N ALA B 200 10.98 18.35 -41.09
CA ALA B 200 9.61 18.23 -41.57
C ALA B 200 8.56 18.01 -40.48
N TYR B 201 8.95 17.41 -39.36
CA TYR B 201 7.99 17.17 -38.29
C TYR B 201 7.86 18.42 -37.41
N TYR B 202 6.65 18.70 -36.93
CA TYR B 202 6.42 19.87 -36.08
C TYR B 202 6.74 19.58 -34.63
N VAL B 203 6.76 20.61 -33.80
CA VAL B 203 7.05 20.45 -32.38
C VAL B 203 5.78 20.63 -31.55
N MET B 204 5.12 19.51 -31.27
CA MET B 204 3.88 19.50 -30.51
C MET B 204 4.08 19.63 -29.01
N THR B 205 3.41 20.62 -28.40
CA THR B 205 3.51 20.83 -26.96
C THR B 205 2.12 20.71 -26.34
N VAL B 206 1.97 19.82 -25.36
CA VAL B 206 0.67 19.63 -24.73
C VAL B 206 0.78 19.60 -23.20
N GLY B 207 0.47 20.72 -22.58
CA GLY B 207 0.53 20.83 -21.13
C GLY B 207 1.94 20.61 -20.62
N THR B 208 2.28 19.35 -20.37
CA THR B 208 3.60 18.98 -19.87
C THR B 208 4.32 18.05 -20.85
N LYS B 209 3.57 17.09 -21.39
CA LYS B 209 4.11 16.11 -22.31
C LYS B 209 4.31 16.61 -23.75
N THR B 210 5.56 16.94 -24.08
CA THR B 210 5.90 17.41 -25.40
C THR B 210 5.98 16.20 -26.34
N PHE B 211 5.71 16.45 -27.62
CA PHE B 211 5.73 15.40 -28.63
C PHE B 211 6.17 15.97 -29.97
N LEU B 212 6.47 15.07 -30.90
CA LEU B 212 6.91 15.46 -32.22
C LEU B 212 5.88 14.92 -33.21
N VAL B 213 5.07 15.82 -33.76
CA VAL B 213 4.01 15.44 -34.70
C VAL B 213 4.26 15.84 -36.16
N HIS B 214 3.54 15.18 -37.07
CA HIS B 214 3.64 15.45 -38.51
C HIS B 214 3.03 16.81 -38.85
N ARG B 215 3.78 17.62 -39.60
CA ARG B 215 3.30 18.96 -40.00
C ARG B 215 1.78 19.01 -40.21
N GLU B 216 1.30 18.10 -41.05
CA GLU B 216 -0.11 18.03 -41.41
C GLU B 216 -1.07 17.55 -40.33
N TRP B 217 -0.86 16.37 -39.78
CA TRP B 217 -1.78 15.89 -38.74
C TRP B 217 -2.08 17.07 -37.82
N PHE B 218 -1.03 17.84 -37.55
CA PHE B 218 -1.10 19.01 -36.69
C PHE B 218 -1.87 20.14 -37.40
N MET B 219 -1.18 20.79 -38.33
CA MET B 219 -1.74 21.90 -39.10
C MET B 219 -3.15 21.62 -39.60
N ASP B 220 -3.36 20.41 -40.13
CA ASP B 220 -4.66 20.02 -40.65
C ASP B 220 -5.47 19.28 -39.61
N LEU B 221 -5.81 19.96 -38.52
CA LEU B 221 -6.59 19.37 -37.46
C LEU B 221 -7.77 20.31 -37.23
N ASN B 222 -8.74 19.89 -36.44
CA ASN B 222 -9.91 20.73 -36.19
C ASN B 222 -9.99 21.21 -34.74
N LEU B 223 -9.55 22.44 -34.52
CA LEU B 223 -9.56 23.07 -33.20
C LEU B 223 -9.25 24.56 -33.34
N PRO B 224 -9.75 25.39 -32.41
CA PRO B 224 -9.46 26.82 -32.51
C PRO B 224 -7.94 26.98 -32.60
N TRP B 225 -7.46 28.11 -33.08
CA TRP B 225 -6.02 28.29 -33.19
C TRP B 225 -5.59 29.74 -33.34
N SER B 226 -4.31 29.98 -33.07
CA SER B 226 -3.75 31.32 -33.16
C SER B 226 -2.25 31.24 -33.41
N SER B 227 -1.74 32.01 -34.36
CA SER B 227 -0.32 31.99 -34.65
C SER B 227 0.50 32.60 -33.51
N ALA B 228 0.93 33.85 -33.67
CA ALA B 228 1.72 34.52 -32.63
C ALA B 228 0.97 35.70 -32.00
N GLY B 229 -0.34 35.77 -32.25
CA GLY B 229 -1.13 36.86 -31.70
C GLY B 229 -2.20 36.44 -30.70
N SER B 230 -2.75 37.43 -29.98
CA SER B 230 -3.80 37.19 -29.00
C SER B 230 -5.12 37.01 -29.71
N THR B 231 -5.06 37.12 -31.04
CA THR B 231 -6.24 36.97 -31.90
C THR B 231 -6.42 35.51 -32.26
N VAL B 232 -7.64 35.00 -32.08
CA VAL B 232 -7.94 33.61 -32.37
C VAL B 232 -8.92 33.46 -33.54
N TRP B 233 -8.69 32.48 -34.41
CA TRP B 233 -9.59 32.23 -35.53
C TRP B 233 -10.17 30.82 -35.46
N ARG B 234 -11.26 30.59 -36.18
CA ARG B 234 -11.90 29.27 -36.21
C ARG B 234 -12.42 28.82 -34.84
N ASN B 235 -12.68 29.78 -33.97
CA ASN B 235 -13.18 29.50 -32.63
C ASN B 235 -14.53 28.83 -32.69
N ARG B 236 -14.94 28.47 -33.89
CA ARG B 236 -16.23 27.83 -34.09
C ARG B 236 -16.42 26.64 -33.17
N GLU B 237 -15.33 26.18 -32.56
CA GLU B 237 -15.41 25.04 -31.66
C GLU B 237 -16.10 25.41 -30.37
N THR B 238 -16.75 26.58 -30.39
CA THR B 238 -17.52 27.10 -29.27
C THR B 238 -18.92 26.58 -29.58
N LEU B 239 -18.95 25.45 -30.26
CA LEU B 239 -20.16 24.77 -30.72
C LEU B 239 -21.27 24.32 -29.78
N MET B 240 -22.23 23.64 -30.39
CA MET B 240 -23.43 23.12 -29.73
C MET B 240 -24.15 24.24 -29.01
N GLU B 241 -24.41 25.31 -29.75
CA GLU B 241 -25.09 26.49 -29.25
C GLU B 241 -26.52 26.55 -29.78
N PHE B 242 -26.64 26.29 -31.07
CA PHE B 242 -27.90 26.36 -31.77
C PHE B 242 -29.02 25.43 -31.30
N GLU B 243 -29.47 25.62 -30.07
CA GLU B 243 -30.59 24.82 -29.60
C GLU B 243 -31.76 25.24 -30.51
N GLU B 244 -31.49 26.24 -31.36
CA GLU B 244 -32.47 26.81 -32.30
C GLU B 244 -33.53 27.28 -31.34
N PRO B 245 -33.17 28.29 -30.52
CA PRO B 245 -33.88 28.99 -29.47
C PRO B 245 -34.99 29.97 -29.78
N HIS B 246 -35.23 30.79 -28.76
CA HIS B 246 -36.23 31.86 -28.72
C HIS B 246 -35.40 33.14 -28.64
N ALA B 247 -36.00 34.28 -28.95
CA ALA B 247 -35.28 35.56 -28.92
C ALA B 247 -34.73 35.89 -27.53
N THR B 248 -35.23 35.23 -26.50
CA THR B 248 -34.80 35.48 -25.13
C THR B 248 -33.40 34.96 -24.80
N LYS B 249 -33.17 33.68 -25.03
CA LYS B 249 -31.88 33.09 -24.72
C LYS B 249 -31.50 31.90 -25.60
N GLN B 250 -30.32 31.96 -26.18
CA GLN B 250 -29.83 30.88 -27.01
C GLN B 250 -28.75 30.20 -26.20
N SER B 251 -29.07 29.03 -25.65
CA SER B 251 -28.13 28.26 -24.86
C SER B 251 -26.80 28.18 -25.59
N VAL B 252 -25.75 28.64 -24.92
CA VAL B 252 -24.42 28.59 -25.51
C VAL B 252 -23.58 27.64 -24.67
N ILE B 253 -23.88 26.35 -24.78
CA ILE B 253 -23.14 25.34 -24.04
C ILE B 253 -21.68 25.30 -24.44
N ALA B 254 -20.79 25.35 -23.46
CA ALA B 254 -19.36 25.29 -23.73
C ALA B 254 -19.14 23.86 -24.18
N LEU B 255 -18.52 23.69 -25.34
CA LEU B 255 -18.28 22.35 -25.86
C LEU B 255 -17.38 21.54 -24.93
N GLY B 256 -17.86 20.36 -24.54
CA GLY B 256 -17.10 19.51 -23.65
C GLY B 256 -15.68 19.33 -24.13
N SER B 257 -14.71 19.57 -23.26
CA SER B 257 -13.29 19.42 -23.59
C SER B 257 -12.87 17.97 -23.38
N GLN B 258 -12.65 17.26 -24.47
CA GLN B 258 -12.26 15.86 -24.40
C GLN B 258 -10.82 15.61 -24.86
N GLU B 259 -9.87 15.66 -23.93
CA GLU B 259 -8.47 15.45 -24.26
C GLU B 259 -8.21 14.15 -25.01
N GLY B 260 -9.26 13.36 -25.19
CA GLY B 260 -9.10 12.11 -25.92
C GLY B 260 -8.69 12.39 -27.35
N ALA B 261 -9.32 13.39 -27.97
CA ALA B 261 -9.02 13.77 -29.34
C ALA B 261 -7.51 13.85 -29.55
N LEU B 262 -6.81 14.40 -28.56
CA LEU B 262 -5.38 14.53 -28.63
C LEU B 262 -4.74 13.19 -28.29
N HIS B 263 -4.85 12.83 -27.01
CA HIS B 263 -4.31 11.59 -26.49
C HIS B 263 -4.41 10.46 -27.51
N GLN B 264 -5.60 10.22 -28.04
CA GLN B 264 -5.81 9.15 -29.01
C GLN B 264 -4.72 9.08 -30.08
N ALA B 265 -4.26 10.24 -30.54
CA ALA B 265 -3.21 10.27 -31.56
C ALA B 265 -1.84 10.41 -30.90
N LEU B 266 -1.65 9.69 -29.80
CA LEU B 266 -0.40 9.72 -29.04
C LEU B 266 0.74 8.99 -29.74
N ALA B 267 0.66 7.67 -29.75
CA ALA B 267 1.67 6.81 -30.35
C ALA B 267 2.22 7.32 -31.68
N GLY B 268 1.33 7.79 -32.54
CA GLY B 268 1.75 8.30 -33.83
C GLY B 268 2.98 9.17 -33.73
N ALA B 269 2.84 10.27 -33.01
CA ALA B 269 3.93 11.23 -32.82
C ALA B 269 4.88 10.77 -31.69
N ILE B 270 6.16 10.87 -31.96
CA ILE B 270 7.17 10.48 -30.99
C ILE B 270 7.24 11.48 -29.84
N PRO B 271 7.41 11.00 -28.61
CA PRO B 271 7.49 11.86 -27.43
C PRO B 271 8.90 12.42 -27.25
N VAL B 272 9.03 13.62 -26.71
CA VAL B 272 10.33 14.24 -26.50
C VAL B 272 10.36 15.21 -25.33
N GLU B 273 11.43 15.16 -24.55
CA GLU B 273 11.56 16.06 -23.42
C GLU B 273 11.85 17.45 -23.97
N PHE B 274 11.13 18.43 -23.44
CA PHE B 274 11.29 19.81 -23.91
C PHE B 274 11.20 20.81 -22.75
N SER B 275 12.25 21.60 -22.60
CA SER B 275 12.29 22.64 -21.57
C SER B 275 11.92 23.92 -22.29
N SER B 276 11.29 24.85 -21.59
CA SER B 276 10.86 26.12 -22.18
C SER B 276 11.50 26.51 -23.52
N ASN B 277 12.83 26.43 -23.61
CA ASN B 277 13.54 26.81 -24.83
C ASN B 277 14.36 25.71 -25.50
N THR B 278 14.28 24.49 -24.99
CA THR B 278 15.10 23.44 -25.58
C THR B 278 14.42 22.14 -25.94
N VAL B 279 14.93 21.51 -26.99
CA VAL B 279 14.40 20.24 -27.47
C VAL B 279 15.55 19.25 -27.67
N LYS B 280 15.73 18.38 -26.68
CA LYS B 280 16.79 17.39 -26.79
C LYS B 280 16.39 16.33 -27.80
N LEU B 281 17.16 16.27 -28.88
CA LEU B 281 16.93 15.31 -29.95
C LEU B 281 17.67 14.05 -29.52
N THR B 282 16.99 12.91 -29.58
CA THR B 282 17.61 11.65 -29.16
C THR B 282 18.27 10.89 -30.31
N SER B 283 14.94 13.89 -31.41
CA SER B 283 15.14 13.17 -32.66
C SER B 283 16.32 13.75 -33.43
N GLY B 284 17.23 12.89 -33.88
CA GLY B 284 18.40 13.34 -34.62
C GLY B 284 19.51 12.31 -34.70
N HIS B 285 20.38 12.45 -35.70
CA HIS B 285 21.50 11.52 -35.88
C HIS B 285 22.74 12.30 -36.32
N LEU B 286 23.88 11.61 -36.44
CA LEU B 286 25.10 12.29 -36.85
C LEU B 286 26.10 11.36 -37.52
N LYS B 287 26.43 11.67 -38.76
CA LYS B 287 27.38 10.85 -39.51
C LYS B 287 28.78 11.32 -39.21
N CYS B 288 29.61 10.45 -38.65
CA CYS B 288 30.96 10.87 -38.36
C CYS B 288 32.00 10.00 -39.01
N ARG B 289 33.24 10.49 -39.01
CA ARG B 289 34.36 9.75 -39.56
C ARG B 289 35.43 9.80 -38.47
N VAL B 290 35.57 8.70 -37.73
CA VAL B 290 36.51 8.66 -36.64
C VAL B 290 37.95 8.41 -37.06
N LYS B 291 38.57 9.43 -37.65
CA LYS B 291 39.96 9.29 -38.08
C LYS B 291 40.79 9.05 -36.83
N MET B 292 41.66 8.05 -36.86
CA MET B 292 42.46 7.79 -35.69
C MET B 292 43.82 7.20 -35.96
N GLU B 293 44.54 7.79 -36.90
CA GLU B 293 45.87 7.31 -37.20
C GLU B 293 46.76 7.89 -36.11
N LYS B 294 46.16 8.76 -35.31
CA LYS B 294 46.86 9.42 -34.22
C LYS B 294 46.52 8.76 -32.88
N LEU B 295 45.71 7.69 -32.93
CA LEU B 295 45.35 6.96 -31.73
C LEU B 295 46.46 5.94 -31.55
N GLN B 296 47.04 5.86 -30.36
CA GLN B 296 48.15 4.94 -30.16
C GLN B 296 48.18 4.16 -28.84
N LEU B 297 48.74 2.96 -28.88
CA LEU B 297 48.84 2.13 -27.69
C LEU B 297 49.74 2.75 -26.66
N LYS B 298 49.77 2.12 -25.49
CA LYS B 298 50.58 2.58 -24.38
C LYS B 298 51.04 1.34 -23.62
N GLY B 299 51.99 1.50 -22.72
CA GLY B 299 52.48 0.37 -21.94
C GLY B 299 52.75 -0.87 -22.77
N THR B 300 53.41 -0.67 -23.91
CA THR B 300 53.74 -1.76 -24.83
C THR B 300 55.18 -2.25 -24.63
N THR B 301 55.94 -1.50 -23.85
CA THR B 301 57.33 -1.85 -23.58
C THR B 301 57.47 -2.55 -22.23
N TYR B 302 56.34 -2.95 -21.66
CA TYR B 302 56.35 -3.62 -20.36
C TYR B 302 56.39 -5.13 -20.56
N GLY B 303 56.76 -5.84 -19.49
CA GLY B 303 56.81 -7.30 -19.56
C GLY B 303 55.48 -7.90 -19.16
N VAL B 304 55.32 -9.20 -19.40
CA VAL B 304 54.08 -9.89 -19.07
C VAL B 304 53.95 -10.13 -17.58
N CYS B 305 52.73 -9.99 -17.05
CA CYS B 305 52.47 -10.22 -15.64
C CYS B 305 52.80 -11.67 -15.35
N SER B 306 53.61 -11.88 -14.33
CA SER B 306 54.01 -13.23 -13.93
C SER B 306 53.83 -13.41 -12.44
N LYS B 307 52.60 -13.72 -12.06
CA LYS B 307 52.21 -13.94 -10.68
C LYS B 307 50.77 -14.38 -10.81
N ALA B 308 50.22 -14.99 -9.76
CA ALA B 308 48.86 -15.50 -9.84
C ALA B 308 47.76 -14.47 -10.15
N PHE B 309 46.71 -14.94 -10.79
CA PHE B 309 45.57 -14.13 -11.15
C PHE B 309 44.29 -14.85 -10.74
N LYS B 310 43.46 -14.17 -9.95
CA LYS B 310 42.22 -14.77 -9.48
C LYS B 310 40.99 -14.07 -10.03
N PHE B 311 39.95 -14.85 -10.35
CA PHE B 311 38.69 -14.27 -10.82
C PHE B 311 37.98 -13.67 -9.61
N LEU B 312 37.19 -12.62 -9.81
CA LEU B 312 36.45 -12.04 -8.69
C LEU B 312 34.96 -12.31 -8.88
N GLY B 313 34.62 -13.32 -9.68
CA GLY B 313 33.21 -13.62 -9.90
C GLY B 313 32.86 -14.07 -11.30
N THR B 314 31.77 -14.83 -11.40
CA THR B 314 31.31 -15.33 -12.67
C THR B 314 31.20 -14.23 -13.69
N PRO B 315 31.85 -14.42 -14.85
CA PRO B 315 31.80 -13.40 -15.90
C PRO B 315 30.33 -13.14 -16.20
N ALA B 316 30.01 -11.95 -16.72
CA ALA B 316 28.61 -11.63 -17.02
C ALA B 316 28.37 -11.42 -18.51
N ASP B 317 27.14 -11.68 -18.95
CA ASP B 317 26.76 -11.51 -20.36
C ASP B 317 26.26 -10.09 -20.61
N THR B 318 26.94 -9.39 -21.51
CA THR B 318 26.58 -8.01 -21.85
C THR B 318 25.33 -7.98 -22.73
N GLY B 319 24.95 -9.14 -23.25
CA GLY B 319 23.80 -9.19 -24.12
C GLY B 319 24.26 -8.80 -25.51
N HIS B 320 25.57 -8.71 -25.71
CA HIS B 320 26.09 -8.35 -27.01
C HIS B 320 27.04 -9.38 -27.60
N GLY B 321 27.07 -10.57 -27.01
CA GLY B 321 27.95 -11.60 -27.53
C GLY B 321 29.33 -11.49 -26.91
N THR B 322 29.43 -10.65 -25.89
CA THR B 322 30.67 -10.47 -25.16
C THR B 322 30.33 -10.59 -23.69
N VAL B 323 31.35 -10.82 -22.89
CA VAL B 323 31.16 -10.98 -21.48
C VAL B 323 32.12 -10.04 -20.77
N VAL B 324 31.81 -9.75 -19.51
CA VAL B 324 32.65 -8.88 -18.71
C VAL B 324 33.09 -9.66 -17.49
N LEU B 325 34.17 -9.22 -16.88
CA LEU B 325 34.65 -9.86 -15.67
C LEU B 325 35.76 -9.00 -15.08
N GLU B 326 36.03 -9.23 -13.80
CA GLU B 326 37.07 -8.47 -13.13
C GLU B 326 38.09 -9.37 -12.45
N LEU B 327 39.35 -9.12 -12.74
CA LEU B 327 40.44 -9.88 -12.16
C LEU B 327 41.02 -9.16 -10.96
N GLN B 328 41.88 -9.87 -10.23
CA GLN B 328 42.60 -9.35 -9.07
C GLN B 328 44.00 -9.92 -9.26
N TYR B 329 45.02 -9.11 -9.05
CA TYR B 329 46.38 -9.58 -9.24
C TYR B 329 47.14 -9.80 -7.95
N THR B 330 47.52 -11.05 -7.67
CA THR B 330 48.29 -11.36 -6.48
C THR B 330 49.63 -10.66 -6.65
N GLY B 331 50.06 -10.54 -7.90
CA GLY B 331 51.31 -9.90 -8.24
C GLY B 331 51.71 -8.68 -7.43
N THR B 332 52.99 -8.64 -7.08
CA THR B 332 53.55 -7.53 -6.31
C THR B 332 54.22 -6.57 -7.29
N ASP B 333 54.66 -7.12 -8.42
CA ASP B 333 55.32 -6.33 -9.45
C ASP B 333 54.41 -5.23 -9.98
N GLY B 334 55.01 -4.26 -10.66
CA GLY B 334 54.25 -3.13 -11.18
C GLY B 334 53.48 -3.38 -12.46
N PRO B 335 53.24 -2.32 -13.25
CA PRO B 335 52.52 -2.35 -14.53
C PRO B 335 53.10 -3.36 -15.52
N CYS B 336 52.38 -4.48 -15.65
CA CYS B 336 52.75 -5.57 -16.54
C CYS B 336 51.51 -5.91 -17.36
N LYS B 337 51.71 -6.59 -18.49
CA LYS B 337 50.58 -6.96 -19.35
C LYS B 337 49.84 -8.15 -18.75
N VAL B 338 48.51 -8.15 -18.84
CA VAL B 338 47.69 -9.23 -18.29
C VAL B 338 47.58 -10.33 -19.32
N PRO B 339 48.05 -11.54 -19.00
CA PRO B 339 48.01 -12.68 -19.91
C PRO B 339 46.66 -13.37 -19.99
N ILE B 340 45.67 -12.69 -20.57
CA ILE B 340 44.36 -13.32 -20.68
C ILE B 340 43.93 -13.52 -22.11
N SER B 341 43.38 -14.69 -22.38
CA SER B 341 42.92 -15.04 -23.70
C SER B 341 41.75 -16.00 -23.57
N SER B 342 41.16 -16.33 -24.70
CA SER B 342 40.04 -17.25 -24.74
C SER B 342 40.48 -18.45 -25.55
N VAL B 343 40.49 -19.60 -24.88
CA VAL B 343 40.92 -20.84 -25.46
C VAL B 343 39.75 -21.79 -25.69
N ALA B 344 39.76 -22.47 -26.83
CA ALA B 344 38.70 -23.41 -27.19
C ALA B 344 38.67 -24.66 -26.32
N SER B 345 39.83 -25.07 -25.80
CA SER B 345 39.93 -26.24 -24.94
C SER B 345 41.17 -26.07 -24.10
N LEU B 346 41.14 -26.50 -22.85
CA LEU B 346 42.31 -26.35 -22.02
C LEU B 346 43.58 -26.68 -22.76
N ASN B 347 44.62 -25.93 -22.41
CA ASN B 347 45.96 -26.00 -22.99
C ASN B 347 46.08 -26.13 -24.53
N ASP B 348 45.33 -25.27 -25.24
CA ASP B 348 45.42 -25.19 -26.69
C ASP B 348 46.52 -24.17 -26.87
N LEU B 349 47.12 -24.08 -28.04
CA LEU B 349 48.18 -23.11 -28.22
C LEU B 349 47.68 -21.78 -28.75
N THR B 350 46.79 -21.85 -29.74
CA THR B 350 46.25 -20.65 -30.35
C THR B 350 44.90 -20.17 -29.80
N PRO B 351 44.80 -18.87 -29.47
CA PRO B 351 43.60 -18.23 -28.93
C PRO B 351 42.43 -18.34 -29.90
N VAL B 352 41.27 -17.85 -29.49
CA VAL B 352 40.08 -17.91 -30.33
C VAL B 352 39.11 -16.80 -29.94
N GLY B 353 39.31 -16.27 -28.75
CA GLY B 353 38.43 -15.21 -28.32
C GLY B 353 39.12 -13.88 -28.44
N ARG B 354 38.51 -12.95 -29.19
CA ARG B 354 39.07 -11.62 -29.37
C ARG B 354 38.71 -10.78 -28.14
N LEU B 355 39.67 -10.01 -27.66
CA LEU B 355 39.44 -9.16 -26.51
C LEU B 355 38.90 -7.80 -26.91
N VAL B 356 37.84 -7.33 -26.25
CA VAL B 356 37.38 -6.00 -26.54
C VAL B 356 38.44 -5.12 -25.89
N THR B 357 38.70 -5.37 -24.61
CA THR B 357 39.71 -4.64 -23.86
C THR B 357 41.10 -5.04 -24.32
N VAL B 358 41.45 -4.67 -25.54
CA VAL B 358 42.75 -5.05 -26.08
C VAL B 358 43.94 -4.55 -25.26
N ASN B 359 45.03 -5.31 -25.33
CA ASN B 359 46.26 -5.01 -24.61
C ASN B 359 45.99 -4.57 -23.19
N PRO B 360 45.40 -5.46 -22.38
CA PRO B 360 45.07 -5.19 -20.98
C PRO B 360 46.33 -5.16 -20.14
N PHE B 361 46.26 -4.56 -18.96
CA PHE B 361 47.43 -4.57 -18.10
C PHE B 361 47.21 -3.91 -16.75
N VAL B 362 47.85 -4.46 -15.72
CA VAL B 362 47.72 -3.96 -14.38
C VAL B 362 48.31 -2.57 -14.33
N SER B 363 47.42 -1.59 -14.14
CA SER B 363 47.77 -0.20 -14.09
C SER B 363 48.81 0.19 -13.04
N VAL B 364 48.64 -0.30 -11.82
CA VAL B 364 49.54 0.05 -10.73
C VAL B 364 50.53 -1.04 -10.35
N ALA B 365 51.50 -0.69 -9.51
CA ALA B 365 52.53 -1.61 -9.04
C ALA B 365 52.13 -2.08 -7.64
N THR B 366 51.03 -1.52 -7.16
CA THR B 366 50.45 -1.84 -5.85
C THR B 366 49.74 -3.19 -5.96
N ALA B 367 50.39 -4.25 -5.48
CA ALA B 367 49.79 -5.59 -5.54
C ALA B 367 48.28 -5.61 -5.32
N ASN B 368 47.65 -6.72 -5.71
CA ASN B 368 46.21 -6.95 -5.62
C ASN B 368 45.33 -5.84 -6.23
N ALA B 369 45.69 -5.45 -7.45
CA ALA B 369 44.96 -4.44 -8.20
C ALA B 369 43.86 -5.15 -9.00
N LYS B 370 42.78 -4.43 -9.30
CA LYS B 370 41.72 -5.05 -10.07
C LYS B 370 41.79 -4.70 -11.54
N VAL B 371 41.32 -5.60 -12.39
CA VAL B 371 41.33 -5.34 -13.81
C VAL B 371 40.01 -5.72 -14.44
N LEU B 372 39.36 -4.79 -15.12
CA LEU B 372 38.09 -5.11 -15.77
C LEU B 372 38.40 -5.59 -17.17
N ILE B 373 37.63 -6.56 -17.64
CA ILE B 373 37.84 -7.07 -18.98
C ILE B 373 36.58 -7.51 -19.69
N GLU B 374 36.44 -7.01 -20.91
CA GLU B 374 35.31 -7.38 -21.74
C GLU B 374 35.92 -8.07 -22.94
N LEU B 375 35.38 -9.24 -23.26
CA LEU B 375 35.86 -10.03 -24.37
C LEU B 375 34.71 -10.79 -24.99
N GLU B 376 34.84 -11.09 -26.28
CA GLU B 376 33.84 -11.85 -27.00
C GLU B 376 34.36 -13.26 -27.12
N PRO B 377 33.66 -14.20 -26.49
CA PRO B 377 34.16 -15.58 -26.60
C PRO B 377 33.56 -16.24 -27.85
N PRO B 378 34.11 -17.38 -28.27
CA PRO B 378 33.55 -18.05 -29.44
C PRO B 378 32.20 -18.64 -29.07
N PHE B 379 31.41 -19.03 -30.07
CA PHE B 379 30.12 -19.63 -29.77
C PHE B 379 30.37 -20.99 -29.15
N GLY B 380 29.33 -21.53 -28.51
CA GLY B 380 29.47 -22.80 -27.85
C GLY B 380 30.39 -22.66 -26.65
N ASP B 381 30.86 -23.79 -26.13
CA ASP B 381 31.73 -23.75 -24.97
C ASP B 381 33.14 -23.30 -25.32
N SER B 382 33.79 -22.68 -24.35
CA SER B 382 35.15 -22.17 -24.49
C SER B 382 35.71 -21.93 -23.10
N TYR B 383 36.97 -21.57 -23.03
CA TYR B 383 37.60 -21.29 -21.76
C TYR B 383 38.28 -19.94 -21.73
N ILE B 384 38.10 -19.20 -20.64
CA ILE B 384 38.78 -17.93 -20.49
C ILE B 384 39.96 -18.35 -19.66
N VAL B 385 41.13 -17.78 -19.90
CA VAL B 385 42.29 -18.19 -19.13
C VAL B 385 43.22 -17.02 -18.87
N VAL B 386 43.84 -17.02 -17.69
CA VAL B 386 44.74 -15.95 -17.33
C VAL B 386 46.03 -16.55 -16.75
N GLY B 387 47.18 -16.09 -17.26
CA GLY B 387 48.46 -16.61 -16.81
C GLY B 387 48.72 -17.88 -17.60
N ARG B 388 49.78 -18.61 -17.29
CA ARG B 388 50.04 -19.85 -18.02
C ARG B 388 50.73 -20.88 -17.15
N GLY B 389 50.64 -22.14 -17.58
CA GLY B 389 51.27 -23.22 -16.84
C GLY B 389 50.55 -23.50 -15.53
N GLU B 390 51.31 -23.50 -14.46
CA GLU B 390 50.75 -23.80 -13.16
C GLU B 390 50.32 -22.55 -12.39
N GLN B 391 50.45 -21.41 -13.02
CA GLN B 391 50.01 -20.16 -12.41
C GLN B 391 48.60 -19.99 -12.94
N GLN B 392 48.47 -20.24 -14.24
CA GLN B 392 47.24 -20.14 -14.99
C GLN B 392 45.98 -20.64 -14.32
N ILE B 393 44.91 -19.84 -14.44
CA ILE B 393 43.61 -20.20 -13.91
C ILE B 393 42.71 -20.25 -15.13
N ASN B 394 41.45 -20.60 -14.94
CA ASN B 394 40.55 -20.66 -16.08
C ASN B 394 39.13 -20.71 -15.60
N HIS B 395 38.23 -20.41 -16.52
CA HIS B 395 36.83 -20.43 -16.20
C HIS B 395 36.16 -20.69 -17.55
N HIS B 396 35.26 -21.67 -17.56
CA HIS B 396 34.58 -22.07 -18.78
C HIS B 396 33.41 -21.18 -19.13
N TRP B 397 33.00 -21.20 -20.39
CA TRP B 397 31.88 -20.39 -20.85
C TRP B 397 31.28 -20.99 -22.11
N HIS B 398 29.98 -20.78 -22.28
CA HIS B 398 29.29 -21.30 -23.45
C HIS B 398 28.35 -20.24 -24.07
N LYS B 399 28.72 -19.77 -25.25
CA LYS B 399 27.95 -18.76 -25.97
C LYS B 399 26.90 -19.50 -26.78
N SER B 400 25.84 -18.79 -27.19
CA SER B 400 24.76 -19.37 -27.98
C SER B 400 24.36 -18.52 -29.20
N PHE C 1 -48.28 25.58 -24.18
CA PHE C 1 -49.38 24.66 -23.75
C PHE C 1 -50.37 24.44 -24.90
N ASN C 2 -50.16 25.19 -25.98
CA ASN C 2 -50.99 25.08 -27.17
C ASN C 2 -49.99 24.98 -28.31
N CYS C 3 -50.46 24.71 -29.52
CA CYS C 3 -49.55 24.53 -30.64
C CYS C 3 -49.06 25.73 -31.43
N LEU C 4 -49.92 26.73 -31.64
CA LEU C 4 -49.53 27.88 -32.45
C LEU C 4 -48.16 28.48 -32.19
N GLY C 5 -47.37 28.59 -33.25
CA GLY C 5 -46.04 29.18 -33.14
C GLY C 5 -44.89 28.20 -32.95
N MET C 6 -45.21 26.97 -32.58
CA MET C 6 -44.20 25.96 -32.37
C MET C 6 -43.73 25.36 -33.71
N SER C 7 -42.46 24.96 -33.79
CA SER C 7 -41.99 24.37 -35.04
C SER C 7 -42.25 22.86 -35.09
N ASN C 8 -42.44 22.24 -33.92
CA ASN C 8 -42.70 20.80 -33.86
C ASN C 8 -44.19 20.55 -33.73
N ARG C 9 -44.92 20.96 -34.74
CA ARG C 9 -46.37 20.80 -34.70
C ARG C 9 -46.83 19.79 -35.78
N ASP C 10 -47.88 19.05 -35.47
CA ASP C 10 -48.46 18.06 -36.38
C ASP C 10 -49.99 18.19 -36.32
N PHE C 11 -50.62 18.25 -37.48
CA PHE C 11 -52.07 18.37 -37.54
C PHE C 11 -52.68 17.01 -37.76
N LEU C 12 -53.77 16.73 -37.08
CA LEU C 12 -54.41 15.43 -37.21
C LEU C 12 -55.91 15.46 -37.31
N GLU C 13 -56.39 14.50 -38.09
CA GLU C 13 -57.81 14.26 -38.31
C GLU C 13 -57.80 12.78 -38.01
N GLY C 14 -58.14 12.43 -36.78
CA GLY C 14 -58.13 11.04 -36.37
C GLY C 14 -58.46 10.02 -37.45
N VAL C 15 -59.75 9.79 -37.62
CA VAL C 15 -60.24 8.84 -38.60
C VAL C 15 -61.52 9.42 -39.18
N SER C 16 -62.23 8.61 -39.94
CA SER C 16 -63.50 9.02 -40.52
C SER C 16 -64.58 8.61 -39.52
N GLY C 17 -65.38 9.57 -39.06
CA GLY C 17 -66.42 9.25 -38.10
C GLY C 17 -65.84 8.76 -36.78
N ALA C 18 -64.62 9.17 -36.49
CA ALA C 18 -63.96 8.74 -35.26
C ALA C 18 -64.16 9.75 -34.14
N THR C 19 -64.50 9.25 -32.95
CA THR C 19 -64.71 10.10 -31.78
C THR C 19 -63.45 10.05 -30.94
N TRP C 20 -62.47 9.32 -31.44
CA TRP C 20 -61.20 9.17 -30.77
C TRP C 20 -60.09 9.12 -31.80
N VAL C 21 -58.85 9.29 -31.36
CA VAL C 21 -57.68 9.27 -32.23
C VAL C 21 -56.50 8.71 -31.46
N ASP C 22 -55.62 8.02 -32.15
CA ASP C 22 -54.45 7.48 -31.49
C ASP C 22 -53.37 8.46 -31.86
N LEU C 23 -52.49 8.74 -30.91
CA LEU C 23 -51.46 9.75 -31.14
C LEU C 23 -50.11 9.46 -30.47
N VAL C 24 -49.11 10.27 -30.82
CA VAL C 24 -47.78 10.16 -30.25
C VAL C 24 -47.27 11.54 -29.91
N LEU C 25 -46.87 11.74 -28.65
CA LEU C 25 -46.36 13.01 -28.16
C LEU C 25 -44.91 12.85 -27.75
N GLU C 26 -44.11 13.90 -27.90
CA GLU C 26 -42.70 13.86 -27.52
C GLU C 26 -42.15 15.22 -27.10
N GLY C 27 -41.21 15.20 -26.18
CA GLY C 27 -40.56 16.41 -25.67
C GLY C 27 -41.12 17.77 -26.04
N ASP C 28 -40.41 18.48 -26.90
CA ASP C 28 -40.78 19.82 -27.33
C ASP C 28 -41.81 19.87 -28.46
N SER C 29 -42.60 18.82 -28.64
CA SER C 29 -43.58 18.84 -29.72
C SER C 29 -45.03 19.06 -29.29
N CYS C 30 -45.87 19.39 -30.27
CA CYS C 30 -47.30 19.66 -30.03
C CYS C 30 -48.08 19.00 -31.15
N VAL C 31 -49.38 18.85 -30.94
CA VAL C 31 -50.28 18.28 -31.93
C VAL C 31 -51.67 18.93 -31.92
N THR C 32 -52.13 19.32 -33.11
CA THR C 32 -53.45 19.91 -33.26
C THR C 32 -54.31 18.81 -33.87
N ILE C 33 -55.49 18.62 -33.29
CA ILE C 33 -56.41 17.58 -33.72
C ILE C 33 -57.75 18.16 -34.13
N MET C 34 -58.22 17.73 -35.30
CA MET C 34 -59.49 18.20 -35.85
C MET C 34 -60.46 17.04 -35.96
N SER C 35 -61.74 17.35 -35.79
CA SER C 35 -62.78 16.36 -35.84
C SER C 35 -64.10 16.99 -36.22
N LYS C 36 -64.72 16.46 -37.27
CA LYS C 36 -65.99 16.98 -37.73
C LYS C 36 -66.92 17.41 -36.61
N ASP C 37 -67.56 18.56 -36.80
CA ASP C 37 -68.52 19.09 -35.84
C ASP C 37 -68.04 19.18 -34.38
N LYS C 38 -66.73 19.26 -34.18
CA LYS C 38 -66.23 19.38 -32.82
C LYS C 38 -65.06 20.34 -32.76
N PRO C 39 -64.88 20.97 -31.60
CA PRO C 39 -63.78 21.92 -31.44
C PRO C 39 -62.43 21.30 -31.81
N THR C 40 -61.46 22.15 -32.11
CA THR C 40 -60.13 21.68 -32.43
C THR C 40 -59.42 21.75 -31.09
N ILE C 41 -58.40 20.92 -30.89
CA ILE C 41 -57.68 20.92 -29.63
C ILE C 41 -56.22 20.66 -29.89
N ASP C 42 -55.39 20.93 -28.89
CA ASP C 42 -53.97 20.71 -29.06
C ASP C 42 -53.48 19.91 -27.87
N VAL C 43 -52.94 18.73 -28.14
CA VAL C 43 -52.41 17.90 -27.08
C VAL C 43 -50.94 18.18 -27.15
N LYS C 44 -50.29 18.33 -25.99
CA LYS C 44 -48.88 18.68 -25.96
C LYS C 44 -48.22 18.18 -24.70
N MET C 45 -47.05 17.57 -24.83
CA MET C 45 -46.35 17.08 -23.67
C MET C 45 -45.47 18.20 -23.22
N MET C 46 -45.67 18.58 -21.97
CA MET C 46 -44.94 19.66 -21.35
C MET C 46 -43.64 19.25 -20.69
N ASN C 47 -43.71 18.35 -19.72
CA ASN C 47 -42.52 17.95 -18.99
C ASN C 47 -42.41 16.44 -18.72
N MET C 48 -41.16 15.97 -18.61
CA MET C 48 -40.83 14.57 -18.32
C MET C 48 -39.92 14.59 -17.07
N GLU C 49 -40.37 14.03 -15.96
CA GLU C 49 -39.55 14.05 -14.74
C GLU C 49 -39.61 12.78 -13.90
N ALA C 50 -38.54 12.56 -13.14
CA ALA C 50 -38.43 11.43 -12.23
C ALA C 50 -38.64 12.04 -10.85
N ALA C 51 -39.83 11.84 -10.30
CA ALA C 51 -40.16 12.40 -9.00
C ALA C 51 -40.13 11.38 -7.89
N ASN C 52 -35.00 8.78 -9.04
CA ASN C 52 -34.48 7.67 -8.23
C ASN C 52 -33.50 6.81 -9.03
N LEU C 53 -32.48 7.45 -9.62
CA LEU C 53 -31.50 6.71 -10.42
C LEU C 53 -30.42 6.03 -9.60
N ALA C 54 -29.62 5.23 -10.29
CA ALA C 54 -28.53 4.49 -9.67
C ALA C 54 -27.32 4.39 -10.59
N GLU C 55 -26.14 4.57 -10.00
CA GLU C 55 -24.88 4.53 -10.71
C GLU C 55 -24.58 3.11 -11.20
N VAL C 56 -23.73 3.00 -12.22
CA VAL C 56 -23.38 1.71 -12.80
C VAL C 56 -21.87 1.54 -12.98
N ARG C 57 -21.21 2.57 -13.50
CA ARG C 57 -19.78 2.53 -13.74
C ARG C 57 -19.16 3.90 -13.43
N SER C 58 -17.85 4.03 -13.56
CA SER C 58 -17.20 5.31 -13.29
C SER C 58 -15.78 5.39 -13.86
N TYR C 59 -15.64 5.91 -15.08
CA TYR C 59 -14.33 6.03 -15.69
C TYR C 59 -13.67 7.29 -15.16
N CYS C 60 -12.36 7.24 -14.96
CA CYS C 60 -11.63 8.38 -14.44
C CYS C 60 -10.62 8.97 -15.40
N TYR C 61 -10.24 10.21 -15.07
CA TYR C 61 -9.22 10.94 -15.78
C TYR C 61 -8.41 11.17 -14.51
N LEU C 62 -7.10 10.97 -14.55
CA LEU C 62 -6.39 11.04 -13.28
C LEU C 62 -5.16 11.86 -12.92
N ALA C 63 -4.91 11.84 -11.59
CA ALA C 63 -3.82 12.53 -10.93
C ALA C 63 -2.74 11.60 -10.34
N THR C 64 -2.84 11.30 -9.05
CA THR C 64 -1.87 10.47 -8.32
C THR C 64 -1.06 9.43 -9.12
N VAL C 65 0.11 9.88 -9.53
CA VAL C 65 1.12 9.14 -10.28
C VAL C 65 2.36 9.85 -9.76
N SER C 66 2.43 9.92 -8.43
CA SER C 66 3.50 10.60 -7.72
C SER C 66 4.51 9.70 -7.02
N ASP C 67 4.03 8.81 -6.15
CA ASP C 67 4.93 7.91 -5.43
C ASP C 67 5.54 6.86 -6.35
N LEU C 68 6.78 6.46 -6.07
CA LEU C 68 7.45 5.47 -6.90
C LEU C 68 8.06 4.35 -6.08
N SER C 69 8.50 3.30 -6.77
CA SER C 69 9.12 2.13 -6.15
C SER C 69 9.84 1.33 -7.22
N THR C 70 10.96 0.71 -6.85
CA THR C 70 11.75 -0.09 -7.79
C THR C 70 12.49 -1.24 -7.10
N LYS C 71 11.79 -2.33 -6.82
CA LYS C 71 12.39 -3.50 -6.18
C LYS C 71 13.37 -4.15 -7.14
N ALA C 72 14.65 -4.06 -6.83
CA ALA C 72 15.68 -4.61 -7.70
C ALA C 72 16.11 -6.03 -7.36
N ALA C 73 16.42 -6.79 -8.41
CA ALA C 73 16.86 -8.17 -8.30
C ALA C 73 18.01 -8.39 -9.29
N CYS C 74 19.12 -8.90 -8.78
CA CYS C 74 20.31 -9.16 -9.56
C CYS C 74 20.09 -10.35 -10.48
N PRO C 75 20.89 -10.46 -11.55
CA PRO C 75 20.77 -11.57 -12.51
C PRO C 75 20.87 -12.90 -11.79
N THR C 76 20.09 -13.87 -12.25
CA THR C 76 20.04 -15.22 -11.70
C THR C 76 19.54 -15.30 -10.26
N MET C 77 19.20 -14.13 -9.70
CA MET C 77 18.66 -14.03 -8.33
C MET C 77 17.14 -14.15 -8.38
N GLY C 78 16.62 -14.40 -9.57
CA GLY C 78 15.18 -14.56 -9.74
C GLY C 78 14.42 -13.30 -10.03
N GLU C 79 13.15 -13.29 -9.64
CA GLU C 79 12.26 -12.16 -9.82
C GLU C 79 12.36 -11.17 -8.66
N ALA C 80 11.68 -10.04 -8.79
CA ALA C 80 11.68 -9.02 -7.75
C ALA C 80 10.27 -8.84 -7.23
N HIS C 81 10.11 -8.84 -5.91
CA HIS C 81 8.80 -8.66 -5.31
C HIS C 81 8.78 -7.36 -4.51
N ASN C 82 7.98 -6.41 -4.97
CA ASN C 82 7.88 -5.13 -4.27
C ASN C 82 6.84 -5.22 -3.17
N ASP C 83 7.21 -4.78 -1.98
CA ASP C 83 6.28 -4.84 -0.86
C ASP C 83 4.99 -4.09 -1.20
N LYS C 84 5.09 -3.11 -2.09
CA LYS C 84 3.94 -2.33 -2.51
C LYS C 84 3.06 -3.20 -3.41
N ARG C 85 3.03 -4.50 -3.13
CA ARG C 85 2.23 -5.42 -3.92
C ARG C 85 1.18 -6.09 -3.03
N ALA C 86 1.23 -5.77 -1.73
CA ALA C 86 0.31 -6.33 -0.74
C ALA C 86 -1.06 -5.64 -0.79
N ASP C 87 -1.04 -4.33 -1.01
CA ASP C 87 -2.26 -3.53 -1.08
C ASP C 87 -2.31 -2.70 -2.35
N PRO C 88 -3.51 -2.51 -2.93
CA PRO C 88 -3.67 -1.71 -4.15
C PRO C 88 -3.15 -0.29 -3.97
N ALA C 89 -2.35 -0.09 -2.92
CA ALA C 89 -1.75 1.19 -2.62
C ALA C 89 -1.05 1.69 -3.89
N PHE C 90 -0.51 0.74 -4.65
CA PHE C 90 0.20 1.05 -5.88
C PHE C 90 -0.06 0.00 -6.96
N VAL C 91 0.30 0.33 -8.19
CA VAL C 91 0.16 -0.59 -9.32
C VAL C 91 1.58 -1.00 -9.69
N CYS C 92 1.86 -2.30 -9.64
CA CYS C 92 3.19 -2.79 -9.95
C CYS C 92 3.28 -3.51 -11.29
N ARG C 93 4.47 -3.47 -11.89
CA ARG C 93 4.73 -4.13 -13.16
C ARG C 93 6.21 -4.49 -13.25
N GLN C 94 6.49 -5.74 -13.59
CA GLN C 94 7.86 -6.21 -13.69
C GLN C 94 8.53 -5.97 -15.05
N GLY C 95 9.86 -5.97 -15.02
CA GLY C 95 10.66 -5.77 -16.21
C GLY C 95 12.05 -6.27 -15.90
N VAL C 96 12.97 -6.16 -16.87
CA VAL C 96 14.34 -6.61 -16.67
C VAL C 96 15.35 -5.58 -17.16
N VAL C 97 16.48 -5.47 -16.47
CA VAL C 97 17.49 -4.51 -16.88
C VAL C 97 18.87 -5.10 -17.08
N ASP C 98 19.48 -4.74 -18.19
CA ASP C 98 20.81 -5.21 -18.52
C ASP C 98 21.76 -4.60 -17.51
N ARG C 99 22.49 -5.43 -16.78
CA ARG C 99 23.43 -4.92 -15.80
C ARG C 99 24.49 -5.91 -15.31
N GLY C 100 25.22 -5.49 -14.28
CA GLY C 100 26.26 -6.33 -13.72
C GLY C 100 27.21 -5.57 -12.82
N TRP C 101 28.52 -5.73 -13.05
CA TRP C 101 29.52 -5.04 -12.25
C TRP C 101 29.25 -3.56 -12.32
N GLY C 102 29.23 -3.04 -13.55
CA GLY C 102 28.99 -1.63 -13.77
C GLY C 102 28.08 -1.01 -12.72
N ASN C 103 27.01 -1.72 -12.34
CA ASN C 103 26.10 -1.17 -11.36
C ASN C 103 25.82 -2.06 -10.15
N GLY C 104 26.88 -2.39 -9.43
CA GLY C 104 26.74 -3.19 -8.23
C GLY C 104 26.40 -4.66 -8.31
N CYS C 105 26.10 -5.20 -9.49
CA CYS C 105 25.80 -6.62 -9.48
C CYS C 105 27.00 -7.50 -9.86
N GLY C 106 27.05 -8.69 -9.26
CA GLY C 106 28.13 -9.64 -9.46
C GLY C 106 28.28 -10.30 -10.82
N LEU C 107 27.19 -10.68 -11.48
CA LEU C 107 27.29 -11.31 -12.79
C LEU C 107 26.69 -10.34 -13.81
N PHE C 108 26.84 -10.65 -15.10
CA PHE C 108 26.33 -9.79 -16.17
C PHE C 108 25.15 -10.38 -16.93
N GLY C 109 24.10 -9.58 -17.07
CA GLY C 109 22.93 -10.06 -17.76
C GLY C 109 21.66 -9.42 -17.23
N LYS C 110 20.52 -9.96 -17.64
CA LYS C 110 19.22 -9.45 -17.23
C LYS C 110 18.82 -9.69 -15.79
N GLY C 111 18.52 -8.60 -15.10
CA GLY C 111 18.08 -8.67 -13.72
C GLY C 111 16.62 -8.30 -13.59
N SER C 112 15.93 -8.92 -12.64
CA SER C 112 14.52 -8.65 -12.41
C SER C 112 14.28 -7.21 -11.94
N ILE C 113 13.04 -6.77 -12.11
CA ILE C 113 12.62 -5.41 -11.72
C ILE C 113 11.09 -5.38 -11.55
N ASP C 114 10.61 -4.91 -10.41
CA ASP C 114 9.18 -4.81 -10.14
C ASP C 114 8.86 -3.53 -9.40
N THR C 115 8.57 -2.48 -10.16
CA THR C 115 8.26 -1.16 -9.60
C THR C 115 6.76 -0.94 -9.36
N CYS C 116 6.43 0.13 -8.65
CA CYS C 116 5.02 0.41 -8.38
C CYS C 116 4.72 1.91 -8.26
N ALA C 117 3.54 2.30 -8.73
CA ALA C 117 3.07 3.69 -8.68
C ALA C 117 1.71 3.69 -7.95
N LYS C 118 1.32 4.82 -7.37
CA LYS C 118 0.06 4.87 -6.64
C LYS C 118 -1.18 5.21 -7.46
N PHE C 119 -2.35 4.84 -6.94
CA PHE C 119 -3.58 5.12 -7.67
C PHE C 119 -4.84 5.47 -6.88
N ALA C 120 -5.35 6.67 -7.18
CA ALA C 120 -6.57 7.24 -6.60
C ALA C 120 -7.17 8.03 -7.77
N CYS C 121 -8.45 8.39 -7.67
CA CYS C 121 -9.08 9.10 -8.78
C CYS C 121 -9.39 10.58 -8.54
N SER C 122 -9.44 11.33 -9.64
CA SER C 122 -9.72 12.77 -9.64
C SER C 122 -11.09 13.07 -10.21
N THR C 123 -11.17 13.23 -11.53
CA THR C 123 -12.43 13.52 -12.21
C THR C 123 -13.08 12.24 -12.74
N LYS C 124 -14.10 11.77 -12.02
CA LYS C 124 -14.84 10.54 -12.38
C LYS C 124 -15.96 10.78 -13.39
N ALA C 125 -15.74 10.36 -14.64
CA ALA C 125 -16.77 10.52 -15.66
C ALA C 125 -17.90 9.52 -15.36
N ILE C 126 -18.58 9.75 -14.25
CA ILE C 126 -19.68 8.89 -13.78
C ILE C 126 -20.82 8.66 -14.77
N GLY C 127 -21.51 7.53 -14.59
CA GLY C 127 -22.62 7.18 -15.45
C GLY C 127 -23.61 6.32 -14.69
N ARG C 128 -24.90 6.38 -15.06
CA ARG C 128 -25.92 5.60 -14.36
C ARG C 128 -27.00 4.98 -15.26
N THR C 129 -27.99 4.32 -14.63
CA THR C 129 -29.09 3.66 -15.33
C THR C 129 -30.46 4.31 -15.16
N ILE C 130 -31.39 3.92 -16.01
CA ILE C 130 -32.74 4.44 -15.97
C ILE C 130 -33.78 3.33 -16.05
N LEU C 131 -34.14 2.78 -14.89
CA LEU C 131 -35.15 1.72 -14.82
C LEU C 131 -36.42 2.28 -15.44
N LYS C 132 -37.16 1.45 -16.18
CA LYS C 132 -38.41 1.92 -16.76
C LYS C 132 -39.30 2.29 -15.58
N GLU C 133 -41.60 3.66 -11.41
CA GLU C 133 -42.80 4.15 -10.74
C GLU C 133 -42.66 5.64 -10.41
N ASN C 134 -41.45 6.17 -10.59
CA ASN C 134 -41.19 7.58 -10.31
C ASN C 134 -41.33 8.44 -11.57
N ILE C 135 -41.72 7.82 -12.67
CA ILE C 135 -41.90 8.55 -13.92
C ILE C 135 -43.30 9.13 -14.04
N LYS C 136 -43.37 10.45 -14.13
CA LYS C 136 -44.63 11.16 -14.24
C LYS C 136 -44.56 12.04 -15.47
N TYR C 137 -45.67 12.11 -16.19
CA TYR C 137 -45.74 12.93 -17.39
C TYR C 137 -46.65 14.13 -17.18
N GLU C 138 -46.38 15.22 -17.90
CA GLU C 138 -47.19 16.42 -17.78
C GLU C 138 -47.70 16.82 -19.16
N VAL C 139 -48.97 16.53 -19.40
CA VAL C 139 -49.59 16.84 -20.68
C VAL C 139 -50.51 18.03 -20.56
N ALA C 140 -50.42 18.94 -21.52
CA ALA C 140 -51.27 20.12 -21.52
C ALA C 140 -52.21 20.12 -22.71
N ILE C 141 -53.50 20.32 -22.45
CA ILE C 141 -54.50 20.35 -23.50
C ILE C 141 -55.12 21.73 -23.70
N PHE C 142 -55.14 22.19 -24.94
CA PHE C 142 -55.73 23.46 -25.30
C PHE C 142 -57.01 23.25 -26.15
N VAL C 143 -57.90 24.24 -26.16
CA VAL C 143 -59.12 24.17 -26.93
C VAL C 143 -59.20 25.40 -27.82
N HIS C 144 -59.30 25.19 -29.13
CA HIS C 144 -59.34 26.28 -30.10
C HIS C 144 -60.62 27.09 -30.08
N GLY C 145 -61.02 27.45 -28.86
CA GLY C 145 -62.19 28.27 -28.71
C GLY C 145 -61.74 29.70 -28.98
N PRO C 146 -62.65 30.66 -28.87
CA PRO C 146 -62.34 32.07 -29.11
C PRO C 146 -61.05 32.52 -28.49
N THR C 147 -60.28 33.30 -29.25
CA THR C 147 -59.01 33.85 -28.79
C THR C 147 -58.63 35.08 -29.60
N THR C 148 -57.51 35.68 -29.20
CA THR C 148 -56.97 36.86 -29.87
C THR C 148 -55.48 36.64 -29.91
N VAL C 149 -54.80 37.36 -30.78
CA VAL C 149 -53.36 37.24 -30.86
C VAL C 149 -52.87 37.25 -29.43
N GLU C 150 -53.39 38.18 -28.65
CA GLU C 150 -53.03 38.33 -27.25
C GLU C 150 -53.20 37.05 -26.40
N SER C 151 -54.44 36.84 -25.98
CA SER C 151 -54.84 35.72 -25.15
C SER C 151 -54.49 34.32 -25.65
N HIS C 152 -54.07 34.19 -26.91
CA HIS C 152 -53.81 32.85 -27.39
C HIS C 152 -52.71 32.10 -26.65
N GLY C 153 -51.70 32.83 -26.20
CA GLY C 153 -50.60 32.16 -25.52
C GLY C 153 -50.62 32.27 -24.02
N ASN C 154 -51.55 33.04 -23.47
CA ASN C 154 -51.63 33.20 -22.02
C ASN C 154 -52.31 31.99 -21.41
N TYR C 155 -51.54 31.19 -20.68
CA TYR C 155 -52.10 30.01 -20.06
C TYR C 155 -53.21 30.39 -19.11
N SER C 156 -52.95 31.45 -18.35
CA SER C 156 -53.90 31.96 -17.36
C SER C 156 -55.25 32.22 -18.01
N THR C 157 -55.30 33.26 -18.82
CA THR C 157 -56.51 33.64 -19.53
C THR C 157 -57.26 32.40 -19.98
N GLN C 158 -56.55 31.54 -20.70
CA GLN C 158 -57.14 30.32 -21.25
C GLN C 158 -57.77 29.41 -20.22
N VAL C 159 -57.03 29.14 -19.13
CA VAL C 159 -57.59 28.31 -18.07
C VAL C 159 -58.88 29.02 -17.63
N GLY C 160 -58.74 30.31 -17.32
CA GLY C 160 -59.88 31.10 -16.92
C GLY C 160 -61.04 30.90 -17.87
N ALA C 161 -60.75 30.97 -19.17
CA ALA C 161 -61.79 30.79 -20.17
C ALA C 161 -62.19 29.33 -20.30
N THR C 162 -61.59 28.46 -19.49
CA THR C 162 -61.85 27.01 -19.53
C THR C 162 -61.60 26.49 -20.94
N GLN C 163 -60.51 26.96 -21.52
CA GLN C 163 -60.11 26.57 -22.85
C GLN C 163 -58.70 26.04 -22.80
N ALA C 164 -58.31 25.51 -21.65
CA ALA C 164 -56.98 24.95 -21.47
C ALA C 164 -56.91 24.14 -20.20
N GLY C 165 -55.85 23.35 -20.07
CA GLY C 165 -55.67 22.54 -18.88
C GLY C 165 -54.30 21.90 -18.89
N ARG C 166 -53.83 21.53 -17.72
CA ARG C 166 -52.52 20.89 -17.62
C ARG C 166 -52.62 19.84 -16.54
N PHE C 167 -52.63 18.58 -16.92
CA PHE C 167 -52.72 17.47 -15.97
C PHE C 167 -51.50 16.58 -16.12
N SER C 168 -51.33 15.63 -15.20
CA SER C 168 -50.19 14.72 -15.27
C SER C 168 -50.61 13.27 -15.49
N ILE C 169 -49.71 12.49 -16.07
CA ILE C 169 -49.96 11.08 -16.33
C ILE C 169 -48.90 10.25 -15.66
N THR C 170 -49.33 9.17 -15.04
CA THR C 170 -48.42 8.30 -14.32
C THR C 170 -48.72 6.86 -14.63
N PRO C 171 -47.72 5.99 -14.45
CA PRO C 171 -47.88 4.56 -14.70
C PRO C 171 -48.99 4.06 -13.79
N ALA C 172 -49.15 4.75 -12.66
CA ALA C 172 -50.18 4.40 -11.68
C ALA C 172 -51.55 4.57 -12.33
N ALA C 173 -51.81 5.79 -12.83
CA ALA C 173 -53.05 6.15 -13.50
C ALA C 173 -52.67 6.82 -14.83
N PRO C 174 -52.49 6.01 -15.89
CA PRO C 174 -52.10 6.46 -17.24
C PRO C 174 -53.14 7.26 -18.02
N SER C 175 -54.31 7.47 -17.44
CA SER C 175 -55.32 8.23 -18.15
C SER C 175 -55.83 9.43 -17.36
N TYR C 176 -56.82 10.12 -17.92
CA TYR C 176 -57.43 11.29 -17.29
C TYR C 176 -58.55 11.80 -18.14
N THR C 177 -59.52 12.45 -17.51
CA THR C 177 -60.64 13.02 -18.24
C THR C 177 -60.67 14.49 -17.88
N LEU C 178 -60.05 15.29 -18.72
CA LEU C 178 -60.00 16.72 -18.50
C LEU C 178 -61.31 17.36 -18.94
N LYS C 179 -61.98 18.03 -18.00
CA LYS C 179 -63.25 18.67 -18.28
C LYS C 179 -62.99 20.12 -18.72
N LEU C 180 -63.71 20.54 -19.76
CA LEU C 180 -63.54 21.88 -20.30
C LEU C 180 -64.86 22.61 -20.40
N GLY C 181 -65.54 22.71 -19.27
CA GLY C 181 -66.81 23.41 -19.22
C GLY C 181 -67.81 22.93 -20.26
N GLU C 182 -68.54 23.90 -20.83
CA GLU C 182 -69.54 23.63 -21.85
C GLU C 182 -68.99 22.97 -23.10
N TYR C 183 -67.67 22.77 -23.15
CA TYR C 183 -67.03 22.11 -24.29
C TYR C 183 -66.99 20.62 -24.00
N GLY C 184 -67.63 20.21 -22.91
CA GLY C 184 -67.62 18.82 -22.54
C GLY C 184 -66.31 18.44 -21.89
N GLU C 185 -65.61 17.46 -22.47
CA GLU C 185 -64.36 17.04 -21.89
C GLU C 185 -63.60 16.12 -22.84
N VAL C 186 -62.30 15.99 -22.60
CA VAL C 186 -61.44 15.15 -23.40
C VAL C 186 -60.81 14.20 -22.40
N THR C 187 -60.69 12.94 -22.77
CA THR C 187 -60.14 11.93 -21.88
C THR C 187 -58.97 11.20 -22.53
N VAL C 188 -57.76 11.49 -22.13
CA VAL C 188 -56.64 10.80 -22.76
C VAL C 188 -56.33 9.55 -21.95
N ASP C 189 -55.70 8.58 -22.60
CA ASP C 189 -55.29 7.31 -22.00
C ASP C 189 -53.85 7.06 -22.38
N CYS C 190 -53.03 8.11 -22.31
CA CYS C 190 -51.63 7.94 -22.66
C CYS C 190 -51.09 6.70 -22.02
N GLU C 191 -50.22 6.01 -22.73
CA GLU C 191 -49.61 4.80 -22.23
C GLU C 191 -48.13 5.07 -22.03
N PRO C 192 -47.75 5.33 -20.76
CA PRO C 192 -46.39 5.63 -20.30
C PRO C 192 -45.30 4.92 -21.09
N ARG C 193 -45.69 3.85 -21.78
CA ARG C 193 -44.72 3.11 -22.57
C ARG C 193 -44.01 4.13 -23.45
N SER C 194 -42.72 3.90 -23.68
CA SER C 194 -41.92 4.79 -24.49
C SER C 194 -40.60 4.15 -24.85
N GLY C 195 -39.92 4.74 -25.84
CA GLY C 195 -38.63 4.24 -26.26
C GLY C 195 -37.56 5.07 -25.60
N ILE C 196 -40.75 6.10 -27.46
CA ILE C 196 -39.48 6.70 -27.10
C ILE C 196 -38.32 5.72 -27.14
N ASP C 197 -37.16 6.20 -26.72
CA ASP C 197 -35.98 5.37 -26.70
C ASP C 197 -35.88 4.50 -25.46
N THR C 198 -35.72 3.21 -25.70
CA THR C 198 -35.63 2.23 -24.62
C THR C 198 -34.52 2.55 -23.64
N ASN C 199 -34.77 2.21 -22.38
CA ASN C 199 -33.83 2.41 -21.29
C ASN C 199 -32.44 1.92 -21.66
N ALA C 200 -32.38 1.11 -22.72
CA ALA C 200 -31.14 0.53 -23.23
C ALA C 200 -29.95 1.49 -23.24
N TYR C 201 -30.19 2.78 -23.33
CA TYR C 201 -29.09 3.73 -23.33
C TYR C 201 -28.65 4.06 -21.90
N TYR C 202 -27.36 4.24 -21.69
CA TYR C 202 -26.85 4.54 -20.36
C TYR C 202 -26.91 6.03 -20.06
N VAL C 203 -26.67 6.41 -18.81
CA VAL C 203 -26.71 7.82 -18.42
C VAL C 203 -25.29 8.34 -18.19
N MET C 204 -24.72 8.94 -19.22
CA MET C 204 -23.36 9.47 -19.18
C MET C 204 -23.27 10.83 -18.49
N THR C 205 -22.40 10.93 -17.50
CA THR C 205 -22.21 12.20 -16.78
C THR C 205 -20.75 12.62 -16.92
N VAL C 206 -20.52 13.83 -17.41
CA VAL C 206 -19.16 14.32 -17.59
C VAL C 206 -18.98 15.75 -17.07
N GLY C 207 -18.44 15.86 -15.86
CA GLY C 207 -18.22 17.16 -15.26
C GLY C 207 -19.53 17.89 -15.04
N THR C 208 -19.95 18.64 -16.06
CA THR C 208 -21.19 19.40 -15.99
C THR C 208 -22.17 18.94 -17.07
N LYS C 209 -21.65 18.71 -18.27
CA LYS C 209 -22.46 18.29 -19.41
C LYS C 209 -22.86 16.82 -19.41
N THR C 210 -24.11 16.56 -19.01
CA THR C 210 -24.64 15.20 -18.98
C THR C 210 -25.02 14.81 -20.40
N PHE C 211 -24.96 13.51 -20.68
CA PHE C 211 -25.29 12.96 -21.99
C PHE C 211 -25.90 11.59 -21.85
N LEU C 212 -26.47 11.11 -22.95
CA LEU C 212 -27.10 9.80 -22.98
C LEU C 212 -26.32 8.97 -24.00
N VAL C 213 -25.54 8.02 -23.51
CA VAL C 213 -24.72 7.15 -24.37
C VAL C 213 -25.20 5.69 -24.47
N HIS C 214 -24.74 5.01 -25.51
CA HIS C 214 -25.07 3.60 -25.75
C HIS C 214 -24.39 2.70 -24.72
N ARG C 215 -25.16 1.81 -24.10
CA ARG C 215 -24.62 0.89 -23.10
C ARG C 215 -23.18 0.47 -23.38
N GLU C 216 -22.96 -0.03 -24.60
CA GLU C 216 -21.65 -0.52 -25.02
C GLU C 216 -20.57 0.52 -25.25
N TRP C 217 -20.81 1.51 -26.12
CA TRP C 217 -19.77 2.51 -26.35
C TRP C 217 -19.18 2.88 -25.00
N PHE C 218 -20.06 2.98 -24.02
CA PHE C 218 -19.70 3.32 -22.65
C PHE C 218 -18.96 2.16 -21.99
N MET C 219 -19.72 1.14 -21.59
CA MET C 219 -19.20 -0.04 -20.93
C MET C 219 -17.95 -0.59 -21.62
N ASP C 220 -17.98 -0.65 -22.94
CA ASP C 220 -16.84 -1.16 -23.70
C ASP C 220 -15.95 -0.03 -24.17
N LEU C 221 -15.35 0.67 -23.21
CA LEU C 221 -14.44 1.77 -23.52
C LEU C 221 -13.15 1.47 -22.78
N ASN C 222 -12.09 2.23 -23.06
CA ASN C 222 -10.82 1.99 -22.40
C ASN C 222 -10.42 3.13 -21.46
N LEU C 223 -10.67 2.93 -20.17
CA LEU C 223 -10.35 3.92 -19.13
C LEU C 223 -10.50 3.26 -17.76
N PRO C 224 -9.76 3.75 -16.75
CA PRO C 224 -9.91 3.16 -15.42
C PRO C 224 -11.39 3.22 -15.05
N TRP C 225 -11.81 2.42 -14.09
CA TRP C 225 -13.22 2.44 -13.72
C TRP C 225 -13.50 1.82 -12.36
N SER C 226 -14.68 2.13 -11.82
CA SER C 226 -15.09 1.64 -10.52
C SER C 226 -16.62 1.64 -10.44
N SER C 227 -17.19 0.54 -9.97
CA SER C 227 -18.64 0.46 -9.84
C SER C 227 -19.16 1.39 -8.73
N ALA C 228 -19.48 0.83 -7.57
CA ALA C 228 -19.98 1.63 -6.46
C ALA C 228 -18.99 1.69 -5.28
N GLY C 229 -17.75 1.25 -5.52
CA GLY C 229 -16.75 1.26 -4.46
C GLY C 229 -15.57 2.19 -4.68
N SER C 230 -14.80 2.41 -3.62
CA SER C 230 -13.62 3.26 -3.66
C SER C 230 -12.48 2.50 -4.31
N THR C 231 -12.76 1.24 -4.66
CA THR C 231 -11.80 0.36 -5.30
C THR C 231 -11.84 0.55 -6.81
N VAL C 232 -10.68 0.74 -7.43
CA VAL C 232 -10.60 0.95 -8.86
C VAL C 232 -9.87 -0.20 -9.57
N TRP C 233 -10.36 -0.59 -10.74
CA TRP C 233 -9.73 -1.65 -11.52
C TRP C 233 -9.30 -1.13 -12.89
N ARG C 234 -8.40 -1.86 -13.55
CA ARG C 234 -7.92 -1.47 -14.88
C ARG C 234 -7.22 -0.11 -14.91
N ASN C 235 -6.69 0.29 -13.76
CA ASN C 235 -5.99 1.56 -13.63
C ASN C 235 -4.75 1.58 -14.51
N ARG C 236 -4.60 0.55 -15.33
CA ARG C 236 -3.46 0.44 -16.21
C ARG C 236 -3.24 1.71 -17.01
N GLU C 237 -4.24 2.57 -17.04
CA GLU C 237 -4.12 3.82 -17.79
C GLU C 237 -3.17 4.78 -17.11
N THR C 238 -2.41 4.23 -16.15
CA THR C 238 -1.40 4.97 -15.41
C THR C 238 -0.14 4.71 -16.24
N LEU C 239 -0.37 4.49 -17.53
CA LEU C 239 0.65 4.16 -18.52
C LEU C 239 1.86 5.04 -18.79
N MET C 240 2.61 4.61 -19.81
CA MET C 240 3.84 5.26 -20.26
C MET C 240 4.80 5.42 -19.09
N GLU C 241 5.04 4.29 -18.43
CA GLU C 241 5.93 4.23 -17.27
C GLU C 241 7.23 3.53 -17.64
N PHE C 242 7.09 2.42 -18.35
CA PHE C 242 8.20 1.60 -18.76
C PHE C 242 9.27 2.23 -19.63
N GLU C 243 9.96 3.23 -19.10
CA GLU C 243 11.05 3.81 -19.87
C GLU C 243 12.06 2.66 -20.00
N GLU C 244 11.77 1.54 -19.33
CA GLU C 244 12.61 0.33 -19.31
C GLU C 244 13.88 0.90 -18.72
N PRO C 245 13.78 1.33 -17.45
CA PRO C 245 14.76 1.95 -16.55
C PRO C 245 15.90 1.15 -15.94
N HIS C 246 16.42 1.74 -14.88
CA HIS C 246 17.50 1.26 -14.05
C HIS C 246 16.85 0.96 -12.70
N ALA C 247 17.51 0.17 -11.86
CA ALA C 247 16.95 -0.17 -10.55
C ALA C 247 16.71 1.04 -9.66
N THR C 248 17.31 2.16 -10.00
CA THR C 248 17.18 3.39 -9.22
C THR C 248 15.82 4.07 -9.32
N LYS C 249 15.40 4.36 -10.55
CA LYS C 249 14.13 5.05 -10.77
C LYS C 249 13.47 4.73 -12.11
N GLN C 250 12.21 4.32 -12.05
CA GLN C 250 11.47 4.03 -13.26
C GLN C 250 10.48 5.17 -13.41
N SER C 251 10.77 6.05 -14.36
CA SER C 251 9.91 7.20 -14.62
C SER C 251 8.47 6.74 -14.73
N VAL C 252 7.61 7.31 -13.89
CA VAL C 252 6.20 6.97 -13.91
C VAL C 252 5.43 8.20 -14.35
N ILE C 253 5.55 8.55 -15.63
CA ILE C 253 4.86 9.71 -16.18
C ILE C 253 3.35 9.53 -16.10
N ALA C 254 2.67 10.53 -15.56
CA ALA C 254 1.22 10.49 -15.46
C ALA C 254 0.76 10.64 -16.91
N LEU C 255 -0.08 9.73 -17.36
CA LEU C 255 -0.56 9.77 -18.73
C LEU C 255 -1.34 11.05 -19.00
N GLY C 256 -0.94 11.78 -20.03
CA GLY C 256 -1.62 13.02 -20.37
C GLY C 256 -3.12 12.83 -20.46
N SER C 257 -3.87 13.67 -19.77
CA SER C 257 -5.34 13.61 -19.78
C SER C 257 -5.87 14.40 -20.97
N GLN C 258 -6.36 13.69 -21.97
CA GLN C 258 -6.90 14.33 -23.17
C GLN C 258 -8.41 14.18 -23.31
N GLU C 259 -9.16 15.15 -22.79
CA GLU C 259 -10.61 15.10 -22.84
C GLU C 259 -11.15 14.94 -24.27
N GLY C 260 -10.24 14.92 -25.24
CA GLY C 260 -10.67 14.74 -26.61
C GLY C 260 -11.31 13.38 -26.79
N ALA C 261 -10.69 12.36 -26.18
CA ALA C 261 -11.21 10.99 -26.26
C ALA C 261 -12.70 10.97 -26.00
N LEU C 262 -13.14 11.76 -25.04
CA LEU C 262 -14.55 11.84 -24.69
C LEU C 262 -15.25 12.74 -25.70
N HIS C 263 -14.94 14.02 -25.60
CA HIS C 263 -15.51 15.03 -26.47
C HIS C 263 -15.74 14.51 -27.89
N GLN C 264 -14.69 13.96 -28.49
CA GLN C 264 -14.79 13.44 -29.85
C GLN C 264 -16.06 12.63 -30.10
N ALA C 265 -16.47 11.83 -29.12
CA ALA C 265 -17.67 11.02 -29.26
C ALA C 265 -18.88 11.75 -28.67
N LEU C 266 -18.94 13.05 -28.93
CA LEU C 266 -20.01 13.90 -28.41
C LEU C 266 -21.33 13.69 -29.13
N ALA C 267 -21.40 14.16 -30.37
CA ALA C 267 -22.61 14.07 -31.20
C ALA C 267 -23.33 12.72 -31.10
N GLY C 268 -22.56 11.64 -31.11
CA GLY C 268 -23.16 10.31 -31.03
C GLY C 268 -24.24 10.25 -29.98
N ALA C 269 -23.84 10.48 -28.72
CA ALA C 269 -24.77 10.45 -27.60
C ALA C 269 -25.53 11.76 -27.46
N ILE C 270 -26.83 11.66 -27.25
CA ILE C 270 -27.68 12.82 -27.09
C ILE C 270 -27.42 13.51 -25.75
N PRO C 271 -27.41 14.85 -25.75
CA PRO C 271 -27.18 15.62 -24.52
C PRO C 271 -28.47 15.76 -23.70
N VAL C 272 -28.35 15.82 -22.38
CA VAL C 272 -29.52 15.96 -21.53
C VAL C 272 -29.21 16.67 -20.22
N GLU C 273 -30.13 17.56 -19.81
CA GLU C 273 -29.94 18.28 -18.55
C GLU C 273 -30.17 17.30 -17.42
N PHE C 274 -29.27 17.31 -16.45
CA PHE C 274 -29.35 16.40 -15.33
C PHE C 274 -28.94 17.06 -14.02
N SER C 275 -29.85 17.06 -13.04
CA SER C 275 -29.59 17.62 -11.73
C SER C 275 -29.22 16.43 -10.86
N SER C 276 -28.36 16.65 -9.87
CA SER C 276 -27.90 15.58 -8.98
C SER C 276 -28.74 14.28 -8.98
N ASN C 277 -30.06 14.41 -8.85
CA ASN C 277 -30.94 13.23 -8.80
C ASN C 277 -31.98 13.13 -9.91
N THR C 278 -31.96 14.04 -10.87
CA THR C 278 -32.97 14.00 -11.91
C THR C 278 -32.52 14.07 -13.36
N VAL C 279 -33.28 13.40 -14.22
CA VAL C 279 -33.00 13.37 -15.64
C VAL C 279 -34.26 13.71 -16.42
N LYS C 280 -34.37 14.96 -16.84
CA LYS C 280 -35.53 15.37 -17.62
C LYS C 280 -35.44 14.78 -19.01
N LEU C 281 -36.39 13.91 -19.31
CA LEU C 281 -36.47 13.27 -20.61
C LEU C 281 -37.26 14.23 -21.50
N THR C 282 -36.74 14.51 -22.68
CA THR C 282 -37.40 15.43 -23.58
C THR C 282 -38.35 14.76 -24.58
N SER C 283 -35.03 12.57 -22.97
CA SER C 283 -35.42 11.63 -24.02
C SER C 283 -36.62 10.81 -23.58
N GLY C 284 -37.63 10.73 -24.44
CA GLY C 284 -38.85 9.98 -24.13
C GLY C 284 -40.03 10.31 -25.02
N HIS C 285 -41.00 9.40 -25.10
CA HIS C 285 -42.19 9.62 -25.92
C HIS C 285 -43.41 9.05 -25.20
N LEU C 286 -44.59 9.24 -25.77
CA LEU C 286 -45.80 8.73 -25.13
C LEU C 286 -46.93 8.47 -26.11
N LYS C 287 -47.38 7.23 -26.18
CA LYS C 287 -48.44 6.86 -27.08
C LYS C 287 -49.77 7.09 -26.40
N CYS C 288 -50.59 7.96 -26.98
CA CYS C 288 -51.88 8.23 -26.35
C CYS C 288 -53.04 7.96 -27.27
N ARG C 289 -54.23 7.90 -26.68
CA ARG C 289 -55.46 7.71 -27.44
C ARG C 289 -56.39 8.82 -26.96
N VAL C 290 -56.52 9.87 -27.75
CA VAL C 290 -57.35 10.99 -27.37
C VAL C 290 -58.85 10.78 -27.59
N LYS C 291 -59.45 9.96 -26.74
CA LYS C 291 -60.88 9.70 -26.86
C LYS C 291 -61.58 11.03 -26.62
N MET C 292 -62.52 11.38 -27.49
CA MET C 292 -63.22 12.64 -27.29
C MET C 292 -64.63 12.67 -27.81
N GLU C 293 -65.41 11.65 -27.46
CA GLU C 293 -66.79 11.63 -27.88
C GLU C 293 -67.51 12.54 -26.91
N LYS C 294 -66.78 12.98 -25.89
CA LYS C 294 -67.31 13.87 -24.87
C LYS C 294 -66.86 15.32 -25.11
N LEU C 295 -66.15 15.53 -26.22
CA LEU C 295 -65.71 16.87 -26.59
C LEU C 295 -66.87 17.45 -27.39
N GLN C 296 -67.32 18.65 -27.04
CA GLN C 296 -68.46 19.21 -27.75
C GLN C 296 -68.41 20.71 -28.08
N LEU C 297 -69.06 21.09 -29.17
CA LEU C 297 -69.08 22.49 -29.58
C LEU C 297 -69.82 23.34 -28.59
N LYS C 298 -69.77 24.65 -28.83
CA LYS C 298 -70.43 25.62 -27.97
C LYS C 298 -70.88 26.76 -28.87
N GLY C 299 -71.72 27.65 -28.34
CA GLY C 299 -72.21 28.77 -29.12
C GLY C 299 -72.64 28.40 -30.54
N THR C 300 -73.40 27.31 -30.63
CA THR C 300 -73.91 26.81 -31.91
C THR C 300 -75.34 27.26 -32.16
N THR C 301 -75.97 27.84 -31.14
CA THR C 301 -77.34 28.31 -31.24
C THR C 301 -77.39 29.81 -31.48
N TYR C 302 -76.23 30.40 -31.80
CA TYR C 302 -76.15 31.83 -32.05
C TYR C 302 -76.33 32.12 -33.53
N GLY C 303 -76.61 33.37 -33.84
CA GLY C 303 -76.78 33.77 -35.23
C GLY C 303 -75.46 34.24 -35.81
N VAL C 304 -75.42 34.40 -37.13
CA VAL C 304 -74.21 34.84 -37.81
C VAL C 304 -73.93 36.31 -37.59
N CYS C 305 -72.65 36.66 -37.42
CA CYS C 305 -72.26 38.06 -37.23
C CYS C 305 -72.65 38.81 -38.48
N SER C 306 -73.37 39.91 -38.30
CA SER C 306 -73.82 40.73 -39.41
C SER C 306 -73.49 42.19 -39.14
N LYS C 307 -72.25 42.55 -39.43
CA LYS C 307 -71.72 43.89 -39.26
C LYS C 307 -70.35 43.79 -39.87
N ALA C 308 -69.74 44.93 -40.18
CA ALA C 308 -68.42 44.91 -40.83
C ALA C 308 -67.30 44.21 -40.05
N PHE C 309 -66.36 43.65 -40.81
CA PHE C 309 -65.20 42.97 -40.26
C PHE C 309 -63.94 43.49 -40.94
N LYS C 310 -62.99 43.96 -40.14
CA LYS C 310 -61.76 44.49 -40.68
C LYS C 310 -60.53 43.66 -40.31
N PHE C 311 -59.60 43.51 -41.25
CA PHE C 311 -58.36 42.78 -40.97
C PHE C 311 -57.49 43.69 -40.11
N LEU C 312 -56.64 43.11 -39.26
CA LEU C 312 -55.75 43.92 -38.44
C LEU C 312 -54.31 43.70 -38.91
N GLY C 313 -54.13 43.24 -40.13
CA GLY C 313 -52.78 43.02 -40.63
C GLY C 313 -52.61 41.80 -41.52
N THR C 314 -51.60 41.86 -42.38
CA THR C 314 -51.32 40.77 -43.28
C THR C 314 -51.24 39.45 -42.57
N PRO C 315 -52.02 38.47 -43.03
CA PRO C 315 -52.00 37.15 -42.40
C PRO C 315 -50.56 36.66 -42.39
N ALA C 316 -50.22 35.78 -41.46
CA ALA C 316 -48.84 35.27 -41.38
C ALA C 316 -48.74 33.78 -41.66
N ASP C 317 -47.59 33.34 -42.16
CA ASP C 317 -47.35 31.94 -42.47
C ASP C 317 -46.79 31.22 -41.25
N THR C 318 -47.50 30.20 -40.79
CA THR C 318 -47.09 29.40 -39.63
C THR C 318 -45.94 28.47 -39.99
N GLY C 319 -45.70 28.32 -41.28
CA GLY C 319 -44.66 27.41 -41.71
C GLY C 319 -45.23 26.01 -41.73
N HIS C 320 -46.55 25.91 -41.57
CA HIS C 320 -47.19 24.59 -41.57
C HIS C 320 -48.26 24.44 -42.64
N GLY C 321 -48.30 25.37 -43.58
CA GLY C 321 -49.31 25.28 -44.62
C GLY C 321 -50.60 25.93 -44.19
N THR C 322 -50.53 26.65 -43.08
CA THR C 322 -51.67 27.38 -42.56
C THR C 322 -51.18 28.79 -42.26
N VAL C 323 -52.13 29.68 -42.13
CA VAL C 323 -51.81 31.06 -41.86
C VAL C 323 -52.61 31.52 -40.67
N VAL C 324 -52.15 32.59 -40.04
CA VAL C 324 -52.83 33.14 -38.88
C VAL C 324 -53.18 34.58 -39.20
N LEU C 325 -54.17 35.10 -38.49
CA LEU C 325 -54.56 36.49 -38.69
C LEU C 325 -55.53 36.88 -37.58
N GLU C 326 -55.69 38.17 -37.38
CA GLU C 326 -56.59 38.64 -36.35
C GLU C 326 -57.60 39.65 -36.90
N LEU C 327 -58.86 39.40 -36.61
CA LEU C 327 -59.93 40.28 -37.06
C LEU C 327 -60.32 41.24 -35.95
N GLN C 328 -61.16 42.21 -36.31
CA GLN C 328 -61.71 43.20 -35.39
C GLN C 328 -63.15 43.31 -35.85
N TYR C 329 -64.08 43.34 -34.92
CA TYR C 329 -65.49 43.42 -35.29
C TYR C 329 -66.12 44.77 -35.02
N THR C 330 -66.54 45.44 -36.09
CA THR C 330 -67.21 46.74 -35.93
C THR C 330 -68.51 46.47 -35.19
N GLY C 331 -69.06 45.28 -35.42
CA GLY C 331 -70.30 44.86 -34.79
C GLY C 331 -70.52 45.27 -33.35
N THR C 332 -71.75 45.69 -33.07
CA THR C 332 -72.14 46.12 -31.73
C THR C 332 -72.84 44.95 -31.06
N ASP C 333 -73.43 44.09 -31.87
CA ASP C 333 -74.15 42.91 -31.38
C ASP C 333 -73.22 42.00 -30.59
N GLY C 334 -73.82 41.11 -29.81
CA GLY C 334 -73.05 40.19 -28.99
C GLY C 334 -72.44 38.99 -29.68
N PRO C 335 -72.21 37.90 -28.94
CA PRO C 335 -71.63 36.65 -29.44
C PRO C 335 -72.38 36.07 -30.64
N CYS C 336 -71.77 36.24 -31.81
CA CYS C 336 -72.30 35.77 -33.08
C CYS C 336 -71.19 34.99 -33.77
N LYS C 337 -71.55 34.15 -34.75
CA LYS C 337 -70.56 33.36 -35.47
C LYS C 337 -69.84 34.25 -36.48
N VAL C 338 -68.52 34.05 -36.65
CA VAL C 338 -67.72 34.85 -37.59
C VAL C 338 -67.81 34.21 -38.96
N PRO C 339 -68.32 34.94 -39.95
CA PRO C 339 -68.46 34.43 -41.32
C PRO C 339 -67.18 34.46 -42.13
N ILE C 340 -66.21 33.62 -41.77
CA ILE C 340 -64.97 33.60 -42.52
C ILE C 340 -64.70 32.27 -43.20
N SER C 341 -64.29 32.36 -44.45
CA SER C 341 -63.98 31.17 -45.22
C SER C 341 -62.88 31.50 -46.19
N SER C 342 -62.44 30.49 -46.92
CA SER C 342 -61.40 30.65 -47.91
C SER C 342 -62.01 30.29 -49.25
N VAL C 343 -62.03 31.29 -50.13
CA VAL C 343 -62.61 31.17 -51.46
C VAL C 343 -61.52 31.16 -52.53
N ALA C 344 -61.71 30.29 -53.52
CA ALA C 344 -60.76 30.15 -54.63
C ALA C 344 -60.72 31.37 -55.55
N SER C 345 -61.84 32.08 -55.67
CA SER C 345 -61.94 33.27 -56.49
C SER C 345 -63.07 34.12 -55.96
N LEU C 346 -62.94 35.43 -55.99
CA LEU C 346 -64.00 36.26 -55.47
C LEU C 346 -65.36 35.76 -55.89
N ASN C 347 -66.30 35.94 -54.96
CA ASN C 347 -67.69 35.53 -55.08
C ASN C 347 -67.98 34.12 -55.65
N ASP C 348 -67.27 33.12 -55.13
CA ASP C 348 -67.50 31.72 -55.50
C ASP C 348 -68.54 31.33 -54.46
N LEU C 349 -69.25 30.23 -54.68
CA LEU C 349 -70.26 29.85 -53.71
C LEU C 349 -69.71 28.88 -52.66
N THR C 350 -68.95 27.90 -53.13
CA THR C 350 -68.39 26.90 -52.23
C THR C 350 -66.96 27.17 -51.75
N PRO C 351 -66.73 27.06 -50.42
CA PRO C 351 -65.45 27.27 -49.75
C PRO C 351 -64.40 26.30 -50.28
N VAL C 352 -63.17 26.44 -49.81
CA VAL C 352 -62.07 25.57 -50.24
C VAL C 352 -61.00 25.52 -49.18
N GLY C 353 -61.02 26.49 -48.29
CA GLY C 353 -60.04 26.50 -47.23
C GLY C 353 -60.65 26.02 -45.94
N ARG C 354 -60.05 24.98 -45.36
CA ARG C 354 -60.53 24.42 -44.08
C ARG C 354 -59.98 25.29 -42.95
N LEU C 355 -60.83 25.59 -41.99
CA LEU C 355 -60.43 26.39 -40.85
C LEU C 355 -59.84 25.55 -39.74
N VAL C 356 -58.68 25.93 -39.21
CA VAL C 356 -58.16 25.21 -38.07
C VAL C 356 -59.09 25.64 -36.93
N THR C 357 -59.22 26.95 -36.76
CA THR C 357 -60.08 27.51 -35.73
C THR C 357 -61.55 27.31 -36.12
N VAL C 358 -62.01 26.06 -36.10
CA VAL C 358 -63.37 25.78 -36.50
C VAL C 358 -64.42 26.49 -35.66
N ASN C 359 -65.57 26.75 -36.28
CA ASN C 359 -66.69 27.44 -35.67
C ASN C 359 -66.24 28.61 -34.84
N PRO C 360 -65.63 29.62 -35.49
CA PRO C 360 -65.13 30.83 -34.84
C PRO C 360 -66.28 31.72 -34.43
N PHE C 361 -66.06 32.64 -33.52
CA PHE C 361 -67.13 33.55 -33.13
C PHE C 361 -66.71 34.60 -32.12
N VAL C 362 -67.28 35.79 -32.28
CA VAL C 362 -66.98 36.91 -31.39
C VAL C 362 -67.46 36.56 -30.01
N SER C 363 -66.48 36.36 -29.11
CA SER C 363 -66.73 36.00 -27.74
C SER C 363 -67.61 36.95 -26.95
N VAL C 364 -67.35 38.25 -27.06
CA VAL C 364 -68.11 39.25 -26.30
C VAL C 364 -69.12 40.02 -27.13
N ALA C 365 -69.97 40.78 -26.43
CA ALA C 365 -71.01 41.61 -27.06
C ALA C 365 -70.50 43.04 -27.12
N THR C 366 -69.30 43.24 -26.55
CA THR C 366 -68.62 44.53 -26.52
C THR C 366 -68.03 44.79 -27.89
N ALA C 367 -68.68 45.63 -28.69
CA ALA C 367 -68.19 45.94 -30.03
C ALA C 367 -66.67 46.03 -30.14
N ASN C 368 -66.17 45.96 -31.37
CA ASN C 368 -64.75 46.00 -31.71
C ASN C 368 -63.87 45.01 -30.94
N ALA C 369 -64.32 43.76 -30.90
CA ALA C 369 -63.61 42.67 -30.24
C ALA C 369 -62.66 42.05 -31.26
N LYS C 370 -61.56 41.45 -30.79
CA LYS C 370 -60.63 40.85 -31.71
C LYS C 370 -60.84 39.34 -31.82
N VAL C 371 -60.52 38.79 -32.98
CA VAL C 371 -60.68 37.36 -33.17
C VAL C 371 -59.46 36.77 -33.86
N LEU C 372 -58.82 35.79 -33.24
CA LEU C 372 -57.66 35.19 -33.87
C LEU C 372 -58.14 34.03 -34.73
N ILE C 373 -57.49 33.82 -35.87
CA ILE C 373 -57.89 32.73 -36.74
C ILE C 373 -56.74 32.10 -37.49
N GLU C 374 -56.70 30.78 -37.41
CA GLU C 374 -55.70 30.01 -38.12
C GLU C 374 -56.47 29.14 -39.09
N LEU C 375 -56.05 29.18 -40.34
CA LEU C 375 -56.71 28.40 -41.37
C LEU C 375 -55.68 27.97 -42.41
N GLU C 376 -55.97 26.85 -43.06
CA GLU C 376 -55.11 26.33 -44.11
C GLU C 376 -55.73 26.70 -45.43
N PRO C 377 -55.05 27.53 -46.20
CA PRO C 377 -55.65 27.89 -47.48
C PRO C 377 -55.23 26.88 -48.56
N PRO C 378 -55.90 26.89 -49.70
CA PRO C 378 -55.52 25.94 -50.76
C PRO C 378 -54.18 26.36 -51.33
N PHE C 379 -53.53 25.47 -52.09
CA PHE C 379 -52.27 25.84 -52.70
C PHE C 379 -52.54 26.88 -53.77
N GLY C 380 -51.48 27.57 -54.19
CA GLY C 380 -51.64 28.61 -55.18
C GLY C 380 -52.42 29.77 -54.59
N ASP C 381 -52.90 30.65 -55.44
CA ASP C 381 -53.65 31.82 -54.98
C ASP C 381 -55.04 31.45 -54.51
N SER C 382 -55.54 32.22 -53.56
CA SER C 382 -56.86 32.04 -52.99
C SER C 382 -57.25 33.32 -52.28
N TYR C 383 -58.47 33.37 -51.78
CA TYR C 383 -58.93 34.55 -51.07
C TYR C 383 -59.52 34.20 -49.71
N ILE C 384 -59.18 34.98 -48.70
CA ILE C 384 -59.73 34.79 -47.38
C ILE C 384 -60.85 35.80 -47.41
N VAL C 385 -62.00 35.49 -46.83
CA VAL C 385 -63.11 36.43 -46.86
C VAL C 385 -63.90 36.40 -45.58
N VAL C 386 -64.39 37.55 -45.17
CA VAL C 386 -65.18 37.63 -43.96
C VAL C 386 -66.44 38.47 -44.21
N GLY C 387 -67.59 37.93 -43.82
CA GLY C 387 -68.85 38.62 -44.05
C GLY C 387 -69.28 38.30 -45.46
N ARG C 388 -70.36 38.91 -45.95
CA ARG C 388 -70.78 38.62 -47.32
C ARG C 388 -71.45 39.83 -47.97
N GLY C 389 -71.49 39.82 -49.30
CA GLY C 389 -72.10 40.90 -50.03
C GLY C 389 -71.27 42.16 -49.97
N GLU C 390 -71.92 43.25 -49.57
CA GLU C 390 -71.24 44.52 -49.51
C GLU C 390 -70.65 44.82 -48.13
N GLN C 391 -70.75 43.88 -47.23
CA GLN C 391 -70.17 44.04 -45.91
C GLN C 391 -68.81 43.36 -46.05
N GLN C 392 -68.85 42.20 -46.69
CA GLN C 392 -67.69 41.36 -46.96
C GLN C 392 -66.41 42.04 -47.34
N ILE C 393 -65.31 41.60 -46.74
CA ILE C 393 -63.98 42.11 -47.04
C ILE C 393 -63.23 40.90 -47.56
N ASN C 394 -61.99 41.08 -47.96
CA ASN C 394 -61.22 39.96 -48.46
C ASN C 394 -59.76 40.32 -48.49
N HIS C 395 -58.95 39.28 -48.58
CA HIS C 395 -57.52 39.46 -48.63
C HIS C 395 -57.02 38.23 -49.37
N HIS C 396 -56.21 38.44 -50.38
CA HIS C 396 -55.69 37.37 -51.20
C HIS C 396 -54.49 36.66 -50.58
N TRP C 397 -54.23 35.44 -51.04
CA TRP C 397 -53.11 34.66 -50.52
C TRP C 397 -52.69 33.62 -51.53
N HIS C 398 -51.41 33.28 -51.51
CA HIS C 398 -50.87 32.28 -52.43
C HIS C 398 -49.95 31.29 -51.72
N LYS C 399 -50.40 30.05 -51.59
CA LYS C 399 -49.65 29.00 -50.94
C LYS C 399 -48.74 28.38 -51.98
N SER C 400 -47.69 27.68 -51.54
CA SER C 400 -46.73 27.03 -52.44
C SER C 400 -46.41 25.58 -52.04
N VAL D 2 28.85 -31.98 8.34
CA VAL D 2 30.23 -31.57 8.52
C VAL D 2 30.61 -31.68 10.00
N GLN D 3 31.73 -32.34 10.28
CA GLN D 3 32.22 -32.43 11.64
CA GLN D 3 32.22 -32.45 11.65
C GLN D 3 33.72 -32.17 11.69
N LEU D 4 34.15 -31.35 12.65
CA LEU D 4 35.56 -31.00 12.82
C LEU D 4 35.90 -31.24 14.27
N VAL D 5 36.79 -32.19 14.50
CA VAL D 5 37.22 -32.53 15.86
C VAL D 5 38.68 -32.17 16.10
N GLN D 6 38.91 -31.25 17.04
CA GLN D 6 40.25 -30.76 17.32
C GLN D 6 40.90 -31.49 18.48
N SER D 7 42.21 -31.38 18.54
CA SER D 7 42.99 -31.97 19.63
C SER D 7 42.75 -31.20 20.93
N GLY D 8 43.19 -31.81 22.04
CA GLY D 8 42.88 -31.27 23.36
C GLY D 8 43.71 -30.10 23.81
N ALA D 9 43.28 -29.51 24.92
CA ALA D 9 43.94 -28.34 25.46
C ALA D 9 45.40 -28.58 25.77
N GLU D 10 46.19 -27.52 25.65
CA GLU D 10 47.64 -27.60 25.83
C GLU D 10 48.12 -26.45 26.68
N VAL D 11 49.26 -26.67 27.33
CA VAL D 11 49.98 -25.58 27.97
C VAL D 11 51.42 -25.59 27.47
N ARG D 12 52.00 -24.41 27.28
CA ARG D 12 53.38 -24.29 26.82
C ARG D 12 54.11 -23.16 27.53
N LYS D 13 55.42 -23.32 27.67
CA LYS D 13 56.28 -22.23 28.15
CA LYS D 13 56.29 -22.24 28.15
C LYS D 13 56.58 -21.27 27.02
N PRO D 14 56.84 -20.01 27.36
CA PRO D 14 57.26 -19.06 26.32
C PRO D 14 58.50 -19.61 25.59
N GLY D 15 58.52 -19.45 24.28
CA GLY D 15 59.64 -19.89 23.47
C GLY D 15 59.40 -21.24 22.83
N ALA D 16 58.49 -22.02 23.38
CA ALA D 16 58.17 -23.31 22.80
C ALA D 16 57.22 -23.20 21.60
N SER D 17 56.91 -24.34 21.00
CA SER D 17 55.94 -24.37 19.92
CA SER D 17 56.00 -24.45 19.87
C SER D 17 54.80 -25.32 20.28
N THR D 18 53.71 -25.21 19.52
CA THR D 18 52.54 -26.05 19.72
C THR D 18 51.98 -26.43 18.35
N LYS D 19 51.53 -27.67 18.22
CA LYS D 19 50.93 -28.16 16.99
C LYS D 19 49.56 -28.72 17.32
N VAL D 20 48.52 -28.10 16.76
CA VAL D 20 47.13 -28.43 17.02
C VAL D 20 46.58 -29.15 15.80
N SER D 21 45.74 -30.16 16.02
CA SER D 21 45.15 -30.90 14.90
C SER D 21 43.64 -30.71 14.81
N CYS D 22 43.12 -30.95 13.61
CA CYS D 22 41.72 -30.82 13.31
C CYS D 22 41.36 -31.94 12.34
N LYS D 23 40.58 -32.90 12.84
CA LYS D 23 40.16 -34.05 12.05
C LYS D 23 38.79 -33.79 11.45
N ALA D 24 38.70 -33.84 10.13
CA ALA D 24 37.48 -33.51 9.42
C ALA D 24 36.74 -34.73 8.93
N SER D 25 35.42 -34.60 8.87
CA SER D 25 34.58 -35.64 8.32
C SER D 25 33.24 -35.09 7.87
N GLY D 26 32.50 -35.90 7.12
CA GLY D 26 31.16 -35.52 6.69
C GLY D 26 31.08 -34.73 5.39
N TYR D 27 32.20 -34.62 4.70
CA TYR D 27 32.26 -33.92 3.42
C TYR D 27 33.52 -34.36 2.69
N THR D 28 33.61 -34.06 1.39
CA THR D 28 34.79 -34.40 0.62
C THR D 28 35.98 -33.52 1.02
N PHE D 29 36.91 -34.11 1.77
CA PHE D 29 37.98 -33.35 2.44
C PHE D 29 38.76 -32.41 1.55
N THR D 30 39.19 -32.87 0.37
CA THR D 30 40.07 -32.05 -0.46
C THR D 30 39.34 -31.00 -1.28
N HIS D 31 38.03 -30.90 -1.13
CA HIS D 31 37.26 -29.92 -1.91
C HIS D 31 36.98 -28.60 -1.23
N TYR D 32 37.44 -28.43 0.02
CA TYR D 32 37.16 -27.22 0.79
C TYR D 32 38.38 -26.72 1.51
N TYR D 33 38.62 -25.42 1.42
CA TYR D 33 39.68 -24.78 2.19
C TYR D 33 39.41 -24.94 3.68
N MET D 34 40.49 -24.95 4.45
CA MET D 34 40.38 -24.90 5.90
CA MET D 34 40.40 -24.91 5.90
C MET D 34 41.04 -23.63 6.44
N HIS D 35 40.30 -22.90 7.25
CA HIS D 35 40.78 -21.69 7.91
C HIS D 35 41.20 -22.03 9.33
N TRP D 36 42.10 -21.23 9.88
CA TRP D 36 42.34 -21.21 11.32
C TRP D 36 42.08 -19.80 11.84
N VAL D 37 41.42 -19.72 12.98
CA VAL D 37 41.04 -18.46 13.61
C VAL D 37 41.29 -18.62 15.10
N ARG D 38 41.91 -17.65 15.76
CA ARG D 38 42.11 -17.75 17.19
C ARG D 38 41.44 -16.62 17.95
N GLN D 39 41.28 -16.82 19.25
CA GLN D 39 40.58 -15.89 20.11
C GLN D 39 41.21 -15.88 21.49
N ALA D 40 41.92 -14.81 21.81
CA ALA D 40 42.51 -14.69 23.14
C ALA D 40 41.39 -14.55 24.17
N PRO D 41 41.64 -14.99 25.42
CA PRO D 41 40.54 -14.99 26.39
C PRO D 41 39.92 -13.61 26.55
N GLY D 42 38.60 -13.54 26.40
CA GLY D 42 37.87 -12.28 26.51
C GLY D 42 38.03 -11.31 25.35
N GLN D 43 38.71 -11.73 24.29
CA GLN D 43 39.04 -10.86 23.17
CA GLN D 43 39.01 -10.83 23.17
C GLN D 43 38.32 -11.30 21.90
N GLY D 44 38.63 -10.65 20.78
CA GLY D 44 37.94 -10.90 19.52
C GLY D 44 38.58 -12.00 18.69
N LEU D 45 37.96 -12.29 17.56
CA LEU D 45 38.45 -13.27 16.59
C LEU D 45 39.58 -12.70 15.72
N GLU D 46 40.61 -13.52 15.49
CA GLU D 46 41.73 -13.15 14.64
C GLU D 46 42.01 -14.25 13.63
N TRP D 47 41.86 -13.95 12.34
CA TRP D 47 42.14 -14.93 11.30
C TRP D 47 43.64 -15.21 11.24
N MET D 48 44.00 -16.48 11.17
CA MET D 48 45.41 -16.87 11.13
C MET D 48 45.90 -17.25 9.75
N GLY D 49 45.02 -17.83 8.96
CA GLY D 49 45.40 -18.24 7.63
C GLY D 49 44.47 -19.29 7.10
N ILE D 50 44.83 -19.84 5.95
CA ILE D 50 44.00 -20.75 5.21
C ILE D 50 44.90 -21.71 4.44
N ILE D 51 44.47 -22.96 4.35
CA ILE D 51 45.18 -23.96 3.57
C ILE D 51 44.23 -24.67 2.63
N ASN D 52 44.72 -24.96 1.42
CA ASN D 52 44.00 -25.76 0.44
C ASN D 52 44.42 -27.20 0.60
N PRO D 53 43.53 -28.07 1.07
CA PRO D 53 43.94 -29.47 1.27
C PRO D 53 44.29 -30.16 -0.05
N SER D 54 43.78 -29.63 -1.16
CA SER D 54 44.22 -30.05 -2.48
C SER D 54 45.50 -29.30 -2.82
N GLY D 55 46.63 -29.98 -2.71
CA GLY D 55 47.91 -29.38 -3.05
C GLY D 55 48.68 -28.81 -1.88
N GLY D 56 47.98 -28.37 -0.84
CA GLY D 56 48.63 -27.92 0.37
C GLY D 56 49.08 -26.46 0.38
N SER D 57 48.68 -25.68 -0.62
CA SER D 57 49.05 -24.27 -0.64
C SER D 57 48.45 -23.53 0.56
N THR D 58 49.17 -22.53 1.05
CA THR D 58 48.74 -21.77 2.23
C THR D 58 48.83 -20.27 1.99
N THR D 59 48.01 -19.53 2.74
CA THR D 59 48.16 -18.09 2.89
C THR D 59 48.02 -17.79 4.36
N TYR D 60 49.00 -17.09 4.93
CA TYR D 60 48.96 -16.76 6.36
C TYR D 60 48.71 -15.28 6.62
N ALA D 61 48.10 -15.00 7.76
CA ALA D 61 47.99 -13.63 8.27
C ALA D 61 49.37 -12.99 8.31
N GLN D 62 49.47 -11.77 7.81
CA GLN D 62 50.77 -11.09 7.76
C GLN D 62 51.45 -11.04 9.13
N LYS D 63 50.69 -10.82 10.19
CA LYS D 63 51.26 -10.69 11.52
C LYS D 63 51.85 -11.99 12.08
N LEU D 64 51.47 -13.13 11.49
CA LEU D 64 51.96 -14.44 11.92
C LEU D 64 52.98 -15.03 10.97
N GLN D 65 53.15 -14.41 9.81
CA GLN D 65 54.07 -14.92 8.80
CA GLN D 65 54.06 -14.94 8.81
C GLN D 65 55.45 -15.11 9.40
N GLY D 66 56.01 -16.30 9.23
CA GLY D 66 57.33 -16.58 9.78
C GLY D 66 57.32 -17.46 11.02
N ARG D 67 56.17 -17.64 11.65
CA ARG D 67 56.15 -18.58 12.76
C ARG D 67 54.90 -19.44 12.83
N VAL D 68 54.04 -19.35 11.83
CA VAL D 68 52.93 -20.29 11.71
C VAL D 68 53.13 -21.18 10.49
N THR D 69 52.77 -22.45 10.63
CA THR D 69 52.86 -23.42 9.54
C THR D 69 51.56 -24.23 9.55
N MET D 70 50.86 -24.25 8.41
CA MET D 70 49.69 -25.12 8.27
C MET D 70 50.01 -26.24 7.30
N THR D 71 49.54 -27.44 7.64
CA THR D 71 49.76 -28.62 6.80
C THR D 71 48.52 -29.51 6.85
N ARG D 72 48.49 -30.51 5.98
CA ARG D 72 47.39 -31.45 6.00
C ARG D 72 47.86 -32.83 5.61
N ASP D 73 47.07 -33.82 6.01
CA ASP D 73 47.29 -35.21 5.61
C ASP D 73 45.98 -35.67 4.97
N THR D 74 45.97 -35.86 3.65
CA THR D 74 44.71 -36.13 2.96
C THR D 74 44.16 -37.53 3.21
N SER D 75 45.03 -38.44 3.61
CA SER D 75 44.59 -39.81 3.88
C SER D 75 43.85 -39.91 5.22
N THR D 76 44.18 -39.02 6.15
CA THR D 76 43.52 -39.04 7.46
C THR D 76 42.56 -37.86 7.63
N SER D 77 42.39 -37.07 6.57
CA SER D 77 41.53 -35.88 6.59
C SER D 77 41.82 -34.98 7.78
N THR D 78 43.10 -34.77 8.06
CA THR D 78 43.49 -33.97 9.21
C THR D 78 44.27 -32.75 8.77
N VAL D 79 43.93 -31.59 9.34
CA VAL D 79 44.70 -30.39 9.13
C VAL D 79 45.46 -30.04 10.43
N TYR D 80 46.66 -29.50 10.29
CA TYR D 80 47.47 -29.12 11.43
C TYR D 80 47.86 -27.66 11.39
N MET D 81 47.98 -27.06 12.56
CA MET D 81 48.49 -25.71 12.69
C MET D 81 49.60 -25.74 13.74
N GLU D 82 50.80 -25.33 13.33
CA GLU D 82 51.92 -25.23 14.26
C GLU D 82 52.34 -23.78 14.43
N LEU D 83 52.44 -23.33 15.68
CA LEU D 83 52.84 -21.97 15.97
C LEU D 83 54.08 -22.02 16.85
N SER D 84 55.15 -21.34 16.44
CA SER D 84 56.42 -21.41 17.13
CA SER D 84 56.42 -21.42 17.13
C SER D 84 56.75 -20.11 17.85
N SER D 85 57.83 -20.15 18.63
CA SER D 85 58.27 -18.99 19.42
C SER D 85 57.11 -18.39 20.20
N LEU D 86 56.40 -19.23 20.93
CA LEU D 86 55.20 -18.80 21.62
C LEU D 86 55.48 -17.76 22.69
N ARG D 87 54.55 -16.82 22.84
CA ARG D 87 54.59 -15.88 23.95
CA ARG D 87 54.60 -15.89 23.95
C ARG D 87 53.25 -15.81 24.63
N SER D 88 53.21 -15.16 25.77
CA SER D 88 51.99 -15.11 26.57
C SER D 88 50.80 -14.63 25.74
N GLU D 89 51.05 -13.69 24.83
CA GLU D 89 50.01 -13.12 23.99
C GLU D 89 49.40 -14.15 23.00
N ASP D 90 50.04 -15.30 22.84
CA ASP D 90 49.48 -16.37 22.00
C ASP D 90 48.48 -17.25 22.75
N THR D 91 48.29 -17.01 24.04
CA THR D 91 47.23 -17.71 24.79
C THR D 91 45.89 -17.42 24.12
N ALA D 92 45.21 -18.47 23.68
CA ALA D 92 43.98 -18.31 22.95
C ALA D 92 43.30 -19.64 22.74
N VAL D 93 42.01 -19.58 22.42
CA VAL D 93 41.34 -20.74 21.82
C VAL D 93 41.61 -20.70 20.31
N TYR D 94 42.14 -21.80 19.77
CA TYR D 94 42.49 -21.93 18.35
C TYR D 94 41.41 -22.77 17.70
N TYR D 95 40.74 -22.19 16.71
CA TYR D 95 39.69 -22.88 15.96
C TYR D 95 40.14 -23.21 14.54
N CYS D 96 39.82 -24.42 14.11
CA CYS D 96 39.83 -24.71 12.69
CA CYS D 96 39.82 -24.84 12.72
C CYS D 96 38.41 -24.53 12.20
N ALA D 97 38.26 -24.11 10.96
CA ALA D 97 36.93 -23.89 10.41
C ALA D 97 36.93 -24.17 8.92
N ARG D 98 36.01 -25.03 8.48
CA ARG D 98 35.88 -25.32 7.07
C ARG D 98 35.29 -24.13 6.33
N ASP D 99 35.88 -23.83 5.19
CA ASP D 99 35.39 -22.76 4.33
C ASP D 99 33.98 -23.07 3.82
N TRP D 100 33.25 -22.02 3.45
CA TRP D 100 31.90 -22.23 2.92
C TRP D 100 31.87 -23.07 1.65
N GLY D 101 32.90 -22.97 0.83
CA GLY D 101 32.92 -23.66 -0.45
C GLY D 101 33.47 -22.85 -1.61
N SER D 102 34.15 -21.74 -1.33
CA SER D 102 34.79 -20.98 -2.40
C SER D 102 35.71 -21.84 -3.25
N ASN D 103 35.73 -21.56 -4.55
CA ASN D 103 36.70 -22.20 -5.44
C ASN D 103 37.97 -21.37 -5.60
N TYR D 104 38.02 -20.27 -4.84
CA TYR D 104 39.15 -19.36 -4.86
C TYR D 104 39.46 -18.91 -3.45
N VAL D 105 40.73 -18.60 -3.21
CA VAL D 105 41.11 -18.06 -1.91
C VAL D 105 40.42 -16.73 -1.67
N TRP D 106 40.35 -15.89 -2.70
CA TRP D 106 39.67 -14.62 -2.56
C TRP D 106 38.19 -14.85 -2.27
N GLY D 107 37.68 -14.24 -1.21
CA GLY D 107 36.27 -14.36 -0.88
C GLY D 107 35.92 -15.59 -0.06
N SER D 108 36.94 -16.31 0.38
CA SER D 108 36.73 -17.42 1.29
C SER D 108 36.36 -16.86 2.66
N TYR D 109 35.59 -17.61 3.42
CA TYR D 109 35.34 -17.27 4.83
C TYR D 109 34.96 -18.53 5.59
N PRO D 110 35.28 -18.56 6.90
CA PRO D 110 34.98 -19.76 7.67
C PRO D 110 33.49 -19.92 7.91
N LYS D 111 33.01 -21.13 7.73
CA LYS D 111 31.59 -21.43 7.94
C LYS D 111 31.32 -22.45 9.02
N TYR D 112 31.98 -23.61 8.95
CA TYR D 112 31.76 -24.69 9.92
C TYR D 112 32.95 -24.76 10.86
N TRP D 113 32.71 -24.48 12.14
CA TRP D 113 33.81 -24.33 13.08
C TRP D 113 34.00 -25.55 13.96
N GLY D 114 35.26 -25.90 14.21
CA GLY D 114 35.57 -26.91 15.22
C GLY D 114 35.29 -26.42 16.63
N GLN D 115 35.48 -27.28 17.62
CA GLN D 115 35.14 -26.92 18.99
C GLN D 115 36.17 -26.02 19.68
N GLY D 116 37.32 -25.84 19.05
CA GLY D 116 38.38 -25.01 19.60
C GLY D 116 39.32 -25.80 20.50
N THR D 117 40.56 -25.33 20.56
CA THR D 117 41.59 -25.92 21.41
C THR D 117 42.19 -24.78 22.20
N LEU D 118 42.05 -24.81 23.53
CA LEU D 118 42.68 -23.78 24.36
C LEU D 118 44.17 -24.07 24.52
N VAL D 119 44.99 -23.11 24.12
CA VAL D 119 46.44 -23.18 24.33
C VAL D 119 46.82 -22.04 25.25
N THR D 120 47.37 -22.38 26.42
CA THR D 120 47.84 -21.38 27.38
C THR D 120 49.36 -21.34 27.36
N VAL D 121 49.91 -20.15 27.18
CA VAL D 121 51.36 -19.95 27.21
C VAL D 121 51.69 -19.21 28.50
N SER D 122 52.46 -19.86 29.36
CA SER D 122 52.72 -19.35 30.70
C SER D 122 54.03 -19.89 31.21
N SER D 123 54.70 -19.08 32.06
CA SER D 123 55.90 -19.54 32.74
CA SER D 123 55.91 -19.52 32.75
C SER D 123 55.57 -20.24 34.05
N ALA D 124 56.39 -19.21 29.64
CA ALA D 124 56.38 -18.89 31.06
C ALA D 124 56.56 -20.14 31.89
N SER D 125 57.05 -19.96 33.11
CA SER D 125 57.32 -21.10 33.97
CA SER D 125 57.32 -21.10 33.98
C SER D 125 56.04 -21.68 34.55
N THR D 126 55.97 -23.01 34.57
CA THR D 126 54.88 -23.71 35.21
C THR D 126 54.98 -23.51 36.71
N LYS D 127 53.84 -23.33 37.38
CA LYS D 127 53.85 -23.21 38.83
C LYS D 127 52.60 -23.86 39.41
N GLY D 128 52.79 -24.78 40.36
CA GLY D 128 51.66 -25.34 41.08
C GLY D 128 51.18 -24.39 42.17
N PRO D 129 49.89 -24.48 42.51
CA PRO D 129 49.31 -23.55 43.48
C PRO D 129 49.71 -23.85 44.92
N SER D 130 49.69 -22.83 45.77
CA SER D 130 49.62 -23.02 47.21
C SER D 130 48.15 -23.09 47.57
N VAL D 131 47.77 -23.91 48.55
CA VAL D 131 46.37 -24.04 48.92
C VAL D 131 46.23 -23.69 50.38
N PHE D 132 45.36 -22.72 50.69
CA PHE D 132 45.17 -22.26 52.05
C PHE D 132 43.71 -22.43 52.46
N PRO D 133 43.44 -22.84 53.69
CA PRO D 133 42.07 -22.96 54.15
C PRO D 133 41.48 -21.58 54.45
N LEU D 134 40.18 -21.42 54.16
CA LEU D 134 39.44 -20.21 54.49
C LEU D 134 38.44 -20.61 55.58
N ALA D 135 38.81 -20.33 56.80
CA ALA D 135 38.09 -20.87 57.96
C ALA D 135 36.72 -20.24 58.16
N PRO D 136 35.77 -21.04 58.64
CA PRO D 136 34.39 -20.55 58.83
C PRO D 136 34.28 -19.60 60.01
N SER D 137 33.25 -18.76 59.95
CA SER D 137 32.86 -17.89 61.05
C SER D 137 32.66 -18.70 62.32
N SER D 138 33.00 -18.10 63.45
CA SER D 138 32.79 -18.72 64.76
C SER D 138 31.36 -18.53 65.28
N LYS D 139 30.55 -17.75 64.57
CA LYS D 139 29.18 -17.48 65.02
C LYS D 139 28.38 -18.77 65.23
N SER D 140 27.51 -18.73 66.23
CA SER D 140 26.63 -19.84 66.56
C SER D 140 25.22 -19.29 66.79
N THR D 141 24.32 -19.54 65.85
CA THR D 141 22.91 -19.16 66.04
C THR D 141 22.02 -20.28 65.50
N SER D 142 20.81 -20.42 66.05
CA SER D 142 19.91 -21.49 65.62
C SER D 142 19.65 -21.40 64.11
N GLY D 143 19.86 -22.50 63.41
CA GLY D 143 19.61 -22.55 61.98
C GLY D 143 20.59 -21.73 61.14
N GLY D 144 21.66 -21.27 61.79
CA GLY D 144 22.64 -20.44 61.11
C GLY D 144 23.50 -21.21 60.13
N THR D 145 24.09 -20.50 59.18
CA THR D 145 25.04 -21.13 58.26
C THR D 145 26.35 -20.39 58.27
N ALA D 146 27.37 -21.03 57.71
CA ALA D 146 28.69 -20.42 57.63
C ALA D 146 29.31 -20.77 56.30
N ALA D 147 30.11 -19.85 55.78
CA ALA D 147 30.90 -20.09 54.58
C ALA D 147 32.31 -20.49 54.96
N LEU D 148 32.81 -21.56 54.36
CA LEU D 148 34.20 -21.96 54.54
C LEU D 148 34.75 -22.30 53.17
N GLY D 149 36.06 -22.36 53.01
CA GLY D 149 36.54 -22.59 51.67
C GLY D 149 38.02 -22.88 51.56
N CYS D 150 38.49 -22.88 50.33
CA CYS D 150 39.92 -23.00 50.04
CA CYS D 150 39.93 -22.92 50.11
C CYS D 150 40.35 -21.97 49.02
N LEU D 151 41.49 -21.37 49.26
CA LEU D 151 42.13 -20.42 48.37
C LEU D 151 43.22 -21.16 47.64
N VAL D 152 43.14 -21.15 46.31
CA VAL D 152 44.10 -21.83 45.44
C VAL D 152 44.91 -20.70 44.82
N LYS D 153 46.12 -20.51 45.34
CA LYS D 153 46.89 -19.29 45.10
CA LYS D 153 46.87 -19.30 45.07
C LYS D 153 48.07 -19.47 44.14
N ASP D 154 48.15 -18.61 43.13
CA ASP D 154 49.36 -18.47 42.30
C ASP D 154 49.78 -19.70 41.50
N TYR D 155 49.00 -20.06 40.49
CA TYR D 155 49.37 -21.19 39.66
C TYR D 155 49.41 -20.77 38.21
N PHE D 156 50.10 -21.56 37.39
CA PHE D 156 50.12 -21.38 35.95
C PHE D 156 50.50 -22.69 35.28
N PRO D 157 49.84 -23.05 34.16
CA PRO D 157 48.70 -22.40 33.52
C PRO D 157 47.40 -22.96 34.06
N GLU D 158 46.27 -22.58 33.45
CA GLU D 158 45.04 -23.30 33.71
C GLU D 158 45.21 -24.73 33.22
N PRO D 159 44.37 -25.66 33.69
CA PRO D 159 43.25 -25.48 34.61
C PRO D 159 43.52 -26.08 35.99
N VAL D 160 42.62 -25.76 36.93
CA VAL D 160 42.60 -26.36 38.25
CA VAL D 160 42.61 -26.46 38.20
C VAL D 160 41.20 -26.90 38.51
N THR D 161 41.10 -28.05 39.17
CA THR D 161 39.81 -28.52 39.64
C THR D 161 39.79 -28.53 41.16
N VAL D 162 38.60 -28.34 41.72
CA VAL D 162 38.39 -28.43 43.15
C VAL D 162 37.15 -29.27 43.38
N SER D 163 37.26 -30.28 44.24
CA SER D 163 36.09 -30.97 44.77
C SER D 163 36.16 -30.93 46.28
N TRP D 164 35.08 -31.32 46.94
CA TRP D 164 35.03 -31.39 48.39
C TRP D 164 34.72 -32.81 48.83
N ASN D 165 35.51 -33.31 49.77
CA ASN D 165 35.32 -34.66 50.29
C ASN D 165 35.17 -35.67 49.17
N SER D 166 36.10 -35.61 48.21
CA SER D 166 36.16 -36.57 47.10
C SER D 166 34.92 -36.52 46.22
N GLY D 167 34.24 -35.38 46.19
CA GLY D 167 33.05 -35.22 45.39
C GLY D 167 31.77 -35.63 46.11
N ALA D 168 31.90 -36.10 47.35
CA ALA D 168 30.72 -36.45 48.14
C ALA D 168 29.94 -35.23 48.64
N LEU D 169 30.63 -34.10 48.79
CA LEU D 169 29.98 -32.87 49.22
C LEU D 169 29.80 -31.94 48.03
N THR D 170 28.55 -31.72 47.62
CA THR D 170 28.24 -30.87 46.47
C THR D 170 27.23 -29.77 46.77
N SER D 171 26.37 -29.97 47.75
CA SER D 171 25.37 -28.97 48.09
CA SER D 171 25.36 -28.97 48.08
C SER D 171 26.01 -27.72 48.68
N GLY D 172 25.67 -26.55 48.14
CA GLY D 172 26.21 -25.31 48.67
C GLY D 172 27.64 -24.99 48.26
N VAL D 173 28.21 -25.76 47.34
CA VAL D 173 29.55 -25.46 46.81
C VAL D 173 29.49 -24.43 45.70
N HIS D 174 30.37 -23.43 45.77
CA HIS D 174 30.49 -22.42 44.72
C HIS D 174 31.98 -22.23 44.46
N THR D 175 32.45 -22.72 43.32
CA THR D 175 33.84 -22.56 42.92
C THR D 175 33.88 -21.44 41.90
N PHE D 176 34.68 -20.42 42.20
CA PHE D 176 34.70 -19.18 41.43
C PHE D 176 35.73 -19.27 40.30
N PRO D 177 35.41 -18.67 39.15
CA PRO D 177 36.43 -18.56 38.09
C PRO D 177 37.68 -17.85 38.59
N ALA D 178 38.83 -18.24 38.04
CA ALA D 178 40.09 -17.68 38.47
C ALA D 178 40.29 -16.25 38.05
N VAL D 179 41.04 -15.53 38.87
CA VAL D 179 41.57 -14.24 38.48
C VAL D 179 42.95 -14.45 37.88
N LEU D 180 43.27 -13.72 36.81
CA LEU D 180 44.62 -13.74 36.25
C LEU D 180 45.29 -12.44 36.69
N GLN D 181 46.29 -12.57 37.55
CA GLN D 181 46.95 -11.45 38.19
CA GLN D 181 46.91 -11.41 38.16
C GLN D 181 47.98 -10.83 37.24
N SER D 182 48.42 -9.61 37.55
CA SER D 182 49.41 -8.92 36.72
CA SER D 182 49.41 -8.94 36.71
C SER D 182 50.74 -9.69 36.70
N SER D 183 50.93 -10.56 37.69
CA SER D 183 52.12 -11.39 37.77
C SER D 183 52.12 -12.48 36.70
N GLY D 184 50.97 -12.67 36.05
CA GLY D 184 50.82 -13.74 35.08
C GLY D 184 50.38 -15.04 35.72
N LEU D 185 50.13 -15.03 37.02
CA LEU D 185 49.68 -16.22 37.74
C LEU D 185 48.19 -16.13 38.07
N TYR D 186 47.54 -17.29 38.12
CA TYR D 186 46.12 -17.37 38.45
C TYR D 186 45.89 -17.66 39.93
N SER D 187 44.73 -17.26 40.44
CA SER D 187 44.24 -17.69 41.76
C SER D 187 42.75 -17.91 41.66
N LEU D 188 42.22 -18.87 42.42
CA LEU D 188 40.77 -19.04 42.50
C LEU D 188 40.39 -19.46 43.91
N SER D 189 39.11 -19.39 44.22
CA SER D 189 38.60 -19.85 45.51
C SER D 189 37.40 -20.74 45.30
N SER D 190 37.23 -21.70 46.20
CA SER D 190 36.02 -22.50 46.26
C SER D 190 35.45 -22.39 47.67
N VAL D 191 34.15 -22.14 47.77
CA VAL D 191 33.51 -21.94 49.06
CA VAL D 191 33.52 -21.96 49.07
C VAL D 191 32.29 -22.83 49.19
N VAL D 192 32.07 -23.34 50.39
CA VAL D 192 30.90 -24.15 50.68
C VAL D 192 30.14 -23.49 51.82
N THR D 193 28.84 -23.36 51.67
CA THR D 193 27.99 -22.87 52.75
C THR D 193 27.40 -24.07 53.48
N VAL D 194 27.64 -24.14 54.78
CA VAL D 194 27.22 -25.27 55.61
C VAL D 194 26.53 -24.82 56.91
N PRO D 195 25.85 -25.74 57.61
CA PRO D 195 25.27 -25.37 58.90
C PRO D 195 26.34 -24.98 59.90
N SER D 196 26.13 -23.90 60.65
CA SER D 196 27.11 -23.50 61.64
CA SER D 196 27.08 -23.48 61.68
C SER D 196 27.09 -24.45 62.86
N SER D 197 25.90 -24.90 63.23
CA SER D 197 25.71 -25.73 64.43
C SER D 197 26.63 -26.94 64.48
N SER D 198 26.96 -27.46 63.31
CA SER D 198 27.74 -28.68 63.20
C SER D 198 29.21 -28.50 62.81
N LEU D 199 29.69 -27.26 62.70
CA LEU D 199 31.12 -27.05 62.48
C LEU D 199 31.89 -27.76 63.59
N GLY D 200 33.01 -28.36 63.25
CA GLY D 200 33.77 -29.09 64.24
C GLY D 200 33.32 -30.54 64.44
N THR D 201 32.09 -30.87 64.03
CA THR D 201 31.64 -32.26 64.04
C THR D 201 31.78 -32.86 62.64
N GLN D 202 31.71 -32.01 61.63
CA GLN D 202 31.80 -32.43 60.23
C GLN D 202 33.20 -32.20 59.71
N THR D 203 33.71 -33.13 58.91
CA THR D 203 34.99 -32.95 58.25
C THR D 203 34.81 -32.33 56.85
N TYR D 204 35.60 -31.30 56.58
CA TYR D 204 35.57 -30.63 55.28
C TYR D 204 36.97 -30.59 54.68
N ILE D 205 37.14 -31.25 53.54
CA ILE D 205 38.43 -31.29 52.86
C ILE D 205 38.27 -30.88 51.42
N CYS D 206 39.10 -29.95 50.98
CA CYS D 206 39.07 -29.58 49.56
CA CYS D 206 39.12 -29.50 49.59
C CYS D 206 40.18 -30.29 48.81
N ASN D 207 39.78 -30.93 47.72
CA ASN D 207 40.70 -31.70 46.90
C ASN D 207 41.03 -30.87 45.68
N VAL D 208 42.28 -30.42 45.60
CA VAL D 208 42.72 -29.53 44.54
C VAL D 208 43.69 -30.25 43.63
N ASN D 209 43.45 -30.14 42.32
CA ASN D 209 44.31 -30.76 41.31
CA ASN D 209 44.31 -30.76 41.32
C ASN D 209 44.77 -29.74 40.28
N HIS D 210 46.09 -29.68 40.08
CA HIS D 210 46.67 -28.86 39.01
C HIS D 210 47.51 -29.80 38.16
N LYS D 211 46.87 -30.39 37.16
CA LYS D 211 47.50 -31.45 36.39
C LYS D 211 48.76 -31.00 35.62
N PRO D 212 48.76 -29.78 35.06
CA PRO D 212 49.97 -29.38 34.32
C PRO D 212 51.25 -29.44 35.14
N SER D 213 51.15 -29.25 36.47
CA SER D 213 52.32 -29.31 37.33
C SER D 213 52.33 -30.59 38.17
N ASN D 214 51.39 -31.48 37.91
CA ASN D 214 51.24 -32.69 38.73
C ASN D 214 51.11 -32.39 40.21
N THR D 215 50.45 -31.29 40.55
CA THR D 215 50.22 -30.93 41.95
C THR D 215 48.85 -31.44 42.38
N LYS D 216 48.79 -32.11 43.52
CA LYS D 216 47.55 -32.58 44.10
C LYS D 216 47.61 -32.29 45.59
N VAL D 217 46.64 -31.52 46.09
CA VAL D 217 46.61 -31.13 47.51
C VAL D 217 45.23 -31.41 48.09
N ASP D 218 45.20 -31.97 49.29
CA ASP D 218 43.94 -32.15 50.00
CA ASP D 218 43.94 -32.16 50.01
C ASP D 218 44.02 -31.44 51.35
N LYS D 219 43.31 -30.32 51.46
CA LYS D 219 43.45 -29.43 52.60
C LYS D 219 42.23 -29.50 53.50
N ARG D 220 42.43 -29.84 54.77
CA ARG D 220 41.36 -29.80 55.76
CA ARG D 220 41.35 -29.81 55.75
C ARG D 220 41.04 -28.37 56.13
N VAL D 221 39.75 -28.06 56.20
CA VAL D 221 39.30 -26.73 56.61
C VAL D 221 38.56 -26.85 57.92
N GLU D 222 39.11 -26.24 58.96
CA GLU D 222 38.65 -26.42 60.32
C GLU D 222 38.24 -25.10 60.95
N PRO D 223 37.42 -25.16 62.01
CA PRO D 223 37.05 -23.94 62.72
C PRO D 223 38.26 -23.15 63.20
N LYS D 224 38.11 -21.84 63.30
CA LYS D 224 39.16 -20.98 63.82
CA LYS D 224 39.13 -20.96 63.84
C LYS D 224 39.61 -21.40 65.21
N SER D 225 40.91 -21.19 65.49
CA SER D 225 41.45 -21.51 66.80
C SER D 225 40.79 -20.68 67.90
N CYS D 226 40.33 -19.50 67.54
CA CYS D 226 39.69 -18.59 68.49
C CYS D 226 38.23 -18.97 68.75
N ASP D 227 37.71 -19.87 67.93
CA ASP D 227 36.31 -20.32 68.05
C ASP D 227 36.16 -21.24 69.25
N LYS D 228 35.39 -20.78 70.24
CA LYS D 228 35.21 -21.54 71.47
C LYS D 228 33.97 -22.43 71.42
N THR D 229 33.19 -22.31 70.35
CA THR D 229 31.96 -23.09 70.21
C THR D 229 32.19 -24.36 69.39
N HIS D 230 32.89 -24.21 68.27
CA HIS D 230 33.07 -25.31 67.33
C HIS D 230 34.50 -25.86 67.37
N GLN E 1 41.55 -2.17 18.11
CA GLN E 1 42.57 -2.29 17.07
C GLN E 1 42.04 -3.09 15.88
N SER E 2 41.06 -3.96 16.12
CA SER E 2 40.45 -4.75 15.06
C SER E 2 40.16 -3.87 13.84
N VAL E 3 40.13 -4.47 12.66
CA VAL E 3 40.02 -3.72 11.41
C VAL E 3 38.61 -3.12 11.23
N LEU E 4 37.59 -3.84 11.64
CA LEU E 4 36.22 -3.33 11.62
C LEU E 4 35.82 -2.89 13.02
N THR E 5 35.06 -1.81 13.13
CA THR E 5 34.73 -1.26 14.46
C THR E 5 33.27 -1.51 14.85
N GLN E 6 33.09 -2.21 15.97
CA GLN E 6 31.78 -2.47 16.55
C GLN E 6 31.72 -1.91 17.96
N PRO E 7 30.50 -1.59 18.44
CA PRO E 7 30.37 -1.25 19.86
C PRO E 7 30.74 -2.43 20.74
N SER E 8 31.40 -2.18 21.87
CA SER E 8 31.77 -3.28 22.74
C SER E 8 30.56 -3.96 23.35
N SER E 9 29.49 -3.20 23.55
CA SER E 9 28.32 -3.73 24.25
C SER E 9 27.03 -3.14 23.72
N VAL E 10 26.01 -3.99 23.58
CA VAL E 10 24.64 -3.56 23.29
C VAL E 10 23.69 -4.30 24.23
N SER E 11 22.66 -3.62 24.72
CA SER E 11 21.69 -4.29 25.59
C SER E 11 20.26 -3.96 25.20
N GLY E 12 19.36 -4.88 25.50
CA GLY E 12 17.95 -4.64 25.24
C GLY E 12 17.09 -5.52 26.13
N THR E 13 15.80 -5.22 26.18
CA THR E 13 14.87 -6.05 26.94
C THR E 13 14.23 -7.09 26.02
N PRO E 14 13.75 -8.20 26.60
CA PRO E 14 13.10 -9.20 25.75
C PRO E 14 11.97 -8.58 24.94
N GLY E 15 11.93 -8.94 23.66
CA GLY E 15 10.88 -8.47 22.78
C GLY E 15 11.24 -7.24 21.94
N GLN E 16 12.25 -6.49 22.36
CA GLN E 16 12.62 -5.28 21.63
C GLN E 16 13.50 -5.57 20.41
N ARG E 17 13.74 -4.53 19.62
CA ARG E 17 14.70 -4.61 18.51
C ARG E 17 15.99 -3.93 18.94
N VAL E 18 17.12 -4.55 18.62
CA VAL E 18 18.42 -3.93 18.85
C VAL E 18 19.20 -3.96 17.55
N THR E 19 20.17 -3.09 17.43
CA THR E 19 21.04 -3.08 16.26
C THR E 19 22.49 -3.04 16.71
N ILE E 20 23.35 -3.60 15.87
CA ILE E 20 24.78 -3.64 16.13
C ILE E 20 25.49 -3.11 14.91
N SER E 21 26.22 -2.01 15.06
CA SER E 21 26.92 -1.41 13.93
C SER E 21 28.30 -2.02 13.71
N CYS E 22 28.79 -1.86 12.49
CA CYS E 22 30.07 -2.38 12.07
C CYS E 22 30.64 -1.42 11.04
N SER E 23 31.65 -0.65 11.41
CA SER E 23 32.19 0.35 10.48
C SER E 23 33.54 -0.06 9.91
N GLY E 24 33.69 0.10 8.61
CA GLY E 24 34.91 -0.30 7.91
C GLY E 24 35.39 0.78 6.97
N SER E 25 35.98 0.35 5.86
CA SER E 25 36.54 1.28 4.88
C SER E 25 36.22 0.83 3.47
N SER E 26 36.66 1.61 2.48
CA SER E 26 36.40 1.28 1.09
C SER E 26 37.09 -0.03 0.67
N SER E 27 38.12 -0.43 1.39
CA SER E 27 38.85 -1.64 1.03
C SER E 27 38.20 -2.93 1.55
N ASN E 28 37.33 -2.81 2.55
CA ASN E 28 36.59 -3.98 3.02
C ASN E 28 35.08 -3.88 2.77
N ILE E 29 34.32 -3.37 3.75
CA ILE E 29 32.88 -3.26 3.62
C ILE E 29 32.43 -2.46 2.38
N GLY E 30 33.19 -1.41 2.05
CA GLY E 30 32.83 -0.60 0.90
C GLY E 30 32.80 -1.38 -0.41
N SER E 31 33.67 -2.38 -0.52
CA SER E 31 33.82 -3.15 -1.75
C SER E 31 33.24 -4.56 -1.68
N ASN E 32 33.22 -5.15 -0.49
CA ASN E 32 32.94 -6.57 -0.35
C ASN E 32 31.80 -6.84 0.61
N THR E 33 31.17 -7.99 0.45
CA THR E 33 29.99 -8.32 1.25
C THR E 33 30.37 -8.63 2.71
N VAL E 34 29.41 -8.41 3.60
CA VAL E 34 29.66 -8.57 5.03
C VAL E 34 29.03 -9.85 5.55
N ASN E 35 29.77 -10.54 6.41
CA ASN E 35 29.25 -11.69 7.13
C ASN E 35 29.14 -11.38 8.60
N TRP E 36 28.26 -12.09 9.29
CA TRP E 36 28.14 -11.96 10.74
C TRP E 36 28.21 -13.33 11.39
N TYR E 37 28.86 -13.40 12.54
CA TYR E 37 28.92 -14.62 13.35
C TYR E 37 28.32 -14.38 14.71
N GLN E 38 27.67 -15.40 15.23
CA GLN E 38 27.13 -15.37 16.58
C GLN E 38 27.88 -16.38 17.41
N GLN E 39 28.35 -15.97 18.58
CA GLN E 39 29.10 -16.87 19.44
C GLN E 39 28.44 -16.90 20.81
N LEU E 40 27.65 -17.94 21.05
CA LEU E 40 27.01 -18.13 22.34
C LEU E 40 28.10 -18.41 23.36
N PRO E 41 27.85 -18.09 24.64
CA PRO E 41 28.92 -18.28 25.63
C PRO E 41 29.43 -19.73 25.68
N GLY E 42 30.74 -19.90 25.67
CA GLY E 42 31.37 -21.20 25.77
C GLY E 42 31.33 -22.05 24.50
N THR E 43 30.92 -21.45 23.39
CA THR E 43 30.79 -22.21 22.15
C THR E 43 31.60 -21.57 21.02
N ALA E 44 31.76 -22.30 19.92
CA ALA E 44 32.39 -21.76 18.73
C ALA E 44 31.45 -20.80 18.00
N PRO E 45 32.01 -19.85 17.26
CA PRO E 45 31.15 -19.02 16.41
C PRO E 45 30.35 -19.84 15.40
N LYS E 46 29.15 -19.38 15.07
CA LYS E 46 28.40 -19.95 13.96
C LYS E 46 28.08 -18.81 12.99
N LEU E 47 28.02 -19.14 11.71
CA LEU E 47 27.66 -18.16 10.68
C LEU E 47 26.19 -17.78 10.82
N LEU E 48 25.94 -16.48 10.94
CA LEU E 48 24.61 -15.96 11.18
C LEU E 48 24.01 -15.27 9.95
N ILE E 49 24.85 -14.49 9.26
CA ILE E 49 24.46 -13.78 8.05
C ILE E 49 25.64 -13.87 7.10
N TYR E 50 25.36 -14.07 5.80
CA TYR E 50 26.41 -13.96 4.79
C TYR E 50 25.92 -13.09 3.64
N GLY E 51 26.84 -12.51 2.91
CA GLY E 51 26.50 -11.69 1.75
C GLY E 51 25.56 -10.56 2.15
N ASN E 52 25.93 -9.84 3.21
CA ASN E 52 25.19 -8.66 3.71
C ASN E 52 23.89 -9.01 4.42
N ASN E 53 23.05 -9.81 3.77
CA ASN E 53 21.69 -10.01 4.26
C ASN E 53 21.08 -11.40 4.07
N GLN E 54 21.92 -12.39 3.79
CA GLN E 54 21.40 -13.74 3.62
CA GLN E 54 21.45 -13.77 3.59
C GLN E 54 21.57 -14.59 4.88
N ARG E 55 20.55 -15.38 5.18
CA ARG E 55 20.58 -16.26 6.35
C ARG E 55 20.80 -17.72 5.97
N PRO E 56 21.79 -18.39 6.60
CA PRO E 56 21.89 -19.84 6.47
C PRO E 56 20.63 -20.51 6.99
N SER E 57 20.35 -21.73 6.54
CA SER E 57 19.18 -22.46 7.01
CA SER E 57 19.18 -22.46 7.01
C SER E 57 19.22 -22.59 8.52
N GLY E 58 18.08 -22.32 9.17
CA GLY E 58 18.00 -22.44 10.61
C GLY E 58 18.07 -21.11 11.35
N VAL E 59 18.63 -20.10 10.70
CA VAL E 59 18.66 -18.77 11.30
C VAL E 59 17.35 -18.05 11.04
N PRO E 60 16.65 -17.63 12.10
CA PRO E 60 15.32 -17.04 12.00
C PRO E 60 15.31 -15.66 11.34
N ASP E 61 14.17 -15.28 10.80
CA ASP E 61 14.04 -14.03 10.05
C ASP E 61 14.20 -12.77 10.91
N ARG E 62 14.10 -12.91 12.22
CA ARG E 62 14.24 -11.75 13.07
C ARG E 62 15.69 -11.27 13.15
N PHE E 63 16.64 -12.07 12.65
CA PHE E 63 18.00 -11.59 12.40
C PHE E 63 18.07 -11.05 10.99
N SER E 64 18.46 -9.79 10.83
CA SER E 64 18.61 -9.26 9.49
C SER E 64 19.84 -8.37 9.38
N GLY E 65 20.49 -8.45 8.23
CA GLY E 65 21.69 -7.65 8.01
C GLY E 65 21.47 -6.64 6.92
N SER E 66 22.28 -5.59 6.96
CA SER E 66 22.27 -4.58 5.93
C SER E 66 23.65 -3.98 5.78
N LYS E 67 23.88 -3.33 4.64
CA LYS E 67 25.13 -2.64 4.37
C LYS E 67 24.83 -1.33 3.67
N SER E 68 25.59 -0.31 4.02
CA SER E 68 25.40 1.02 3.44
C SER E 68 26.75 1.70 3.40
N GLY E 69 27.30 1.85 2.20
CA GLY E 69 28.62 2.43 2.04
C GLY E 69 29.67 1.57 2.73
N THR E 70 30.41 2.20 3.65
CA THR E 70 31.49 1.50 4.34
C THR E 70 31.07 0.97 5.70
N SER E 71 29.77 0.98 5.98
CA SER E 71 29.27 0.43 7.25
C SER E 71 28.24 -0.66 7.02
N ALA E 72 28.07 -1.52 8.02
CA ALA E 72 27.06 -2.58 7.98
C ALA E 72 26.36 -2.61 9.31
N SER E 73 25.24 -3.32 9.37
CA SER E 73 24.48 -3.38 10.61
C SER E 73 23.73 -4.70 10.71
N LEU E 74 23.69 -5.23 11.93
CA LEU E 74 22.87 -6.37 12.26
C LEU E 74 21.69 -5.92 13.12
N ALA E 75 20.48 -6.24 12.70
CA ALA E 75 19.30 -5.95 13.52
C ALA E 75 18.70 -7.24 14.02
N ILE E 76 18.35 -7.24 15.30
CA ILE E 76 17.71 -8.39 15.91
C ILE E 76 16.38 -7.93 16.46
N SER E 77 15.28 -8.38 15.86
CA SER E 77 13.96 -8.07 16.38
CA SER E 77 13.96 -8.07 16.38
C SER E 77 13.50 -9.18 17.31
N GLY E 78 12.50 -8.90 18.14
CA GLY E 78 11.96 -9.92 19.03
C GLY E 78 13.03 -10.51 19.90
N LEU E 79 13.89 -9.65 20.45
CA LEU E 79 15.02 -10.09 21.24
C LEU E 79 14.63 -11.15 22.27
N GLN E 80 15.41 -12.24 22.31
CA GLN E 80 15.16 -13.34 23.25
C GLN E 80 16.39 -13.53 24.15
N SER E 81 16.17 -14.07 25.35
CA SER E 81 17.26 -14.32 26.29
C SER E 81 18.37 -15.13 25.65
N GLU E 82 17.99 -16.10 24.82
CA GLU E 82 19.00 -16.98 24.23
C GLU E 82 19.87 -16.28 23.20
N ASP E 83 19.52 -15.04 22.84
CA ASP E 83 20.32 -14.26 21.91
C ASP E 83 21.54 -13.64 22.57
N GLU E 84 21.63 -13.72 23.90
CA GLU E 84 22.79 -13.16 24.60
C GLU E 84 24.05 -13.88 24.12
N ALA E 85 24.99 -13.13 23.57
CA ALA E 85 26.11 -13.73 22.86
C ALA E 85 27.05 -12.63 22.38
N ASP E 86 28.21 -13.03 21.87
CA ASP E 86 29.10 -12.08 21.20
C ASP E 86 28.83 -12.17 19.70
N TYR E 87 28.71 -11.02 19.04
CA TYR E 87 28.44 -10.98 17.60
C TYR E 87 29.64 -10.33 16.92
N TYR E 88 30.08 -10.93 15.81
CA TYR E 88 31.24 -10.42 15.04
C TYR E 88 30.86 -10.18 13.60
N CYS E 89 31.17 -8.99 13.09
CA CYS E 89 31.10 -8.79 11.65
C CYS E 89 32.43 -9.15 11.01
N ALA E 90 32.39 -9.37 9.71
CA ALA E 90 33.56 -9.82 8.97
C ALA E 90 33.37 -9.51 7.49
N ALA E 91 34.49 -9.30 6.80
CA ALA E 91 34.47 -9.05 5.36
C ALA E 91 35.84 -9.31 4.80
N TRP E 92 35.91 -9.52 3.49
CA TRP E 92 37.20 -9.60 2.84
C TRP E 92 37.78 -8.18 2.73
N ASP E 93 39.08 -8.06 2.96
CA ASP E 93 39.77 -6.78 2.82
C ASP E 93 40.74 -6.82 1.64
N ASP E 94 40.49 -6.00 0.62
CA ASP E 94 41.29 -5.99 -0.59
C ASP E 94 42.72 -5.51 -0.35
N SER E 95 42.89 -4.60 0.60
CA SER E 95 44.21 -4.04 0.91
C SER E 95 45.09 -5.02 1.66
N LEU E 96 44.51 -5.76 2.59
CA LEU E 96 45.25 -6.75 3.37
C LEU E 96 45.25 -8.12 2.70
N ASN E 97 44.39 -8.28 1.69
CA ASN E 97 44.27 -9.54 0.97
C ASN E 97 43.94 -10.71 1.90
N GLY E 98 42.92 -10.53 2.73
CA GLY E 98 42.45 -11.58 3.61
C GLY E 98 41.21 -11.14 4.35
N PRO E 99 40.53 -12.09 5.04
CA PRO E 99 39.34 -11.79 5.84
C PRO E 99 39.72 -10.96 7.05
N VAL E 100 38.86 -10.00 7.41
CA VAL E 100 39.07 -9.21 8.61
C VAL E 100 37.81 -9.29 9.47
N PHE E 101 37.96 -9.06 10.78
CA PHE E 101 36.85 -9.13 11.72
C PHE E 101 36.66 -7.81 12.43
N GLY E 102 35.44 -7.58 12.91
CA GLY E 102 35.22 -6.56 13.91
C GLY E 102 35.65 -7.04 15.28
N GLY E 103 35.70 -6.12 16.24
CA GLY E 103 36.18 -6.44 17.57
C GLY E 103 35.21 -7.23 18.43
N GLY E 104 33.97 -7.33 17.95
CA GLY E 104 32.95 -8.08 18.66
C GLY E 104 32.08 -7.17 19.52
N THR E 105 30.81 -7.51 19.59
CA THR E 105 29.85 -6.84 20.45
C THR E 105 29.22 -7.87 21.39
N LYS E 106 29.26 -7.61 22.68
CA LYS E 106 28.55 -8.45 23.64
C LYS E 106 27.12 -7.94 23.79
N LEU E 107 26.17 -8.76 23.37
CA LEU E 107 24.75 -8.44 23.47
C LEU E 107 24.24 -9.01 24.77
N THR E 108 23.73 -8.14 25.64
CA THR E 108 23.11 -8.62 26.87
C THR E 108 21.60 -8.39 26.82
N VAL E 109 20.86 -9.36 27.33
CA VAL E 109 19.41 -9.25 27.37
C VAL E 109 19.02 -8.97 28.82
N LEU E 110 18.41 -7.81 29.03
CA LEU E 110 18.01 -7.35 30.36
C LEU E 110 16.79 -8.12 30.85
N GLY E 111 16.39 -7.87 32.09
CA GLY E 111 15.14 -8.40 32.59
C GLY E 111 13.99 -7.76 31.85
N ALA E 112 12.80 -8.32 31.98
CA ALA E 112 11.59 -7.73 31.41
C ALA E 112 11.54 -6.21 31.61
N ALA E 113 11.16 -5.49 30.56
CA ALA E 113 11.06 -4.03 30.63
C ALA E 113 10.11 -3.58 31.74
N ALA E 114 9.01 -4.30 31.93
CA ALA E 114 8.03 -3.96 32.95
C ALA E 114 8.47 -4.34 34.37
N GLY E 115 9.69 -4.86 34.51
CA GLY E 115 10.21 -5.15 35.84
C GLY E 115 10.36 -6.63 36.08
N GLN E 116 13.53 -7.55 34.52
CA GLN E 116 14.10 -8.44 35.51
C GLN E 116 14.48 -7.61 36.74
N PRO E 117 13.97 -8.00 37.92
CA PRO E 117 14.27 -7.24 39.14
C PRO E 117 15.75 -7.18 39.48
N LYS E 118 16.19 -6.03 39.98
CA LYS E 118 17.55 -5.86 40.44
C LYS E 118 17.80 -6.81 41.63
N ALA E 119 19.01 -7.35 41.72
CA ALA E 119 19.37 -8.16 42.88
C ALA E 119 20.73 -7.70 43.38
N ALA E 120 20.79 -7.33 44.66
CA ALA E 120 22.03 -6.83 45.24
C ALA E 120 23.01 -7.98 45.46
N PRO E 121 24.31 -7.67 45.37
CA PRO E 121 25.31 -8.72 45.61
C PRO E 121 25.38 -9.16 47.06
N SER E 122 25.63 -10.46 47.23
CA SER E 122 25.99 -11.01 48.52
CA SER E 122 25.99 -11.01 48.53
C SER E 122 27.52 -11.02 48.60
N VAL E 123 28.07 -10.53 49.70
CA VAL E 123 29.51 -10.41 49.81
C VAL E 123 30.06 -11.20 51.00
N THR E 124 31.06 -12.04 50.75
CA THR E 124 31.76 -12.75 51.82
C THR E 124 33.22 -12.38 51.75
N LEU E 125 33.78 -11.95 52.88
CA LEU E 125 35.17 -11.52 52.90
C LEU E 125 35.96 -12.35 53.90
N PHE E 126 36.99 -13.03 53.41
CA PHE E 126 37.88 -13.82 54.26
C PHE E 126 39.19 -13.09 54.52
N PRO E 127 39.66 -13.12 55.77
CA PRO E 127 40.97 -12.60 56.11
C PRO E 127 42.07 -13.59 55.72
N PRO E 128 43.33 -13.17 55.83
CA PRO E 128 44.44 -14.10 55.58
C PRO E 128 44.41 -15.27 56.57
N SER E 129 44.68 -16.45 56.05
CA SER E 129 44.81 -17.63 56.90
C SER E 129 46.10 -17.59 57.73
N SER E 130 46.08 -18.27 58.87
CA SER E 130 47.30 -18.39 59.65
C SER E 130 48.40 -19.05 58.81
N GLU E 131 48.02 -20.05 58.01
CA GLU E 131 48.97 -20.75 57.16
C GLU E 131 49.66 -19.78 56.20
N GLU E 132 48.88 -18.93 55.54
CA GLU E 132 49.50 -18.01 54.60
C GLU E 132 50.40 -16.99 55.31
N LEU E 133 49.93 -16.45 56.45
CA LEU E 133 50.73 -15.50 57.21
C LEU E 133 52.07 -16.10 57.63
N GLN E 134 52.08 -17.39 57.97
CA GLN E 134 53.32 -18.04 58.38
C GLN E 134 54.31 -18.14 57.24
N ALA E 135 53.79 -18.11 56.01
CA ALA E 135 54.62 -18.12 54.79
C ALA E 135 55.03 -16.71 54.39
N ASN E 136 54.74 -15.73 55.24
CA ASN E 136 55.05 -14.33 55.00
CA ASN E 136 55.09 -14.34 54.98
C ASN E 136 54.31 -13.74 53.82
N LYS E 137 53.05 -14.14 53.68
CA LYS E 137 52.19 -13.59 52.63
C LYS E 137 50.80 -13.32 53.24
N ALA E 138 49.98 -12.56 52.54
CA ALA E 138 48.64 -12.28 53.04
C ALA E 138 47.72 -11.93 51.88
N THR E 139 46.57 -12.58 51.84
CA THR E 139 45.58 -12.30 50.79
C THR E 139 44.21 -12.19 51.42
N LEU E 140 43.52 -11.09 51.19
CA LEU E 140 42.11 -10.94 51.54
CA LEU E 140 42.11 -10.98 51.55
C LEU E 140 41.28 -11.38 50.34
N VAL E 141 40.25 -12.16 50.58
CA VAL E 141 39.45 -12.75 49.50
C VAL E 141 38.01 -12.30 49.61
N CYS E 142 37.56 -11.56 48.60
CA CYS E 142 36.22 -10.99 48.58
C CYS E 142 35.40 -11.68 47.50
N LEU E 143 34.42 -12.48 47.95
CA LEU E 143 33.60 -13.25 47.04
C LEU E 143 32.23 -12.62 46.91
N ILE E 144 31.83 -12.42 45.67
CA ILE E 144 30.65 -11.61 45.35
C ILE E 144 29.69 -12.45 44.52
N SER E 145 28.46 -12.61 45.00
CA SER E 145 27.55 -13.50 44.30
CA SER E 145 27.53 -13.54 44.37
C SER E 145 26.13 -12.98 44.22
N ASP E 146 25.35 -13.62 43.36
CA ASP E 146 23.91 -13.42 43.28
C ASP E 146 23.46 -12.03 42.86
N PHE E 147 24.26 -11.34 42.06
CA PHE E 147 23.84 -10.01 41.63
C PHE E 147 23.26 -9.93 40.22
N TYR E 148 22.35 -8.97 40.04
CA TYR E 148 21.78 -8.69 38.73
C TYR E 148 21.33 -7.22 38.65
N PRO E 149 21.63 -6.53 37.54
CA PRO E 149 22.39 -6.98 36.35
C PRO E 149 23.83 -7.35 36.72
N GLY E 150 24.51 -7.99 35.76
CA GLY E 150 25.85 -8.50 36.00
C GLY E 150 26.99 -7.51 35.85
N ALA E 151 26.97 -6.46 36.66
CA ALA E 151 28.08 -5.50 36.69
C ALA E 151 28.24 -4.96 38.10
N VAL E 152 29.46 -5.03 38.63
CA VAL E 152 29.79 -4.38 39.89
C VAL E 152 31.13 -3.66 39.77
N THR E 153 31.39 -2.74 40.69
CA THR E 153 32.73 -2.24 40.88
C THR E 153 33.15 -2.51 42.32
N VAL E 154 34.43 -2.78 42.50
CA VAL E 154 34.94 -3.16 43.81
C VAL E 154 36.01 -2.19 44.23
N ALA E 155 35.92 -1.71 45.46
CA ALA E 155 36.91 -0.82 46.03
C ALA E 155 37.34 -1.39 47.37
N TRP E 156 38.62 -1.25 47.67
CA TRP E 156 39.15 -1.73 48.92
C TRP E 156 39.61 -0.56 49.78
N LYS E 157 39.47 -0.71 51.10
CA LYS E 157 39.90 0.31 52.04
C LYS E 157 40.80 -0.30 53.11
N ALA E 158 41.85 0.43 53.49
CA ALA E 158 42.65 0.11 54.67
C ALA E 158 42.23 1.14 55.70
N ASP E 159 41.64 0.68 56.80
CA ASP E 159 40.90 1.58 57.67
C ASP E 159 39.84 2.28 56.80
N SER E 160 39.94 3.60 56.64
CA SER E 160 38.98 4.31 55.79
C SER E 160 39.61 4.88 54.52
N SER E 161 40.86 4.50 54.24
CA SER E 161 41.59 5.05 53.10
C SER E 161 41.63 4.09 51.92
N PRO E 162 41.43 4.61 50.71
CA PRO E 162 41.46 3.75 49.52
C PRO E 162 42.81 3.06 49.34
N VAL E 163 42.76 1.78 48.97
CA VAL E 163 43.95 1.07 48.50
C VAL E 163 43.71 0.53 47.09
N LYS E 164 44.60 0.89 46.16
CA LYS E 164 44.52 0.39 44.80
C LYS E 164 45.61 -0.65 44.50
N ALA E 165 46.76 -0.50 45.15
CA ALA E 165 47.87 -1.42 44.96
C ALA E 165 47.49 -2.80 45.48
N GLY E 166 47.81 -3.84 44.70
CA GLY E 166 47.59 -5.20 45.13
C GLY E 166 46.19 -5.74 44.92
N VAL E 167 45.35 -5.02 44.19
CA VAL E 167 43.97 -5.44 43.95
C VAL E 167 43.84 -6.14 42.60
N GLU E 168 43.23 -7.33 42.61
CA GLU E 168 42.95 -8.06 41.38
C GLU E 168 41.50 -8.53 41.41
N THR E 169 40.74 -8.14 40.39
CA THR E 169 39.31 -8.40 40.37
C THR E 169 38.90 -9.09 39.07
N THR E 170 38.08 -10.12 39.18
CA THR E 170 37.60 -10.81 37.98
C THR E 170 36.47 -10.07 37.27
N THR E 171 36.28 -10.45 36.01
CA THR E 171 35.07 -10.10 35.29
C THR E 171 33.90 -10.81 35.95
N PRO E 172 32.69 -10.33 35.72
CA PRO E 172 31.52 -11.05 36.23
C PRO E 172 31.25 -12.30 35.41
N SER E 173 30.75 -13.35 36.05
CA SER E 173 30.42 -14.58 35.35
C SER E 173 29.02 -15.05 35.72
N LYS E 174 28.32 -15.72 34.81
CA LYS E 174 26.96 -16.16 35.06
CA LYS E 174 26.96 -16.15 35.08
C LYS E 174 26.91 -17.38 35.98
N GLN E 175 26.05 -17.33 36.99
CA GLN E 175 25.82 -18.46 37.89
C GLN E 175 24.75 -19.36 37.30
N SER E 176 24.58 -20.54 37.91
CA SER E 176 23.53 -21.48 37.48
C SER E 176 22.13 -20.89 37.63
N ASN E 177 21.97 -19.98 38.59
CA ASN E 177 20.65 -19.40 38.85
C ASN E 177 20.40 -18.15 38.02
N ASN E 178 21.33 -17.87 37.10
CA ASN E 178 21.16 -16.79 36.13
C ASN E 178 21.54 -15.41 36.66
N LYS E 179 21.89 -15.34 37.94
CA LYS E 179 22.52 -14.16 38.50
C LYS E 179 24.02 -14.28 38.25
N TYR E 180 24.78 -13.32 38.77
CA TYR E 180 26.19 -13.21 38.43
C TYR E 180 27.09 -13.25 39.66
N ALA E 181 28.35 -13.61 39.43
CA ALA E 181 29.36 -13.69 40.48
C ALA E 181 30.66 -13.05 40.04
N ALA E 182 31.48 -12.66 41.01
CA ALA E 182 32.81 -12.15 40.75
C ALA E 182 33.63 -12.31 42.01
N SER E 183 34.93 -12.13 41.90
CA SER E 183 35.77 -12.18 43.08
C SER E 183 36.86 -11.13 42.98
N SER E 184 37.34 -10.68 44.13
CA SER E 184 38.39 -9.69 44.18
C SER E 184 39.36 -10.11 45.27
N TYR E 185 40.63 -9.93 45.00
CA TYR E 185 41.70 -10.34 45.89
C TYR E 185 42.58 -9.16 46.22
N LEU E 186 42.87 -8.95 47.51
CA LEU E 186 43.80 -7.92 47.91
C LEU E 186 45.05 -8.57 48.48
N SER E 187 46.19 -8.34 47.84
CA SER E 187 47.47 -8.80 48.37
C SER E 187 48.13 -7.74 49.23
N LEU E 188 48.58 -8.14 50.41
CA LEU E 188 49.20 -7.28 51.43
CA LEU E 188 49.32 -7.25 51.28
C LEU E 188 50.39 -8.01 52.04
N THR E 189 51.28 -7.28 52.70
CA THR E 189 52.27 -7.96 53.52
C THR E 189 51.63 -8.25 54.88
N PRO E 190 52.13 -9.27 55.58
CA PRO E 190 51.60 -9.51 56.92
C PRO E 190 51.74 -8.27 57.81
N GLU E 191 52.80 -7.49 57.61
CA GLU E 191 52.99 -6.26 58.38
C GLU E 191 51.88 -5.23 58.10
N GLN E 192 51.48 -5.11 56.84
CA GLN E 192 50.39 -4.20 56.49
C GLN E 192 49.09 -4.65 57.14
N TRP E 193 48.82 -5.95 57.10
CA TRP E 193 47.64 -6.49 57.74
C TRP E 193 47.63 -6.16 59.24
N LYS E 194 48.79 -6.18 59.89
CA LYS E 194 48.91 -5.77 61.29
C LYS E 194 48.78 -4.26 61.54
N SER E 195 49.10 -3.47 60.53
CA SER E 195 49.28 -2.03 60.69
C SER E 195 48.01 -1.18 60.62
N HIS E 196 46.86 -1.83 60.40
CA HIS E 196 45.59 -1.13 60.33
C HIS E 196 44.58 -1.77 61.27
N ARG E 197 43.57 -1.00 61.65
CA ARG E 197 42.50 -1.52 62.48
C ARG E 197 41.64 -2.53 61.73
N SER E 198 41.47 -2.31 60.42
CA SER E 198 40.66 -3.21 59.60
C SER E 198 40.91 -2.93 58.13
N TYR E 199 40.46 -3.86 57.28
CA TYR E 199 40.37 -3.65 55.84
C TYR E 199 38.95 -3.96 55.41
N SER E 200 38.50 -3.33 54.35
CA SER E 200 37.15 -3.53 53.87
C SER E 200 37.11 -3.75 52.37
N CYS E 201 36.20 -4.62 51.95
CA CYS E 201 35.84 -4.78 50.55
C CYS E 201 34.47 -4.14 50.32
N GLN E 202 34.42 -3.17 49.39
CA GLN E 202 33.19 -2.42 49.12
C GLN E 202 32.76 -2.71 47.69
N VAL E 203 31.58 -3.31 47.57
CA VAL E 203 31.05 -3.66 46.26
C VAL E 203 29.91 -2.73 45.89
N THR E 204 30.05 -2.00 44.80
CA THR E 204 28.99 -1.10 44.34
C THR E 204 28.25 -1.73 43.17
N HIS E 205 26.93 -1.71 43.28
CA HIS E 205 26.05 -2.34 42.29
C HIS E 205 24.84 -1.45 42.11
N GLU E 206 24.60 -1.03 40.88
CA GLU E 206 23.49 -0.15 40.57
C GLU E 206 23.37 0.99 41.59
N GLY E 207 24.50 1.61 41.91
CA GLY E 207 24.49 2.79 42.76
C GLY E 207 24.41 2.58 44.26
N SER E 208 24.34 1.32 44.70
CA SER E 208 24.33 1.01 46.13
C SER E 208 25.53 0.16 46.48
N THR E 209 26.10 0.40 47.66
CA THR E 209 27.30 -0.31 48.08
C THR E 209 27.03 -1.30 49.19
N VAL E 210 27.61 -2.49 49.06
CA VAL E 210 27.61 -3.49 50.12
C VAL E 210 29.06 -3.65 50.57
N GLU E 211 29.30 -3.47 51.87
CA GLU E 211 30.65 -3.50 52.41
C GLU E 211 30.82 -4.62 53.44
N LYS E 212 31.96 -5.30 53.41
CA LYS E 212 32.34 -6.21 54.47
C LYS E 212 33.70 -5.80 54.99
N THR E 213 33.94 -6.04 56.27
CA THR E 213 35.17 -5.60 56.94
C THR E 213 35.75 -6.74 57.76
N VAL E 214 37.07 -6.85 57.78
CA VAL E 214 37.76 -7.84 58.61
C VAL E 214 38.91 -7.16 59.34
N ALA E 215 39.27 -7.71 60.50
CA ALA E 215 40.33 -7.15 61.34
C ALA E 215 41.24 -8.27 61.84
N PRO E 216 42.54 -7.96 62.03
CA PRO E 216 43.55 -8.99 62.31
C PRO E 216 43.42 -9.74 63.63
N THR E 217 42.77 -9.16 64.64
CA THR E 217 42.66 -9.82 65.95
C THR E 217 41.25 -10.17 66.38
N GLU E 218 40.28 -10.02 65.47
CA GLU E 218 38.91 -10.33 65.85
C GLU E 218 38.67 -11.83 65.68
N CYS E 219 37.52 -12.30 66.13
CA CYS E 219 37.13 -13.68 65.88
C CYS E 219 35.70 -13.68 65.38
N SER E 220 35.54 -13.30 64.12
CA SER E 220 34.24 -13.14 63.50
C SER E 220 33.57 -14.48 63.22
N VAL F 2 -36.45 23.26 -6.08
CA VAL F 2 -37.78 23.14 -5.49
C VAL F 2 -37.97 24.19 -4.41
N GLN F 3 -39.09 24.92 -4.49
CA GLN F 3 -39.42 25.91 -3.47
CA GLN F 3 -39.42 25.92 -3.49
C GLN F 3 -40.88 25.79 -3.09
N LEU F 4 -41.14 25.82 -1.78
CA LEU F 4 -42.50 25.73 -1.25
C LEU F 4 -42.68 26.88 -0.27
N VAL F 5 -43.58 27.79 -0.61
CA VAL F 5 -43.85 28.94 0.23
C VAL F 5 -45.25 28.88 0.84
N GLN F 6 -45.31 28.83 2.17
CA GLN F 6 -46.57 28.70 2.87
C GLN F 6 -47.13 30.04 3.34
N SER F 7 -48.42 30.04 3.62
CA SER F 7 -49.08 31.23 4.14
C SER F 7 -48.64 31.50 5.59
N GLY F 8 -48.98 32.69 6.08
CA GLY F 8 -48.48 33.15 7.36
C GLY F 8 -49.18 32.59 8.58
N ALA F 9 -48.58 32.86 9.74
CA ALA F 9 -49.11 32.35 10.99
C ALA F 9 -50.53 32.81 11.25
N GLU F 10 -51.27 31.96 11.95
CA GLU F 10 -52.69 32.18 12.22
C GLU F 10 -52.99 31.91 13.66
N VAL F 11 -54.05 32.53 14.17
CA VAL F 11 -54.63 32.17 15.44
C VAL F 11 -56.13 31.91 15.23
N ARG F 12 -56.65 30.92 15.96
CA ARG F 12 -58.08 30.57 15.87
C ARG F 12 -58.64 30.22 17.23
N LYS F 13 -59.95 30.49 17.40
CA LYS F 13 -60.68 30.02 18.58
CA LYS F 13 -60.68 30.02 18.58
C LYS F 13 -61.05 28.56 18.41
N PRO F 14 -61.20 27.84 19.52
CA PRO F 14 -61.69 26.46 19.42
C PRO F 14 -63.03 26.44 18.69
N GLY F 15 -63.20 25.45 17.81
CA GLY F 15 -64.44 25.31 17.07
C GLY F 15 -64.36 25.89 15.68
N ALA F 16 -63.43 26.81 15.46
CA ALA F 16 -63.25 27.39 14.13
C ALA F 16 -62.46 26.47 13.20
N SER F 17 -62.29 26.94 11.96
CA SER F 17 -61.46 26.20 11.01
CA SER F 17 -61.53 26.23 10.94
C SER F 17 -60.34 27.10 10.51
N THR F 18 -59.35 26.48 9.87
CA THR F 18 -58.21 27.21 9.33
C THR F 18 -57.85 26.57 7.99
N LYS F 19 -57.48 27.40 7.02
CA LYS F 19 -57.06 26.94 5.70
C LYS F 19 -55.69 27.53 5.41
N VAL F 20 -54.70 26.64 5.27
CA VAL F 20 -53.31 27.02 5.06
C VAL F 20 -52.95 26.72 3.61
N SER F 21 -52.15 27.59 3.00
CA SER F 21 -51.75 27.40 1.61
C SER F 21 -50.26 27.14 1.47
N CYS F 22 -49.90 26.51 0.36
CA CYS F 22 -48.53 26.15 0.03
C CYS F 22 -48.35 26.35 -1.47
N LYS F 23 -47.58 27.37 -1.82
CA LYS F 23 -47.31 27.70 -3.22
C LYS F 23 -46.02 27.06 -3.68
N ALA F 24 -46.10 26.22 -4.70
CA ALA F 24 -44.96 25.45 -5.16
C ALA F 24 -44.34 26.03 -6.42
N SER F 25 -43.04 25.84 -6.54
CA SER F 25 -42.34 26.23 -7.75
C SER F 25 -41.03 25.46 -7.89
N GLY F 26 -40.43 25.55 -9.08
CA GLY F 26 -39.13 24.94 -9.32
C GLY F 26 -39.17 23.48 -9.78
N TYR F 27 -40.37 22.98 -10.09
CA TYR F 27 -40.55 21.62 -10.57
C TYR F 27 -41.91 21.52 -11.24
N THR F 28 -42.13 20.45 -11.99
CA THR F 28 -43.43 20.24 -12.64
C THR F 28 -44.51 19.90 -11.61
N PHE F 29 -45.37 20.86 -11.32
CA PHE F 29 -46.30 20.77 -10.20
C PHE F 29 -47.14 19.50 -10.14
N THR F 30 -47.72 19.10 -11.25
CA THR F 30 -48.66 17.97 -11.22
C THR F 30 -47.98 16.61 -11.24
N HIS F 31 -46.65 16.59 -11.23
CA HIS F 31 -45.94 15.31 -11.27
C HIS F 31 -45.49 14.75 -9.93
N TYR F 32 -45.78 15.46 -8.84
CA TYR F 32 -45.35 15.04 -7.49
C TYR F 32 -46.45 15.19 -6.48
N TYR F 33 -46.62 14.16 -5.65
CA TYR F 33 -47.54 14.23 -4.54
C TYR F 33 -47.10 15.31 -3.57
N MET F 34 -48.07 15.87 -2.86
CA MET F 34 -47.78 16.79 -1.76
CA MET F 34 -47.81 16.79 -1.77
C MET F 34 -48.31 16.21 -0.45
N HIS F 35 -47.43 16.15 0.55
CA HIS F 35 -47.76 15.70 1.88
C HIS F 35 -48.02 16.91 2.77
N TRP F 36 -48.80 16.69 3.83
CA TRP F 36 -48.86 17.64 4.94
C TRP F 36 -48.47 16.90 6.22
N VAL F 37 -47.67 17.57 7.04
CA VAL F 37 -47.14 17.03 8.29
C VAL F 37 -47.21 18.14 9.31
N ARG F 38 -47.70 17.86 10.52
CA ARG F 38 -47.73 18.88 11.54
C ARG F 38 -46.90 18.50 12.77
N GLN F 39 -46.59 19.51 13.57
CA GLN F 39 -45.74 19.34 14.75
C GLN F 39 -46.21 20.27 15.85
N ALA F 40 -46.80 19.70 16.90
CA ALA F 40 -47.22 20.50 18.04
C ALA F 40 -45.98 21.04 18.75
N PRO F 41 -46.09 22.20 19.42
CA PRO F 41 -44.89 22.79 20.00
C PRO F 41 -44.17 21.83 20.94
N GLY F 42 -42.88 21.63 20.71
CA GLY F 42 -42.07 20.72 21.51
C GLY F 42 -42.32 19.23 21.31
N GLN F 43 -43.15 18.89 20.34
CA GLN F 43 -43.56 17.50 20.11
CA GLN F 43 -43.52 17.49 20.13
C GLN F 43 -43.04 16.97 18.79
N GLY F 44 -43.44 15.75 18.43
CA GLY F 44 -42.93 15.11 17.23
C GLY F 44 -43.73 15.40 15.98
N LEU F 45 -43.26 14.84 14.87
CA LEU F 45 -43.91 14.97 13.57
C LEU F 45 -45.11 14.02 13.44
N GLU F 46 -46.20 14.53 12.87
CA GLU F 46 -47.41 13.73 12.62
C GLU F 46 -47.87 13.91 11.18
N TRP F 47 -47.86 12.83 10.40
CA TRP F 47 -48.32 12.88 9.03
C TRP F 47 -49.83 13.12 8.99
N MET F 48 -50.26 14.04 8.14
CA MET F 48 -51.69 14.36 8.05
C MET F 48 -52.35 13.77 6.83
N GLY F 49 -51.61 13.66 5.74
CA GLY F 49 -52.19 13.10 4.54
C GLY F 49 -51.38 13.51 3.33
N ILE F 50 -51.91 13.17 2.16
CA ILE F 50 -51.22 13.35 0.91
C ILE F 50 -52.26 13.60 -0.17
N ILE F 51 -51.92 14.46 -1.11
CA ILE F 51 -52.78 14.73 -2.26
C ILE F 51 -51.99 14.61 -3.55
N ASN F 52 -52.64 14.06 -4.57
CA ASN F 52 -52.09 13.98 -5.92
C ASN F 52 -52.57 15.19 -6.70
N PRO F 53 -51.67 16.11 -7.04
CA PRO F 53 -52.13 17.31 -7.75
C PRO F 53 -52.67 16.99 -9.13
N SER F 54 -52.28 15.83 -9.68
CA SER F 54 -52.89 15.30 -10.88
C SER F 54 -54.17 14.56 -10.48
N GLY F 55 -55.32 15.18 -10.70
CA GLY F 55 -56.60 14.57 -10.39
C GLY F 55 -57.18 14.94 -9.05
N GLY F 56 -56.33 15.25 -8.08
CA GLY F 56 -56.80 15.74 -6.79
C GLY F 56 -57.17 14.66 -5.77
N SER F 57 -56.85 13.41 -6.05
CA SER F 57 -57.14 12.35 -5.10
C SER F 57 -56.37 12.56 -3.81
N THR F 58 -56.95 12.15 -2.68
CA THR F 58 -56.35 12.34 -1.37
C THR F 58 -56.38 11.06 -0.54
N THR F 59 -55.44 10.95 0.39
CA THR F 59 -55.49 9.98 1.46
C THR F 59 -55.15 10.72 2.74
N TYR F 60 -56.01 10.61 3.75
CA TYR F 60 -55.78 11.28 5.02
C TYR F 60 -55.42 10.34 6.16
N ALA F 61 -54.66 10.85 7.12
CA ALA F 61 -54.41 10.14 8.36
C ALA F 61 -55.73 9.75 8.99
N GLN F 62 -55.83 8.51 9.45
CA GLN F 62 -57.09 8.02 10.01
C GLN F 62 -57.60 8.90 11.15
N LYS F 63 -56.69 9.40 11.99
CA LYS F 63 -57.09 10.21 13.14
C LYS F 63 -57.68 11.57 12.77
N LEU F 64 -57.44 12.02 11.54
CA LEU F 64 -57.95 13.31 11.08
C LEU F 64 -59.10 13.17 10.10
N GLN F 65 -59.38 11.95 9.66
CA GLN F 65 -60.45 11.70 8.70
CA GLN F 65 -60.44 11.74 8.69
C GLN F 65 -61.75 12.30 9.20
N GLY F 66 -62.40 13.11 8.37
CA GLY F 66 -63.64 13.73 8.77
C GLY F 66 -63.53 15.20 9.11
N ARG F 67 -62.33 15.70 9.30
CA ARG F 67 -62.22 17.15 9.52
C ARG F 67 -61.02 17.79 8.84
N VAL F 68 -60.29 17.03 8.05
CA VAL F 68 -59.25 17.62 7.20
C VAL F 68 -59.65 17.50 5.73
N THR F 69 -59.35 18.53 4.95
CA THR F 69 -59.62 18.55 3.52
C THR F 69 -58.39 19.11 2.83
N MET F 70 -57.82 18.36 1.88
CA MET F 70 -56.74 18.88 1.06
C MET F 70 -57.23 19.10 -0.36
N THR F 71 -56.79 20.19 -0.96
CA THR F 71 -57.17 20.55 -2.33
C THR F 71 -56.00 21.19 -3.03
N ARG F 72 -56.13 21.38 -4.34
CA ARG F 72 -55.08 22.06 -5.08
C ARG F 72 -55.67 22.85 -6.22
N ASP F 73 -54.91 23.83 -6.68
CA ASP F 73 -55.24 24.63 -7.86
C ASP F 73 -54.05 24.49 -8.81
N THR F 74 -54.21 23.77 -9.91
CA THR F 74 -53.05 23.47 -10.76
C THR F 74 -52.56 24.66 -11.56
N SER F 75 -53.43 25.65 -11.76
CA SER F 75 -53.03 26.84 -12.50
C SER F 75 -52.14 27.76 -11.67
N THR F 76 -52.30 27.73 -10.34
CA THR F 76 -51.48 28.57 -9.47
C THR F 76 -50.45 27.76 -8.70
N SER F 77 -50.37 26.46 -8.98
CA SER F 77 -49.45 25.54 -8.31
C SER F 77 -49.54 25.67 -6.79
N THR F 78 -50.76 25.73 -6.28
CA THR F 78 -50.97 25.91 -4.85
C THR F 78 -51.73 24.72 -4.27
N VAL F 79 -51.25 24.22 -3.14
CA VAL F 79 -51.98 23.20 -2.41
C VAL F 79 -52.54 23.81 -1.11
N TYR F 80 -53.73 23.36 -0.71
CA TYR F 80 -54.37 23.87 0.49
C TYR F 80 -54.68 22.75 1.47
N MET F 81 -54.63 23.08 2.75
CA MET F 81 -55.04 22.17 3.81
C MET F 81 -56.00 22.93 4.70
N GLU F 82 -57.22 22.40 4.83
CA GLU F 82 -58.22 22.98 5.72
C GLU F 82 -58.54 22.01 6.85
N LEU F 83 -58.46 22.50 8.09
CA LEU F 83 -58.75 21.67 9.25
C LEU F 83 -59.86 22.35 10.02
N SER F 84 -60.93 21.60 10.30
CA SER F 84 -62.12 22.16 10.94
CA SER F 84 -62.11 22.17 10.94
C SER F 84 -62.28 21.68 12.37
N SER F 85 -63.25 22.25 13.07
CA SER F 85 -63.53 21.92 14.47
C SER F 85 -62.25 21.93 15.29
N LEU F 86 -61.51 23.01 15.20
CA LEU F 86 -60.21 23.09 15.83
C LEU F 86 -60.30 23.02 17.34
N ARG F 87 -59.31 22.39 17.95
CA ARG F 87 -59.16 22.40 19.41
CA ARG F 87 -59.17 22.41 19.40
C ARG F 87 -57.74 22.75 19.78
N SER F 88 -57.53 23.01 21.06
CA SER F 88 -56.22 23.44 21.52
C SER F 88 -55.12 22.50 21.06
N GLU F 89 -55.42 21.20 21.04
CA GLU F 89 -54.46 20.17 20.65
C GLU F 89 -54.04 20.28 19.17
N ASP F 90 -54.75 21.06 18.38
CA ASP F 90 -54.35 21.29 16.99
C ASP F 90 -53.32 22.40 16.82
N THR F 91 -52.96 23.08 17.92
CA THR F 91 -51.86 24.05 17.88
C THR F 91 -50.61 23.33 17.40
N ALA F 92 -50.04 23.82 16.30
CA ALA F 92 -48.89 23.16 15.70
C ALA F 92 -48.32 24.00 14.59
N VAL F 93 -47.08 23.70 14.23
CA VAL F 93 -46.55 24.15 12.93
C VAL F 93 -47.01 23.14 11.87
N TYR F 94 -47.66 23.63 10.82
CA TYR F 94 -48.19 22.82 9.71
C TYR F 94 -47.24 22.96 8.55
N TYR F 95 -46.67 21.86 8.09
CA TYR F 95 -45.76 21.84 6.95
C TYR F 95 -46.39 21.18 5.74
N CYS F 96 -46.20 21.80 4.59
CA CYS F 96 -46.40 21.07 3.35
CA CYS F 96 -46.39 21.20 3.28
C CYS F 96 -45.04 20.57 2.91
N ALA F 97 -45.02 19.42 2.24
CA ALA F 97 -43.75 18.85 1.81
C ALA F 97 -43.95 18.08 0.52
N ARG F 98 -43.14 18.41 -0.49
CA ARG F 98 -43.21 17.68 -1.75
C ARG F 98 -42.65 16.29 -1.60
N ASP F 99 -43.36 15.33 -2.16
CA ASP F 99 -42.92 13.95 -2.17
C ASP F 99 -41.59 13.79 -2.92
N TRP F 100 -40.87 12.72 -2.62
CA TRP F 100 -39.60 12.48 -3.32
C TRP F 100 -39.76 12.28 -4.81
N GLY F 101 -40.90 11.70 -5.23
CA GLY F 101 -41.11 11.38 -6.63
C GLY F 101 -41.75 10.04 -6.90
N SER F 102 -42.32 9.40 -5.87
CA SER F 102 -43.04 8.16 -6.09
C SER F 102 -44.11 8.28 -7.17
N ASN F 103 -44.28 7.22 -7.94
CA ASN F 103 -45.38 7.16 -8.90
C ASN F 103 -46.60 6.48 -8.31
N TYR F 104 -46.50 6.15 -7.03
CA TYR F 104 -47.57 5.49 -6.28
C TYR F 104 -47.69 6.09 -4.91
N VAL F 105 -48.90 6.07 -4.36
CA VAL F 105 -49.09 6.53 -2.99
C VAL F 105 -48.29 5.66 -2.03
N TRP F 106 -48.31 4.34 -2.25
CA TRP F 106 -47.55 3.45 -1.40
C TRP F 106 -46.06 3.75 -1.54
N GLY F 107 -45.40 3.98 -0.41
CA GLY F 107 -43.96 4.23 -0.43
C GLY F 107 -43.58 5.68 -0.66
N SER F 108 -44.58 6.54 -0.68
CA SER F 108 -44.32 7.97 -0.75
C SER F 108 -43.75 8.43 0.59
N TYR F 109 -42.94 9.48 0.56
CA TYR F 109 -42.50 10.13 1.79
C TYR F 109 -42.10 11.57 1.49
N PRO F 110 -42.26 12.46 2.48
CA PRO F 110 -41.94 13.87 2.24
C PRO F 110 -40.44 14.08 2.12
N LYS F 111 -40.05 14.86 1.12
CA LYS F 111 -38.64 15.16 0.90
C LYS F 111 -38.29 16.63 1.00
N TYR F 112 -39.01 17.49 0.26
CA TYR F 112 -38.74 18.93 0.26
C TYR F 112 -39.80 19.64 1.06
N TRP F 113 -39.41 20.25 2.16
CA TRP F 113 -40.36 20.81 3.11
C TRP F 113 -40.51 22.32 2.99
N GLY F 114 -41.75 22.79 3.10
CA GLY F 114 -41.99 24.23 3.23
C GLY F 114 -41.52 24.77 4.57
N GLN F 115 -41.62 26.08 4.76
CA GLN F 115 -41.11 26.70 5.97
C GLN F 115 -41.98 26.51 7.20
N GLY F 116 -43.20 26.01 7.01
CA GLY F 116 -44.14 25.80 8.09
C GLY F 116 -45.00 27.01 8.37
N THR F 117 -46.19 26.75 8.89
CA THR F 117 -47.15 27.79 9.26
C THR F 117 -47.59 27.48 10.67
N LEU F 118 -47.28 28.36 11.62
CA LEU F 118 -47.74 28.15 12.99
C LEU F 118 -49.22 28.54 13.12
N VAL F 119 -50.03 27.58 13.56
CA VAL F 119 -51.43 27.83 13.86
C VAL F 119 -51.65 27.59 15.34
N THR F 120 -52.06 28.64 16.05
CA THR F 120 -52.35 28.54 17.47
C THR F 120 -53.86 28.56 17.69
N VAL F 121 -54.36 27.56 18.40
CA VAL F 121 -55.77 27.49 18.74
C VAL F 121 -55.91 27.79 20.22
N SER F 122 -56.61 28.88 20.55
CA SER F 122 -56.66 29.38 21.91
C SER F 122 -57.94 30.18 22.11
N SER F 123 -58.45 30.15 23.34
CA SER F 123 -59.58 30.99 23.71
CA SER F 123 -59.58 30.98 23.73
C SER F 123 -59.13 32.37 24.19
N ALA F 124 -60.17 28.43 21.50
CA ALA F 124 -59.97 29.22 22.70
C ALA F 124 -60.12 30.69 22.39
N SER F 125 -60.45 31.48 23.41
CA SER F 125 -60.67 32.89 23.21
CA SER F 125 -60.67 32.89 23.22
C SER F 125 -59.36 33.65 23.04
N THR F 126 -59.33 34.57 22.10
CA THR F 126 -58.21 35.47 21.91
C THR F 126 -58.13 36.40 23.10
N LYS F 127 -56.92 36.70 23.56
CA LYS F 127 -56.75 37.67 24.63
C LYS F 127 -55.48 38.47 24.43
N GLY F 128 -55.59 39.80 24.44
CA GLY F 128 -54.41 40.65 24.40
C GLY F 128 -53.77 40.74 25.77
N PRO F 129 -52.45 40.98 25.80
CA PRO F 129 -51.73 41.00 27.08
C PRO F 129 -51.98 42.27 27.89
N SER F 130 -51.82 42.16 29.21
CA SER F 130 -51.58 43.34 30.05
C SER F 130 -50.09 43.56 30.09
N VAL F 131 -49.64 44.81 30.12
CA VAL F 131 -48.21 45.10 30.13
C VAL F 131 -47.88 45.90 31.37
N PHE F 132 -46.94 45.39 32.18
CA PHE F 132 -46.57 46.05 33.42
C PHE F 132 -45.08 46.38 33.41
N PRO F 133 -44.71 47.54 33.94
CA PRO F 133 -43.29 47.87 34.02
C PRO F 133 -42.61 47.10 35.15
N LEU F 134 -41.35 46.71 34.92
CA LEU F 134 -40.53 46.07 35.93
C LEU F 134 -39.42 47.08 36.28
N ALA F 135 -39.64 47.79 37.37
CA ALA F 135 -38.81 48.95 37.69
C ALA F 135 -37.40 48.58 38.12
N PRO F 136 -36.43 49.44 37.77
CA PRO F 136 -35.02 49.17 38.10
C PRO F 136 -34.74 49.34 39.57
N SER F 137 -33.68 48.67 40.03
CA SER F 137 -33.14 48.83 41.36
C SER F 137 -32.83 50.30 41.63
N SER F 138 -33.00 50.71 42.88
CA SER F 138 -32.68 52.07 43.30
C SER F 138 -31.19 52.24 43.65
N LYS F 139 -30.43 51.15 43.62
CA LYS F 139 -29.01 51.21 43.98
C LYS F 139 -28.25 52.21 43.11
N SER F 140 -27.26 52.85 43.73
CA SER F 140 -26.40 53.80 43.04
C SER F 140 -24.95 53.53 43.44
N THR F 141 -24.18 52.97 42.53
CA THR F 141 -22.75 52.77 42.77
C THR F 141 -21.97 53.11 41.50
N SER F 142 -20.71 53.54 41.64
CA SER F 142 -19.91 53.91 40.47
C SER F 142 -19.82 52.76 39.48
N GLY F 143 -20.15 53.03 38.22
CA GLY F 143 -20.09 52.02 37.18
C GLY F 143 -21.12 50.91 37.31
N GLY F 144 -22.09 51.11 38.20
CA GLY F 144 -23.09 50.10 38.45
C GLY F 144 -24.09 49.97 37.31
N THR F 145 -24.76 48.83 37.23
CA THR F 145 -25.83 48.66 36.26
C THR F 145 -27.10 48.22 36.94
N ALA F 146 -28.21 48.31 36.21
CA ALA F 146 -29.49 47.92 36.74
C ALA F 146 -30.28 47.22 35.65
N ALA F 147 -31.10 46.25 36.05
CA ALA F 147 -32.03 45.60 35.13
C ALA F 147 -33.40 46.23 35.26
N LEU F 148 -34.02 46.56 34.13
CA LEU F 148 -35.39 47.04 34.13
C LEU F 148 -36.11 46.32 33.01
N GLY F 149 -37.44 46.32 33.00
CA GLY F 149 -38.07 45.54 31.96
C GLY F 149 -39.56 45.74 31.84
N CYS F 150 -40.18 44.87 31.05
CA CYS F 150 -41.64 44.84 30.92
CA CYS F 150 -41.64 44.83 31.03
C CYS F 150 -42.12 43.41 31.02
N LEU F 151 -43.21 43.23 31.74
CA LEU F 151 -43.90 41.97 31.88
C LEU F 151 -45.11 42.00 30.97
N VAL F 152 -45.17 41.04 30.05
CA VAL F 152 -46.26 40.95 29.09
C VAL F 152 -47.08 39.76 29.56
N LYS F 153 -48.21 40.06 30.19
CA LYS F 153 -48.96 39.09 30.98
CA LYS F 153 -48.94 39.06 30.96
C LYS F 153 -50.25 38.58 30.32
N ASP F 154 -50.41 37.26 30.26
CA ASP F 154 -51.70 36.63 29.93
C ASP F 154 -52.25 36.94 28.55
N TYR F 155 -51.62 36.43 27.51
CA TYR F 155 -52.12 36.63 26.16
C TYR F 155 -52.32 35.29 25.47
N PHE F 156 -53.14 35.29 24.42
CA PHE F 156 -53.31 34.13 23.57
C PHE F 156 -53.82 34.57 22.21
N PRO F 157 -53.32 33.99 21.11
CA PRO F 157 -52.23 33.01 21.01
C PRO F 157 -50.89 33.70 20.83
N GLU F 158 -49.83 32.95 20.56
CA GLU F 158 -48.60 33.57 20.09
C GLU F 158 -48.89 34.22 18.74
N PRO F 159 -48.05 35.16 18.30
CA PRO F 159 -46.82 35.64 18.93
C PRO F 159 -46.95 37.05 19.48
N VAL F 160 -45.94 37.46 20.26
CA VAL F 160 -45.80 38.84 20.73
CA VAL F 160 -45.82 38.86 20.62
C VAL F 160 -44.39 39.32 20.36
N THR F 161 -44.27 40.57 19.98
CA THR F 161 -42.95 41.18 19.82
C THR F 161 -42.76 42.27 20.85
N VAL F 162 -41.52 42.48 21.24
CA VAL F 162 -41.14 43.57 22.12
C VAL F 162 -39.91 44.24 21.53
N SER F 163 -39.97 45.56 21.42
CA SER F 163 -38.79 46.37 21.16
C SER F 163 -38.68 47.43 22.23
N TRP F 164 -37.54 48.11 22.27
CA TRP F 164 -37.33 49.20 23.22
C TRP F 164 -37.03 50.48 22.46
N ASN F 165 -37.73 51.54 22.83
CA ASN F 165 -37.54 52.85 22.21
C ASN F 165 -37.57 52.74 20.68
N SER F 166 -38.60 52.06 20.17
CA SER F 166 -38.82 51.92 18.73
C SER F 166 -37.69 51.20 18.03
N GLY F 167 -36.98 50.35 18.75
CA GLY F 167 -35.87 49.60 18.17
C GLY F 167 -34.55 50.33 18.24
N ALA F 168 -34.55 51.55 18.77
CA ALA F 168 -33.30 52.31 18.91
C ALA F 168 -32.41 51.76 20.06
N LEU F 169 -33.03 51.13 21.04
CA LEU F 169 -32.28 50.56 22.15
C LEU F 169 -32.20 49.04 22.00
N THR F 170 -30.99 48.53 21.73
CA THR F 170 -30.79 47.11 21.51
C THR F 170 -29.71 46.49 22.40
N SER F 171 -28.74 47.30 22.84
CA SER F 171 -27.66 46.79 23.68
CA SER F 171 -27.67 46.78 23.68
C SER F 171 -28.19 46.38 25.06
N GLY F 172 -27.87 45.17 25.48
CA GLY F 172 -28.28 44.72 26.81
C GLY F 172 -29.73 44.27 26.91
N VAL F 173 -30.44 44.18 25.79
CA VAL F 173 -31.81 43.67 25.79
C VAL F 173 -31.84 42.15 25.76
N HIS F 174 -32.65 41.55 26.63
CA HIS F 174 -32.87 40.10 26.64
C HIS F 174 -34.36 39.87 26.78
N THR F 175 -34.98 39.41 25.69
CA THR F 175 -36.40 39.08 25.69
C THR F 175 -36.51 37.58 25.80
N PHE F 176 -37.21 37.13 26.83
CA PHE F 176 -37.28 35.71 27.18
C PHE F 176 -38.43 35.02 26.47
N PRO F 177 -38.23 33.76 26.08
CA PRO F 177 -39.35 32.99 25.54
C PRO F 177 -40.50 32.92 26.53
N ALA F 178 -41.72 32.86 26.01
CA ALA F 178 -42.91 32.84 26.84
C ALA F 178 -43.09 31.55 27.61
N VAL F 179 -43.71 31.68 28.77
CA VAL F 179 -44.22 30.54 29.49
C VAL F 179 -45.68 30.33 29.08
N LEU F 180 -46.09 29.08 28.91
CA LEU F 180 -47.49 28.75 28.67
C LEU F 180 -48.04 28.21 29.97
N GLN F 181 -48.94 28.98 30.57
CA GLN F 181 -49.47 28.68 31.88
CA GLN F 181 -49.43 28.64 31.90
C GLN F 181 -50.58 27.63 31.80
N SER F 182 -50.92 27.02 32.94
CA SER F 182 -51.99 26.01 32.99
CA SER F 182 -51.98 26.01 32.96
C SER F 182 -53.33 26.60 32.56
N SER F 183 -53.44 27.92 32.64
CA SER F 183 -54.65 28.62 32.22
C SER F 183 -54.82 28.60 30.70
N GLY F 184 -53.76 28.20 29.99
CA GLY F 184 -53.77 28.25 28.55
C GLY F 184 -53.31 29.58 27.99
N LEU F 185 -52.93 30.50 28.88
CA LEU F 185 -52.45 31.82 28.46
C LEU F 185 -50.93 31.91 28.58
N TYR F 186 -50.32 32.71 27.71
CA TYR F 186 -48.88 32.93 27.71
C TYR F 186 -48.49 34.18 28.50
N SER F 187 -47.26 34.21 29.01
CA SER F 187 -46.65 35.43 29.54
C SER F 187 -45.18 35.43 29.16
N LEU F 188 -44.62 36.61 28.94
CA LEU F 188 -43.18 36.72 28.70
C LEU F 188 -42.66 38.00 29.32
N SER F 189 -41.34 38.11 29.44
CA SER F 189 -40.70 39.32 29.95
C SER F 189 -39.58 39.72 29.03
N SER F 190 -39.35 41.02 28.94
CA SER F 190 -38.17 41.56 28.26
C SER F 190 -37.45 42.47 29.24
N VAL F 191 -36.13 42.29 29.35
CA VAL F 191 -35.34 43.05 30.31
CA VAL F 191 -35.34 43.07 30.30
C VAL F 191 -34.15 43.70 29.62
N VAL F 192 -33.81 44.91 30.04
CA VAL F 192 -32.65 45.61 29.55
C VAL F 192 -31.75 45.93 30.71
N THR F 193 -30.45 45.66 30.55
CA THR F 193 -29.48 46.06 31.55
C THR F 193 -28.85 47.38 31.13
N VAL F 194 -28.95 48.38 32.00
CA VAL F 194 -28.47 49.73 31.70
C VAL F 194 -27.63 50.32 32.84
N PRO F 195 -26.91 51.43 32.58
CA PRO F 195 -26.17 52.07 33.67
C PRO F 195 -27.10 52.57 34.75
N SER F 196 -26.76 52.34 36.02
CA SER F 196 -27.60 52.84 37.10
CA SER F 196 -27.57 52.86 37.13
C SER F 196 -27.48 54.36 37.25
N SER F 197 -26.28 54.89 37.05
CA SER F 197 -25.99 56.31 37.25
C SER F 197 -26.95 57.23 36.52
N SER F 198 -27.44 56.77 35.38
CA SER F 198 -28.27 57.59 34.51
C SER F 198 -29.77 57.25 34.53
N LEU F 199 -30.20 56.34 35.41
CA LEU F 199 -31.63 56.11 35.56
C LEU F 199 -32.30 57.45 35.90
N GLY F 200 -33.47 57.68 35.35
CA GLY F 200 -34.15 58.94 35.60
C GLY F 200 -33.74 60.06 34.65
N THR F 201 -32.59 59.93 33.98
CA THR F 201 -32.20 60.87 32.94
C THR F 201 -32.53 60.30 31.57
N GLN F 202 -32.54 58.96 31.48
CA GLN F 202 -32.81 58.26 30.22
C GLN F 202 -34.25 57.80 30.19
N THR F 203 -34.87 57.90 29.03
CA THR F 203 -36.22 57.36 28.85
C THR F 203 -36.18 55.93 28.32
N TYR F 204 -36.94 55.05 28.95
CA TYR F 204 -37.04 53.66 28.55
C TYR F 204 -38.50 53.28 28.32
N ILE F 205 -38.82 52.92 27.08
CA ILE F 205 -40.19 52.53 26.73
C ILE F 205 -40.18 51.20 26.02
N CYS F 206 -41.01 50.28 26.48
CA CYS F 206 -41.13 49.01 25.76
CA CYS F 206 -41.17 48.97 25.86
C CYS F 206 -42.35 49.02 24.86
N ASN F 207 -42.10 48.66 23.61
CA ASN F 207 -43.14 48.65 22.59
C ASN F 207 -43.57 47.22 22.39
N VAL F 208 -44.79 46.91 22.80
CA VAL F 208 -45.31 45.56 22.77
C VAL F 208 -46.41 45.44 21.73
N ASN F 209 -46.34 44.42 20.89
CA ASN F 209 -47.33 44.17 19.84
CA ASN F 209 -47.33 44.18 19.86
C ASN F 209 -47.87 42.76 19.93
N HIS F 210 -49.19 42.63 19.98
CA HIS F 210 -49.86 41.34 19.89
C HIS F 210 -50.83 41.42 18.74
N LYS F 211 -50.33 41.07 17.54
CA LYS F 211 -51.10 41.28 16.32
C LYS F 211 -52.40 40.49 16.25
N PRO F 212 -52.42 39.24 16.76
CA PRO F 212 -53.69 38.50 16.67
C PRO F 212 -54.87 39.20 17.34
N SER F 213 -54.62 40.00 18.37
CA SER F 213 -55.67 40.75 19.05
C SER F 213 -55.65 42.22 18.70
N ASN F 214 -54.78 42.62 17.78
CA ASN F 214 -54.58 44.02 17.45
C ASN F 214 -54.27 44.88 18.67
N THR F 215 -53.53 44.32 19.63
CA THR F 215 -53.13 45.06 20.81
C THR F 215 -51.74 45.66 20.59
N LYS F 216 -51.58 46.94 20.90
CA LYS F 216 -50.30 47.61 20.80
C LYS F 216 -50.17 48.48 22.05
N VAL F 217 -49.13 48.26 22.83
CA VAL F 217 -48.91 49.00 24.08
C VAL F 217 -47.49 49.54 24.13
N ASP F 218 -47.34 50.79 24.54
CA ASP F 218 -46.02 51.37 24.76
CA ASP F 218 -46.01 51.38 24.76
C ASP F 218 -45.91 51.84 26.20
N LYS F 219 -45.16 51.10 27.00
CA LYS F 219 -45.12 51.32 28.44
C LYS F 219 -43.80 51.95 28.89
N ARG F 220 -43.87 53.10 29.54
CA ARG F 220 -42.69 53.75 30.11
CA ARG F 220 -42.68 53.74 30.09
C ARG F 220 -42.26 53.00 31.36
N VAL F 221 -40.97 52.76 31.50
CA VAL F 221 -40.42 52.11 32.67
C VAL F 221 -39.54 53.09 33.40
N GLU F 222 -39.94 53.45 34.62
CA GLU F 222 -39.33 54.54 35.38
C GLU F 222 -38.79 54.04 36.71
N PRO F 223 -37.87 54.81 37.31
CA PRO F 223 -37.35 54.45 38.63
C PRO F 223 -38.48 54.32 39.66
N LYS F 224 -38.24 53.47 40.65
CA LYS F 224 -39.19 53.30 41.74
CA LYS F 224 -39.17 53.29 41.77
C LYS F 224 -39.51 54.62 42.45
N SER F 225 -40.74 54.73 42.93
CA SER F 225 -41.15 55.93 43.66
C SER F 225 -40.33 56.12 44.93
N CYS F 226 -39.86 55.00 45.49
CA CYS F 226 -39.08 55.03 46.72
C CYS F 226 -37.62 55.40 46.46
N ASP F 227 -37.23 55.40 45.20
CA ASP F 227 -35.86 55.73 44.79
C ASP F 227 -35.61 57.22 44.94
N LYS F 228 -34.71 57.58 45.86
CA LYS F 228 -34.42 58.98 46.14
C LYS F 228 -33.23 59.50 45.34
N THR F 229 -32.58 58.60 44.60
CA THR F 229 -31.41 58.98 43.81
C THR F 229 -31.79 59.27 42.35
N HIS F 230 -32.60 58.39 41.77
CA HIS F 230 -32.95 58.51 40.36
C HIS F 230 -34.38 58.99 40.14
N GLN G 1 -46.19 7.74 22.38
CA GLN G 1 -47.33 7.20 21.66
C GLN G 1 -47.01 6.99 20.18
N SER G 2 -46.04 7.76 19.66
CA SER G 2 -45.62 7.63 18.27
C SER G 2 -45.43 6.16 17.90
N VAL G 3 -45.58 5.83 16.63
CA VAL G 3 -45.58 4.44 16.18
C VAL G 3 -44.18 3.81 16.25
N LEU G 4 -43.15 4.60 15.96
CA LEU G 4 -41.77 4.13 16.10
C LEU G 4 -41.18 4.72 17.38
N THR G 5 -40.35 3.95 18.07
CA THR G 5 -39.83 4.39 19.38
C THR G 5 -38.36 4.77 19.32
N GLN G 6 -38.08 6.02 19.68
CA GLN G 6 -36.72 6.56 19.76
C GLN G 6 -36.44 7.06 21.18
N PRO G 7 -35.17 7.09 21.58
CA PRO G 7 -34.85 7.76 22.85
C PRO G 7 -35.18 9.24 22.77
N SER G 8 -35.67 9.82 23.86
CA SER G 8 -36.00 11.23 23.84
C SER G 8 -34.75 12.10 23.68
N SER G 9 -33.63 11.62 24.21
CA SER G 9 -32.42 12.43 24.22
C SER G 9 -31.16 11.59 24.05
N VAL G 10 -30.21 12.09 23.26
CA VAL G 10 -28.88 11.52 23.15
C VAL G 10 -27.87 12.67 23.24
N SER G 11 -26.74 12.43 23.91
CA SER G 11 -25.71 13.47 24.01
C SER G 11 -24.33 12.91 23.74
N GLY G 12 -23.44 13.75 23.24
CA GLY G 12 -22.07 13.35 23.02
C GLY G 12 -21.17 14.57 23.00
N THR G 13 -19.86 14.33 23.07
CA THR G 13 -18.89 15.42 22.96
C THR G 13 -18.41 15.57 21.52
N PRO G 14 -17.94 16.77 21.17
CA PRO G 14 -17.46 16.94 19.79
C PRO G 14 -16.40 15.91 19.44
N GLY G 15 -16.53 15.32 18.26
CA GLY G 15 -15.57 14.34 17.77
C GLY G 15 -15.97 12.89 18.00
N GLN G 16 -16.87 12.63 18.93
CA GLN G 16 -17.26 11.26 19.24
C GLN G 16 -18.31 10.71 18.26
N ARG G 17 -18.58 9.42 18.37
CA ARG G 17 -19.67 8.79 17.63
C ARG G 17 -20.86 8.60 18.55
N VAL G 18 -22.05 8.91 18.05
CA VAL G 18 -23.28 8.64 18.79
C VAL G 18 -24.21 7.84 17.90
N THR G 19 -25.14 7.15 18.53
CA THR G 19 -26.14 6.40 17.77
C THR G 19 -27.52 6.73 18.31
N ILE G 20 -28.51 6.62 17.44
CA ILE G 20 -29.89 6.88 17.78
C ILE G 20 -30.72 5.71 17.31
N SER G 21 -31.37 5.01 18.24
CA SER G 21 -32.17 3.85 17.89
C SER G 21 -33.59 4.22 17.50
N CYS G 22 -34.22 3.31 16.76
CA CYS G 22 -35.57 3.48 16.27
C CYS G 22 -36.21 2.10 16.20
N SER G 23 -37.12 1.81 17.12
CA SER G 23 -37.71 0.47 17.15
C SER G 23 -39.15 0.46 16.64
N GLY G 24 -39.45 -0.53 15.79
CA GLY G 24 -40.75 -0.64 15.17
C GLY G 24 -41.29 -2.04 15.23
N SER G 25 -42.04 -2.43 14.20
CA SER G 25 -42.66 -3.75 14.16
C SER G 25 -42.54 -4.35 12.77
N SER G 26 -43.05 -5.57 12.60
CA SER G 26 -42.98 -6.24 11.31
C SER G 26 -43.78 -5.52 10.23
N SER G 27 -44.74 -4.69 10.64
CA SER G 27 -45.58 -3.98 9.68
C SER G 27 -44.94 -2.70 9.14
N ASN G 28 -43.95 -2.17 9.84
CA ASN G 28 -43.23 -1.01 9.34
C ASN G 28 -41.76 -1.31 9.02
N ILE G 29 -40.86 -1.08 9.98
CA ILE G 29 -39.43 -1.30 9.78
C ILE G 29 -39.11 -2.73 9.32
N GLY G 30 -39.83 -3.72 9.85
CA GLY G 30 -39.58 -5.10 9.49
C GLY G 30 -39.75 -5.37 8.00
N SER G 31 -40.68 -4.65 7.37
CA SER G 31 -41.02 -4.87 5.98
C SER G 31 -40.51 -3.79 5.02
N ASN G 32 -40.38 -2.56 5.52
CA ASN G 32 -40.17 -1.42 4.65
C ASN G 32 -38.93 -0.63 5.04
N THR G 33 -38.40 0.12 4.09
CA THR G 33 -37.15 0.83 4.32
C THR G 33 -37.35 2.04 5.25
N VAL G 34 -36.28 2.42 5.94
CA VAL G 34 -36.36 3.49 6.93
C VAL G 34 -35.75 4.77 6.39
N ASN G 35 -36.42 5.88 6.67
CA ASN G 35 -35.88 7.20 6.38
C ASN G 35 -35.57 7.93 7.67
N TRP G 36 -34.65 8.90 7.60
CA TRP G 36 -34.34 9.74 8.75
C TRP G 36 -34.40 11.20 8.34
N TYR G 37 -34.92 12.04 9.24
CA TYR G 37 -34.95 13.48 9.05
C TYR G 37 -34.18 14.18 10.15
N GLN G 38 -33.52 15.26 9.77
CA GLN G 38 -32.81 16.10 10.73
C GLN G 38 -33.52 17.44 10.77
N GLN G 39 -33.82 17.91 11.98
CA GLN G 39 -34.51 19.19 12.13
C GLN G 39 -33.68 20.09 13.05
N LEU G 40 -32.93 20.99 12.43
CA LEU G 40 -32.15 21.97 13.19
C LEU G 40 -33.12 22.90 13.90
N PRO G 41 -32.69 23.48 15.03
CA PRO G 41 -33.65 24.32 15.78
C PRO G 41 -34.22 25.46 14.93
N GLY G 42 -35.53 25.62 14.98
CA GLY G 42 -36.22 26.69 14.28
C GLY G 42 -36.39 26.51 12.79
N THR G 43 -36.09 25.30 12.29
CA THR G 43 -36.15 25.05 10.85
C THR G 43 -37.06 23.87 10.54
N ALA G 44 -37.39 23.71 9.26
CA ALA G 44 -38.12 22.53 8.81
C ALA G 44 -37.23 21.29 8.78
N PRO G 45 -37.83 20.12 8.92
CA PRO G 45 -37.04 18.90 8.73
C PRO G 45 -36.40 18.83 7.33
N LYS G 46 -35.23 18.21 7.24
CA LYS G 46 -34.65 17.87 5.94
C LYS G 46 -34.38 16.38 5.93
N LEU G 47 -34.51 15.77 4.75
CA LEU G 47 -34.22 14.35 4.58
C LEU G 47 -32.72 14.10 4.75
N LEU G 48 -32.40 13.19 5.64
CA LEU G 48 -31.01 12.90 6.01
C LEU G 48 -30.54 11.56 5.46
N ILE G 49 -31.41 10.55 5.57
CA ILE G 49 -31.14 9.20 5.08
C ILE G 49 -32.42 8.69 4.46
N TYR G 50 -32.32 7.98 3.34
CA TYR G 50 -33.47 7.27 2.78
C TYR G 50 -33.07 5.84 2.44
N GLY G 51 -34.06 4.95 2.40
CA GLY G 51 -33.80 3.57 2.04
C GLY G 51 -32.77 2.93 2.95
N ASN G 52 -32.95 3.11 4.25
CA ASN G 52 -32.10 2.52 5.30
C ASN G 52 -30.75 3.19 5.44
N ASN G 53 -30.04 3.35 4.32
CA ASN G 53 -28.64 3.77 4.37
C ASN G 53 -28.15 4.66 3.25
N GLN G 54 -29.06 5.26 2.49
CA GLN G 54 -28.64 6.15 1.42
CA GLN G 54 -28.70 6.14 1.39
C GLN G 54 -28.71 7.61 1.82
N ARG G 55 -27.69 8.36 1.39
CA ARG G 55 -27.63 9.80 1.69
C ARG G 55 -27.98 10.66 0.47
N PRO G 56 -28.91 11.60 0.64
CA PRO G 56 -29.12 12.62 -0.39
C PRO G 56 -27.84 13.42 -0.61
N SER G 57 -27.68 14.02 -1.78
CA SER G 57 -26.51 14.83 -2.06
CA SER G 57 -26.51 14.84 -2.06
C SER G 57 -26.36 15.93 -1.02
N GLY G 58 -25.15 16.11 -0.50
CA GLY G 58 -24.90 17.15 0.48
C GLY G 58 -24.80 16.64 1.90
N VAL G 59 -25.37 15.47 2.16
CA VAL G 59 -25.26 14.86 3.48
C VAL G 59 -23.96 14.09 3.59
N PRO G 60 -23.12 14.45 4.56
CA PRO G 60 -21.76 13.90 4.71
C PRO G 60 -21.76 12.43 5.12
N ASP G 61 -20.68 11.72 4.81
CA ASP G 61 -20.58 10.29 5.07
C ASP G 61 -20.56 9.92 6.56
N ARG G 62 -20.31 10.88 7.42
CA ARG G 62 -20.28 10.57 8.84
C ARG G 62 -21.68 10.32 9.40
N PHE G 63 -22.72 10.63 8.62
CA PHE G 63 -24.08 10.16 8.93
C PHE G 63 -24.28 8.82 8.24
N SER G 64 -24.63 7.79 9.00
CA SER G 64 -24.92 6.51 8.36
C SER G 64 -26.09 5.82 9.02
N GLY G 65 -26.88 5.14 8.21
CA GLY G 65 -28.05 4.45 8.72
C GLY G 65 -27.91 2.96 8.54
N SER G 66 -28.66 2.24 9.37
CA SER G 66 -28.71 0.79 9.26
C SER G 66 -30.08 0.29 9.72
N LYS G 67 -30.40 -0.93 9.33
CA LYS G 67 -31.64 -1.58 9.73
C LYS G 67 -31.34 -3.04 10.04
N SER G 68 -32.00 -3.55 11.08
CA SER G 68 -31.81 -4.93 11.48
C SER G 68 -33.11 -5.42 12.07
N GLY G 69 -33.79 -6.31 11.35
CA GLY G 69 -35.10 -6.79 11.78
C GLY G 69 -36.10 -5.66 11.87
N THR G 70 -36.68 -5.49 13.05
CA THR G 70 -37.71 -4.46 13.26
C THR G 70 -37.16 -3.18 13.86
N SER G 71 -35.83 -3.06 13.91
CA SER G 71 -35.21 -1.84 14.42
C SER G 71 -34.27 -1.22 13.41
N ALA G 72 -34.03 0.09 13.56
CA ALA G 72 -33.11 0.82 12.71
C ALA G 72 -32.24 1.70 13.59
N SER G 73 -31.16 2.23 13.03
CA SER G 73 -30.26 3.05 13.81
C SER G 73 -29.58 4.08 12.93
N LEU G 74 -29.42 5.28 13.48
CA LEU G 74 -28.62 6.33 12.87
C LEU G 74 -27.33 6.51 13.66
N ALA G 75 -26.19 6.42 12.98
CA ALA G 75 -24.92 6.69 13.63
C ALA G 75 -24.33 7.97 13.08
N ILE G 76 -23.82 8.80 13.99
CA ILE G 76 -23.18 10.03 13.60
C ILE G 76 -21.77 10.01 14.14
N SER G 77 -20.79 9.91 13.25
CA SER G 77 -19.40 9.96 13.68
CA SER G 77 -19.39 9.97 13.67
C SER G 77 -18.88 11.40 13.58
N GLY G 78 -17.77 11.68 14.26
CA GLY G 78 -17.19 13.00 14.17
C GLY G 78 -18.18 14.08 14.57
N LEU G 79 -18.90 13.82 15.66
CA LEU G 79 -19.96 14.72 16.10
C LEU G 79 -19.51 16.18 16.12
N GLN G 80 -20.33 17.06 15.54
CA GLN G 80 -20.03 18.49 15.48
C GLN G 80 -21.14 19.27 16.18
N SER G 81 -20.81 20.46 16.69
CA SER G 81 -21.78 21.30 17.37
C SER G 81 -23.01 21.54 16.51
N GLU G 82 -22.80 21.72 15.21
CA GLU G 82 -23.92 22.03 14.32
C GLU G 82 -24.87 20.85 14.12
N ASP G 83 -24.49 19.67 14.62
CA ASP G 83 -25.37 18.50 14.54
C ASP G 83 -26.45 18.52 15.60
N GLU G 84 -26.39 19.45 16.55
CA GLU G 84 -27.42 19.53 17.59
C GLU G 84 -28.76 19.82 16.91
N ALA G 85 -29.72 18.93 17.11
CA ALA G 85 -30.95 18.96 16.34
C ALA G 85 -31.88 17.85 16.83
N ASP G 86 -33.11 17.86 16.33
CA ASP G 86 -34.02 16.75 16.58
C ASP G 86 -33.95 15.81 15.36
N TYR G 87 -33.84 14.51 15.61
CA TYR G 87 -33.76 13.52 14.54
C TYR G 87 -34.99 12.63 14.60
N TYR G 88 -35.59 12.36 13.45
CA TYR G 88 -36.80 11.53 13.36
C TYR G 88 -36.59 10.40 12.40
N CYS G 89 -36.90 9.17 12.84
CA CYS G 89 -37.00 8.07 11.89
C CYS G 89 -38.42 7.97 11.35
N ALA G 90 -38.55 7.28 10.22
CA ALA G 90 -39.82 7.18 9.53
C ALA G 90 -39.80 5.97 8.61
N ALA G 91 -40.97 5.40 8.38
CA ALA G 91 -41.11 4.27 7.46
C ALA G 91 -42.56 4.14 7.06
N TRP G 92 -42.80 3.45 5.95
CA TRP G 92 -44.17 3.13 5.59
C TRP G 92 -44.66 2.02 6.51
N ASP G 93 -45.93 2.12 6.92
CA ASP G 93 -46.56 1.09 7.75
C ASP G 93 -47.67 0.39 6.97
N ASP G 94 -47.50 -0.91 6.73
CA ASP G 94 -48.44 -1.68 5.93
C ASP G 94 -49.81 -1.83 6.61
N SER G 95 -49.79 -1.88 7.94
CA SER G 95 -51.02 -2.05 8.70
C SER G 95 -51.88 -0.78 8.73
N LEU G 96 -51.22 0.36 8.87
CA LEU G 96 -51.92 1.65 8.88
C LEU G 96 -52.07 2.23 7.48
N ASN G 97 -51.35 1.66 6.53
CA ASN G 97 -51.40 2.13 5.15
C ASN G 97 -51.02 3.61 5.02
N GLY G 98 -49.90 3.98 5.64
CA GLY G 98 -49.38 5.33 5.54
C GLY G 98 -48.03 5.44 6.21
N PRO G 99 -47.34 6.57 6.02
CA PRO G 99 -46.05 6.84 6.65
C PRO G 99 -46.22 7.02 8.15
N VAL G 100 -45.28 6.49 8.94
CA VAL G 100 -45.28 6.70 10.37
C VAL G 100 -43.94 7.28 10.80
N PHE G 101 -43.91 7.95 11.94
CA PHE G 101 -42.70 8.59 12.45
C PHE G 101 -42.35 8.06 13.83
N GLY G 102 -41.07 8.16 14.18
CA GLY G 102 -40.68 8.03 15.57
C GLY G 102 -40.95 9.32 16.33
N GLY G 103 -40.84 9.25 17.64
CA GLY G 103 -41.18 10.39 18.48
C GLY G 103 -40.15 11.50 18.48
N GLY G 104 -38.99 11.22 17.90
CA GLY G 104 -37.93 12.21 17.81
C GLY G 104 -36.92 12.06 18.93
N THR G 105 -35.66 12.31 18.59
CA THR G 105 -34.57 12.33 19.56
C THR G 105 -33.88 13.70 19.49
N LYS G 106 -33.76 14.36 20.64
CA LYS G 106 -32.99 15.59 20.70
C LYS G 106 -31.53 15.25 20.96
N LEU G 107 -30.67 15.56 19.98
CA LEU G 107 -29.24 15.31 20.09
C LEU G 107 -28.60 16.58 20.63
N THR G 108 -27.95 16.49 21.78
CA THR G 108 -27.19 17.63 22.29
C THR G 108 -25.72 17.35 22.22
N VAL G 109 -24.96 18.39 21.87
CA VAL G 109 -23.51 18.29 21.78
C VAL G 109 -22.93 19.00 22.99
N LEU G 110 -22.23 18.24 23.82
CA LEU G 110 -21.65 18.77 25.06
C LEU G 110 -20.42 19.61 24.77
N GLY G 111 -19.87 20.23 25.81
CA GLY G 111 -18.59 20.92 25.67
C GLY G 111 -17.51 19.89 25.39
N ALA G 112 -16.34 20.36 24.96
CA ALA G 112 -15.19 19.49 24.77
C ALA G 112 -15.02 18.48 25.92
N ALA G 113 -14.74 17.23 25.56
CA ALA G 113 -14.54 16.17 26.54
C ALA G 113 -13.45 16.52 27.55
N ALA G 114 -12.38 17.15 27.07
CA ALA G 114 -11.26 17.53 27.93
C ALA G 114 -11.54 18.76 28.80
N GLY G 115 -12.75 19.29 28.72
CA GLY G 115 -13.12 20.40 29.57
C GLY G 115 -13.34 21.68 28.81
N GLN G 116 -16.56 21.57 28.48
CA GLN G 116 -17.05 22.91 28.58
C GLN G 116 -17.26 23.25 30.05
N PRO G 117 -16.63 24.34 30.53
CA PRO G 117 -16.75 24.71 31.95
C PRO G 117 -18.18 24.98 32.38
N LYS G 118 -18.51 24.58 33.61
CA LYS G 118 -19.80 24.86 34.20
C LYS G 118 -19.95 26.38 34.36
N ALA G 119 -21.17 26.88 34.16
CA ALA G 119 -21.43 28.29 34.42
C ALA G 119 -22.70 28.42 35.24
N ALA G 120 -22.59 29.08 36.40
CA ALA G 120 -23.74 29.23 37.29
C ALA G 120 -24.73 30.23 36.73
N PRO G 121 -26.01 30.02 37.02
CA PRO G 121 -27.03 30.97 36.54
C PRO G 121 -26.95 32.33 37.23
N SER G 122 -27.24 33.36 36.44
CA SER G 122 -27.47 34.69 36.97
CA SER G 122 -27.47 34.69 36.98
C SER G 122 -28.97 34.83 37.19
N VAL G 123 -29.37 35.32 38.35
CA VAL G 123 -30.79 35.38 38.68
C VAL G 123 -31.23 36.82 38.98
N THR G 124 -32.28 37.27 38.32
CA THR G 124 -32.88 38.57 38.62
C THR G 124 -34.33 38.35 38.99
N LEU G 125 -34.72 38.88 40.15
CA LEU G 125 -36.09 38.69 40.63
C LEU G 125 -36.79 40.01 40.80
N PHE G 126 -37.91 40.19 40.08
CA PHE G 126 -38.72 41.39 40.21
C PHE G 126 -39.96 41.14 41.05
N PRO G 127 -40.28 42.09 41.93
CA PRO G 127 -41.53 42.04 42.68
C PRO G 127 -42.70 42.51 41.83
N PRO G 128 -43.93 42.37 42.35
CA PRO G 128 -45.08 42.89 41.63
C PRO G 128 -44.99 44.40 41.46
N SER G 129 -45.38 44.88 40.29
CA SER G 129 -45.46 46.32 40.04
C SER G 129 -46.64 46.94 40.77
N SER G 130 -46.53 48.23 41.07
CA SER G 130 -47.66 48.95 41.65
C SER G 130 -48.86 48.85 40.72
N GLU G 131 -48.62 48.95 39.41
CA GLU G 131 -49.69 48.88 38.44
C GLU G 131 -50.44 47.55 38.55
N GLU G 132 -49.71 46.45 38.62
CA GLU G 132 -50.39 45.17 38.71
C GLU G 132 -51.16 45.02 40.04
N LEU G 133 -50.55 45.43 41.14
CA LEU G 133 -51.21 45.37 42.43
C LEU G 133 -52.52 46.16 42.44
N GLN G 134 -52.54 47.29 41.75
CA GLN G 134 -53.75 48.11 41.70
C GLN G 134 -54.87 47.41 40.95
N ALA G 135 -54.49 46.47 40.08
CA ALA G 135 -55.46 45.66 39.33
C ALA G 135 -55.85 44.40 40.10
N ASN G 136 -55.43 44.33 41.37
CA ASN G 136 -55.70 43.20 42.25
CA ASN G 136 -55.74 43.19 42.23
C ASN G 136 -55.08 41.90 41.77
N LYS G 137 -53.85 42.01 41.25
CA LYS G 137 -53.10 40.84 40.84
C LYS G 137 -51.65 41.01 41.29
N ALA G 138 -50.87 39.93 41.27
CA ALA G 138 -49.47 40.02 41.67
C ALA G 138 -48.68 38.90 41.02
N THR G 139 -47.57 39.26 40.39
CA THR G 139 -46.70 38.25 39.77
C THR G 139 -45.26 38.57 40.13
N LEU G 140 -44.56 37.59 40.69
CA LEU G 140 -43.11 37.67 40.87
CA LEU G 140 -43.12 37.71 40.85
C LEU G 140 -42.44 37.07 39.65
N VAL G 141 -41.41 37.73 39.13
CA VAL G 141 -40.79 37.32 37.88
C VAL G 141 -39.32 37.01 38.12
N CYS G 142 -38.96 35.74 37.92
CA CYS G 142 -37.62 35.27 38.17
C CYS G 142 -36.95 34.93 36.83
N LEU G 143 -35.97 35.74 36.45
CA LEU G 143 -35.28 35.59 35.18
C LEU G 143 -33.91 34.98 35.40
N ILE G 144 -33.65 33.93 34.63
CA ILE G 144 -32.49 33.08 34.87
C ILE G 144 -31.66 33.00 33.61
N SER G 145 -30.40 33.39 33.67
CA SER G 145 -29.61 33.47 32.46
CA SER G 145 -29.58 33.54 32.47
C SER G 145 -28.18 32.98 32.62
N ASP G 146 -27.53 32.76 31.48
CA ASP G 146 -26.11 32.48 31.40
C ASP G 146 -25.65 31.20 32.07
N PHE G 147 -26.51 30.18 32.11
CA PHE G 147 -26.08 28.93 32.73
C PHE G 147 -25.66 27.84 31.76
N TYR G 148 -24.74 26.98 32.21
CA TYR G 148 -24.31 25.82 31.46
C TYR G 148 -23.82 24.72 32.41
N PRO G 149 -24.21 23.46 32.18
CA PRO G 149 -25.12 22.96 31.13
C PRO G 149 -26.53 23.54 31.26
N GLY G 150 -27.33 23.34 30.24
CA GLY G 150 -28.66 23.94 30.17
C GLY G 150 -29.76 23.21 30.90
N ALA G 151 -29.61 23.06 32.22
CA ALA G 151 -30.66 22.48 33.05
C ALA G 151 -30.63 23.13 34.43
N VAL G 152 -31.79 23.62 34.88
CA VAL G 152 -31.94 24.10 36.25
C VAL G 152 -33.25 23.58 36.82
N THR G 153 -33.36 23.62 38.14
CA THR G 153 -34.66 23.48 38.79
C THR G 153 -34.92 24.72 39.62
N VAL G 154 -36.19 25.11 39.70
CA VAL G 154 -36.55 26.34 40.38
C VAL G 154 -37.53 26.02 41.48
N ALA G 155 -37.26 26.57 42.66
CA ALA G 155 -38.15 26.41 43.80
C ALA G 155 -38.45 27.80 44.35
N TRP G 156 -39.67 27.99 44.81
CA TRP G 156 -40.08 29.25 45.39
C TRP G 156 -40.39 29.09 46.87
N LYS G 157 -40.09 30.12 47.65
CA LYS G 157 -40.38 30.13 49.07
C LYS G 157 -41.16 31.36 49.47
N ALA G 158 -42.13 31.18 50.36
CA ALA G 158 -42.81 32.29 51.03
C ALA G 158 -42.23 32.29 52.43
N ASP G 159 -41.54 33.37 52.79
CA ASP G 159 -40.66 33.34 53.95
C ASP G 159 -39.68 32.18 53.75
N SER G 160 -39.75 31.14 54.60
CA SER G 160 -38.86 29.99 54.41
C SER G 160 -39.60 28.71 54.03
N SER G 161 -40.89 28.84 53.71
CA SER G 161 -41.72 27.69 53.39
C SER G 161 -41.94 27.51 51.89
N PRO G 162 -41.86 26.27 51.42
CA PRO G 162 -42.07 26.01 49.99
C PRO G 162 -43.45 26.42 49.51
N VAL G 163 -43.50 27.05 48.34
CA VAL G 163 -44.76 27.27 47.64
C VAL G 163 -44.73 26.61 46.26
N LYS G 164 -45.69 25.75 45.99
CA LYS G 164 -45.79 25.10 44.67
C LYS G 164 -46.95 25.67 43.85
N ALA G 165 -48.01 26.09 44.54
CA ALA G 165 -49.16 26.65 43.86
C ALA G 165 -48.79 27.97 43.17
N GLY G 166 -49.25 28.13 41.94
CA GLY G 166 -49.04 29.39 41.22
C GLY G 166 -47.70 29.53 40.53
N VAL G 167 -46.92 28.46 40.45
CA VAL G 167 -45.59 28.50 39.84
C VAL G 167 -45.65 28.01 38.40
N GLU G 168 -45.10 28.81 37.48
CA GLU G 168 -44.99 28.42 36.08
C GLU G 168 -43.57 28.68 35.59
N THR G 169 -42.91 27.63 35.10
CA THR G 169 -41.51 27.73 34.73
C THR G 169 -41.28 27.25 33.31
N THR G 170 -40.50 28.00 32.54
CA THR G 170 -40.19 27.60 31.17
C THR G 170 -39.12 26.51 31.09
N THR G 171 -39.09 25.86 29.93
CA THR G 171 -37.96 25.02 29.56
C THR G 171 -36.76 25.94 29.37
N PRO G 172 -35.56 25.37 29.42
CA PRO G 172 -34.36 26.17 29.12
C PRO G 172 -34.26 26.44 27.63
N SER G 173 -33.73 27.60 27.26
CA SER G 173 -33.53 27.93 25.85
C SER G 173 -32.12 28.44 25.62
N LYS G 174 -31.56 28.22 24.44
CA LYS G 174 -30.19 28.63 24.14
CA LYS G 174 -30.19 28.64 24.16
C LYS G 174 -30.10 30.14 23.89
N GLN G 175 -29.13 30.77 24.52
CA GLN G 175 -28.84 32.19 24.29
C GLN G 175 -27.88 32.35 23.12
N SER G 176 -27.69 33.58 22.68
CA SER G 176 -26.75 33.88 21.60
C SER G 176 -25.32 33.51 21.97
N ASN G 177 -25.01 33.56 23.25
CA ASN G 177 -23.65 33.27 23.70
C ASN G 177 -23.44 31.79 24.01
N ASN G 178 -24.45 30.98 23.69
CA ASN G 178 -24.35 29.53 23.79
C ASN G 178 -24.61 28.98 25.18
N LYS G 179 -24.80 29.87 26.14
CA LYS G 179 -25.31 29.48 27.44
C LYS G 179 -26.84 29.47 27.36
N TYR G 180 -27.49 29.22 28.49
CA TYR G 180 -28.93 28.97 28.49
C TYR G 180 -29.67 29.93 29.40
N ALA G 181 -30.97 30.08 29.13
CA ALA G 181 -31.85 30.94 29.91
C ALA G 181 -33.17 30.25 30.20
N ALA G 182 -33.84 30.72 31.24
CA ALA G 182 -35.18 30.25 31.57
C ALA G 182 -35.85 31.32 32.42
N SER G 183 -37.16 31.18 32.61
CA SER G 183 -37.84 32.10 33.49
C SER G 183 -38.89 31.36 34.29
N SER G 184 -39.22 31.92 35.45
CA SER G 184 -40.22 31.32 36.31
C SER G 184 -41.06 32.45 36.87
N TYR G 185 -42.36 32.19 36.95
CA TYR G 185 -43.34 33.17 37.38
C TYR G 185 -44.12 32.63 38.57
N LEU G 186 -44.24 33.44 39.61
CA LEU G 186 -45.07 33.06 40.75
C LEU G 186 -46.27 33.99 40.80
N SER G 187 -47.48 33.43 40.67
CA SER G 187 -48.70 34.19 40.83
C SER G 187 -49.22 34.11 42.27
N LEU G 188 -49.54 35.27 42.82
CA LEU G 188 -50.00 35.43 44.21
CA LEU G 188 -50.13 35.30 44.15
C LEU G 188 -51.14 36.43 44.24
N THR G 189 -51.92 36.45 45.32
CA THR G 189 -52.84 37.57 45.51
C THR G 189 -52.05 38.71 46.16
N PRO G 190 -52.52 39.95 45.96
CA PRO G 190 -51.85 41.05 46.65
C PRO G 190 -51.83 40.84 48.16
N GLU G 191 -52.88 40.22 48.71
CA GLU G 191 -52.92 39.93 50.14
C GLU G 191 -51.80 38.95 50.56
N GLN G 192 -51.54 37.93 49.74
CA GLN G 192 -50.46 37.01 50.04
C GLN G 192 -49.11 37.71 50.01
N TRP G 193 -48.91 38.57 49.02
CA TRP G 193 -47.68 39.34 48.93
C TRP G 193 -47.49 40.18 50.21
N LYS G 194 -48.57 40.72 50.77
CA LYS G 194 -48.51 41.46 52.03
C LYS G 194 -48.29 40.59 53.27
N SER G 195 -48.68 39.33 53.18
CA SER G 195 -48.78 38.45 54.36
C SER G 195 -47.49 37.75 54.78
N HIS G 196 -46.41 37.98 54.04
CA HIS G 196 -45.12 37.38 54.35
C HIS G 196 -44.05 38.45 54.42
N ARG G 197 -42.96 38.13 55.12
CA ARG G 197 -41.83 39.04 55.21
C ARG G 197 -41.11 39.14 53.85
N SER G 198 -41.07 38.04 53.11
CA SER G 198 -40.42 38.03 51.80
C SER G 198 -40.82 36.80 51.03
N TYR G 199 -40.50 36.80 49.73
CA TYR G 199 -40.57 35.62 48.88
C TYR G 199 -39.23 35.45 48.19
N SER G 200 -38.88 34.21 47.89
CA SER G 200 -37.60 33.94 47.26
C SER G 200 -37.74 33.02 46.06
N CYS G 201 -36.92 33.27 45.05
CA CYS G 201 -36.73 32.36 43.93
C CYS G 201 -35.38 31.66 44.08
N GLN G 202 -35.39 30.33 44.15
CA GLN G 202 -34.17 29.54 44.36
C GLN G 202 -33.91 28.70 43.13
N VAL G 203 -32.79 28.96 42.48
CA VAL G 203 -32.43 28.24 41.28
C VAL G 203 -31.29 27.27 41.57
N THR G 204 -31.54 25.98 41.35
CA THR G 204 -30.50 24.98 41.56
C THR G 204 -29.93 24.53 40.23
N HIS G 205 -28.60 24.53 40.16
CA HIS G 205 -27.87 24.20 38.95
C HIS G 205 -26.65 23.40 39.32
N GLU G 206 -26.55 22.20 38.75
CA GLU G 206 -25.43 21.30 39.05
C GLU G 206 -25.14 21.25 40.55
N GLY G 207 -26.20 21.11 41.35
CA GLY G 207 -26.06 20.90 42.78
C GLY G 207 -25.80 22.13 43.64
N SER G 208 -25.74 23.31 43.04
CA SER G 208 -25.57 24.55 43.80
C SER G 208 -26.77 25.46 43.55
N THR G 209 -27.18 26.17 44.60
CA THR G 209 -28.36 27.02 44.52
C THR G 209 -28.00 28.50 44.52
N VAL G 210 -28.65 29.26 43.65
CA VAL G 210 -28.57 30.71 43.66
C VAL G 210 -29.95 31.23 44.02
N GLU G 211 -30.04 32.04 45.06
CA GLU G 211 -31.32 32.53 45.56
C GLU G 211 -31.41 34.05 45.47
N LYS G 212 -32.57 34.56 45.09
CA LYS G 212 -32.87 35.98 45.21
C LYS G 212 -34.15 36.14 46.02
N THR G 213 -34.25 37.25 46.74
CA THR G 213 -35.37 37.48 47.64
C THR G 213 -35.89 38.90 47.46
N VAL G 214 -37.21 39.06 47.53
CA VAL G 214 -37.84 40.37 47.47
C VAL G 214 -38.87 40.49 48.59
N ALA G 215 -39.11 41.72 49.02
CA ALA G 215 -40.04 42.00 50.12
C ALA G 215 -40.94 43.18 49.76
N PRO G 216 -42.20 43.18 50.26
CA PRO G 216 -43.21 44.14 49.82
C PRO G 216 -42.97 45.61 50.17
N THR G 217 -42.17 45.90 51.21
CA THR G 217 -41.96 47.28 51.62
C THR G 217 -40.51 47.76 51.51
N GLU G 218 -39.65 46.95 50.89
CA GLU G 218 -38.26 47.36 50.77
C GLU G 218 -38.11 48.27 49.55
N CYS G 219 -36.93 48.86 49.39
CA CYS G 219 -36.64 49.62 48.19
C CYS G 219 -35.27 49.18 47.69
N SER G 220 -35.24 48.00 47.07
CA SER G 220 -34.01 47.37 46.62
C SER G 220 -33.45 48.06 45.39
#